data_7A20
#
_entry.id   7A20
#
_cell.length_a   94.368
_cell.length_b   95.968
_cell.length_c   184.719
_cell.angle_alpha   90.000
_cell.angle_beta   90.000
_cell.angle_gamma   90.000
#
_symmetry.space_group_name_H-M   'P 21 21 21'
#
loop_
_entity.id
_entity.type
_entity.pdbx_description
1 polymer 'Tryptophan synthase alpha chain,Tryptophan synthase beta chain'
2 non-polymer 'SODIUM ION'
3 non-polymer TRIS-HYDROXYMETHYL-METHYL-AMMONIUM
4 water water
#
_entity_poly.entity_id   1
_entity_poly.type   'polypeptide(L)'
_entity_poly.pdbx_seq_one_letter_code
;STTRPAMGSSHHHHHHSSGLVPRGSHMERYENLFAQLNDRREGAFVPFVTLGDPGIEQSLKIIDTLIDAGADALELGVPF
SDPLADGPTIQNANLRAFAAGVTPAQCFEMLALIREKHPTIPIGLLMYANLVFNNGIDAFYARCEQVGVDSVLVADVPVE
ESAPFRQAALRHNIAPIFICPPNADDDLLRQVASYGRGYTYLLSRSGVTGAENRGALPLHHLIEKLKEYHAAPALQGFGI
SSPEQVSAAVRAGAAGAISGSAIVKIIEKNLASPKQMLAELRSFVSAMKAASRASTTRPMTTLLNPYFGEFGGMYVPQIL
MPALNQLEEAFVSAQKDPEFQAQFADLLKNYAGRPTALTKCQNITAGTRTTLYLKREDLLHGGAHKTNQVLGQALLAKRM
GKSEIIAETGAGQHGVASALASALLGLKCRIYMGAKDVERQSPNVFRMRLMGAEVIPVHSGSATLKDACNEALRDWSGSY
ETAHYMLGTAAGPHPYPTIVREFQRMIGEETKAQILDKEGRLPDAVIACVGGGSNAIGMFADFINDTSVGLIGVEPGGHG
IETGEHGAPLKHGRVGIYFGMKAPMMQTADGQIEESYSISAGLDFPSVGPQHAYLNSIGRADYVSITDDEALEAFKTLCR
HEGIIPALESSHALAHALKMMREQPEKEQLLVVNLSGRGDKDIFTVHDILKARGEIKLAAALEHHHHHH
;
_entity_poly.pdbx_strand_id   A,B,C,D
#
loop_
_chem_comp.id
_chem_comp.type
_chem_comp.name
_chem_comp.formula
144 non-polymer TRIS-HYDROXYMETHYL-METHYL-AMMONIUM 'C4 H12 N O3 1'
NA non-polymer 'SODIUM ION' 'Na 1'
#
# COMPACT_ATOMS: atom_id res chain seq x y z
N MET A 27 -28.97 17.80 16.97
CA MET A 27 -30.05 17.45 17.89
C MET A 27 -29.49 17.12 19.31
N GLU A 28 -28.66 16.08 19.43
CA GLU A 28 -28.26 15.63 20.76
C GLU A 28 -26.77 15.58 20.99
N ARG A 29 -26.08 14.73 20.24
CA ARG A 29 -24.85 14.11 20.73
C ARG A 29 -23.70 15.10 20.87
N TYR A 30 -23.53 16.04 19.93
CA TYR A 30 -22.44 17.01 20.10
C TYR A 30 -22.71 17.94 21.27
N GLU A 31 -23.96 18.31 21.50
CA GLU A 31 -24.27 19.17 22.64
C GLU A 31 -24.13 18.41 23.95
N ASN A 32 -24.70 17.19 24.02
CA ASN A 32 -24.59 16.39 25.23
C ASN A 32 -23.14 16.06 25.55
N LEU A 33 -22.30 15.90 24.52
CA LEU A 33 -20.88 15.67 24.75
C LEU A 33 -20.19 16.92 25.26
N PHE A 34 -20.21 18.01 24.48
CA PHE A 34 -19.48 19.21 24.87
C PHE A 34 -19.89 19.70 26.23
N ALA A 35 -21.14 19.46 26.61
CA ALA A 35 -21.65 19.71 27.96
C ALA A 35 -20.76 19.07 29.01
N GLN A 36 -20.81 17.75 29.09
CA GLN A 36 -20.07 17.04 30.12
C GLN A 36 -18.56 17.25 30.04
N LEU A 37 -18.02 17.57 28.86
CA LEU A 37 -16.57 17.77 28.75
C LEU A 37 -16.10 18.93 29.59
N ASN A 38 -16.79 20.05 29.52
CA ASN A 38 -16.41 21.21 30.33
C ASN A 38 -17.03 21.18 31.73
N ASP A 39 -17.94 20.23 31.99
CA ASP A 39 -18.37 19.98 33.36
C ASP A 39 -17.23 19.36 34.17
N ARG A 40 -16.66 18.27 33.65
CA ARG A 40 -15.38 17.75 34.11
C ARG A 40 -14.19 18.53 33.53
N ARG A 41 -14.40 19.82 33.24
CA ARG A 41 -13.41 20.72 32.66
C ARG A 41 -12.34 20.01 31.83
N GLU A 42 -12.62 19.76 30.54
CA GLU A 42 -11.64 19.08 29.71
C GLU A 42 -11.96 19.24 28.22
N GLY A 43 -10.89 19.30 27.43
CA GLY A 43 -11.03 19.37 26.00
C GLY A 43 -11.39 18.03 25.41
N ALA A 44 -11.94 18.09 24.19
CA ALA A 44 -12.29 16.88 23.47
C ALA A 44 -11.14 16.47 22.56
N PHE A 45 -10.97 15.16 22.38
CA PHE A 45 -10.01 14.65 21.41
C PHE A 45 -10.75 13.81 20.37
N VAL A 46 -10.56 14.14 19.10
CA VAL A 46 -11.30 13.51 18.02
C VAL A 46 -10.33 12.95 17.00
N PRO A 47 -10.30 11.63 16.78
CA PRO A 47 -9.44 11.07 15.74
C PRO A 47 -10.13 11.01 14.40
N PHE A 48 -9.37 11.25 13.33
CA PHE A 48 -9.85 10.97 11.98
C PHE A 48 -9.25 9.66 11.48
N VAL A 49 -10.13 8.81 10.93
CA VAL A 49 -9.70 7.63 10.17
C VAL A 49 -10.58 7.54 8.93
N THR A 50 -10.14 6.71 7.99
CA THR A 50 -10.87 6.44 6.76
C THR A 50 -11.62 5.12 6.89
N LEU A 51 -12.91 5.13 6.58
CA LEU A 51 -13.69 3.91 6.70
C LEU A 51 -13.18 2.86 5.73
N GLY A 52 -13.07 1.62 6.23
CA GLY A 52 -12.56 0.52 5.42
C GLY A 52 -11.08 0.56 5.10
N ASP A 53 -10.31 1.35 5.85
CA ASP A 53 -8.87 1.37 5.70
C ASP A 53 -8.26 0.62 6.87
N PRO A 54 -7.48 -0.44 6.64
CA PRO A 54 -7.10 -0.97 5.33
C PRO A 54 -8.11 -1.96 4.76
N GLY A 55 -9.05 -2.35 5.63
CA GLY A 55 -10.12 -3.23 5.20
C GLY A 55 -11.31 -3.06 6.12
N ILE A 56 -12.46 -3.54 5.63
CA ILE A 56 -13.71 -3.33 6.37
C ILE A 56 -13.57 -3.88 7.78
N GLU A 57 -13.30 -5.17 7.92
CA GLU A 57 -13.30 -5.80 9.23
C GLU A 57 -12.16 -5.27 10.13
N GLN A 58 -11.02 -4.88 9.55
CA GLN A 58 -9.96 -4.25 10.35
C GLN A 58 -10.34 -2.83 10.77
N SER A 59 -11.10 -2.12 9.93
CA SER A 59 -11.46 -0.74 10.23
C SER A 59 -12.44 -0.68 11.38
N LEU A 60 -13.43 -1.59 11.42
CA LEU A 60 -14.33 -1.60 12.56
C LEU A 60 -13.54 -1.80 13.85
N LYS A 61 -12.53 -2.68 13.82
CA LYS A 61 -11.73 -2.90 15.02
C LYS A 61 -10.91 -1.67 15.38
N ILE A 62 -10.24 -1.07 14.37
CA ILE A 62 -9.60 0.21 14.59
C ILE A 62 -10.53 1.19 15.29
N ILE A 63 -11.80 1.26 14.82
CA ILE A 63 -12.74 2.24 15.37
C ILE A 63 -13.07 1.92 16.82
N ASP A 64 -13.32 0.64 17.14
CA ASP A 64 -13.60 0.25 18.51
C ASP A 64 -12.42 0.56 19.43
N THR A 65 -11.19 0.35 18.96
CA THR A 65 -10.03 0.71 19.79
C THR A 65 -10.01 2.21 20.10
N LEU A 66 -10.25 3.04 19.08
CA LEU A 66 -10.23 4.49 19.26
C LEU A 66 -11.22 4.93 20.33
N ILE A 67 -12.41 4.35 20.32
CA ILE A 67 -13.42 4.68 21.32
C ILE A 67 -12.98 4.20 22.70
N ASP A 68 -12.47 2.95 22.79
CA ASP A 68 -12.07 2.37 24.06
C ASP A 68 -10.87 3.07 24.69
N ALA A 69 -10.09 3.81 23.92
CA ALA A 69 -8.95 4.55 24.45
C ALA A 69 -9.27 6.00 24.80
N GLY A 70 -10.54 6.42 24.68
CA GLY A 70 -10.99 7.72 25.15
C GLY A 70 -11.35 8.78 24.11
N ALA A 71 -11.64 8.40 22.87
CA ALA A 71 -11.98 9.35 21.81
C ALA A 71 -13.40 9.88 22.04
N ASP A 72 -13.53 11.20 22.22
CA ASP A 72 -14.81 11.77 22.66
C ASP A 72 -15.85 11.77 21.55
N ALA A 73 -15.45 12.14 20.33
CA ALA A 73 -16.20 11.91 19.10
C ALA A 73 -15.22 11.37 18.06
N LEU A 74 -15.75 11.03 16.89
CA LEU A 74 -14.89 10.59 15.81
C LEU A 74 -15.42 11.09 14.48
N GLU A 75 -14.53 11.44 13.57
CA GLU A 75 -14.91 11.74 12.20
C GLU A 75 -14.31 10.70 11.27
N LEU A 76 -15.16 10.14 10.42
CA LEU A 76 -14.80 9.12 9.45
C LEU A 76 -14.88 9.70 8.04
N GLY A 77 -13.85 9.44 7.24
CA GLY A 77 -13.88 9.75 5.83
C GLY A 77 -14.36 8.59 4.96
N VAL A 78 -15.07 8.91 3.89
CA VAL A 78 -15.53 7.93 2.92
C VAL A 78 -14.53 7.91 1.76
N PRO A 79 -13.93 6.77 1.43
CA PRO A 79 -12.92 6.78 0.36
C PRO A 79 -13.50 7.30 -0.95
N PHE A 80 -12.87 8.34 -1.48
CA PHE A 80 -13.24 9.00 -2.72
C PHE A 80 -12.10 8.85 -3.71
N SER A 81 -12.43 8.74 -4.99
CA SER A 81 -11.39 8.39 -5.97
C SER A 81 -10.36 9.51 -6.17
N ASP A 82 -10.75 10.77 -5.96
CA ASP A 82 -9.87 11.91 -6.25
C ASP A 82 -9.96 12.97 -5.15
N PRO A 83 -9.29 12.73 -4.01
CA PRO A 83 -9.34 13.69 -2.88
C PRO A 83 -8.32 14.81 -3.04
N LEU A 84 -8.83 16.05 -3.18
CA LEU A 84 -7.99 17.23 -3.40
C LEU A 84 -7.54 17.91 -2.09
N ALA A 85 -8.51 18.33 -1.25
CA ALA A 85 -8.21 19.07 -0.02
C ALA A 85 -7.38 18.28 1.01
N ASP A 86 -6.77 17.18 0.58
CA ASP A 86 -6.14 16.24 1.49
C ASP A 86 -4.66 16.12 1.19
N GLY A 87 -3.90 15.76 2.23
CA GLY A 87 -2.46 15.64 2.16
C GLY A 87 -1.98 14.21 1.90
N PRO A 88 -0.65 14.02 1.93
CA PRO A 88 -0.10 12.76 1.42
C PRO A 88 -0.47 11.55 2.27
N THR A 89 -0.44 11.67 3.59
CA THR A 89 -0.81 10.54 4.43
C THR A 89 -2.26 10.15 4.19
N ILE A 90 -3.16 11.14 4.07
CA ILE A 90 -4.58 10.84 3.90
C ILE A 90 -4.86 10.43 2.47
N GLN A 91 -4.10 10.97 1.52
CA GLN A 91 -4.20 10.54 0.13
C GLN A 91 -4.04 9.04 0.02
N ASN A 92 -3.10 8.46 0.78
CA ASN A 92 -2.81 7.05 0.62
C ASN A 92 -3.76 6.16 1.41
N ALA A 93 -4.15 6.59 2.61
CA ALA A 93 -5.19 5.87 3.33
C ALA A 93 -6.43 5.74 2.46
N ASN A 94 -6.70 6.78 1.68
CA ASN A 94 -7.84 6.76 0.77
C ASN A 94 -7.62 5.77 -0.37
N LEU A 95 -6.43 5.75 -0.98
CA LEU A 95 -6.22 4.79 -2.06
C LEU A 95 -6.35 3.36 -1.55
N ARG A 96 -5.90 3.11 -0.32
CA ARG A 96 -5.99 1.77 0.28
C ARG A 96 -7.43 1.28 0.36
N ALA A 97 -8.34 2.13 0.84
CA ALA A 97 -9.72 1.67 0.95
C ALA A 97 -10.40 1.65 -0.41
N PHE A 98 -10.09 2.64 -1.26
CA PHE A 98 -10.68 2.68 -2.59
C PHE A 98 -10.25 1.48 -3.44
N ALA A 99 -8.93 1.24 -3.50
CA ALA A 99 -8.42 0.10 -4.27
C ALA A 99 -9.06 -1.21 -3.82
N ALA A 100 -9.24 -1.37 -2.51
CA ALA A 100 -9.89 -2.53 -1.90
C ALA A 100 -11.38 -2.59 -2.17
N GLY A 101 -11.90 -1.67 -2.98
CA GLY A 101 -13.31 -1.65 -3.32
C GLY A 101 -14.26 -1.39 -2.18
N VAL A 102 -13.84 -0.64 -1.16
CA VAL A 102 -14.82 -0.04 -0.27
C VAL A 102 -15.64 0.97 -1.06
N THR A 103 -16.95 0.96 -0.87
CA THR A 103 -17.90 1.80 -1.54
C THR A 103 -18.73 2.56 -0.51
N PRO A 104 -19.35 3.69 -0.89
CA PRO A 104 -20.19 4.41 0.08
C PRO A 104 -21.26 3.53 0.70
N ALA A 105 -21.85 2.62 -0.07
CA ALA A 105 -22.85 1.72 0.49
C ALA A 105 -22.25 0.90 1.61
N GLN A 106 -21.04 0.36 1.39
CA GLN A 106 -20.36 -0.39 2.43
C GLN A 106 -20.05 0.47 3.65
N CYS A 107 -19.67 1.74 3.44
CA CYS A 107 -19.47 2.61 4.60
C CYS A 107 -20.74 2.80 5.41
N PHE A 108 -21.89 2.91 4.73
CA PHE A 108 -23.10 3.17 5.52
C PHE A 108 -23.48 1.96 6.35
N GLU A 109 -23.26 0.75 5.82
CA GLU A 109 -23.38 -0.44 6.66
C GLU A 109 -22.46 -0.38 7.86
N MET A 110 -21.19 -0.02 7.64
CA MET A 110 -20.26 0.11 8.76
C MET A 110 -20.79 1.11 9.79
N LEU A 111 -21.16 2.31 9.34
CA LEU A 111 -21.66 3.34 10.24
C LEU A 111 -22.78 2.79 11.11
N ALA A 112 -23.70 2.04 10.51
CA ALA A 112 -24.78 1.45 11.29
C ALA A 112 -24.23 0.50 12.34
N LEU A 113 -23.40 -0.46 11.93
CA LEU A 113 -22.81 -1.37 12.91
C LEU A 113 -22.06 -0.58 13.99
N ILE A 114 -21.43 0.53 13.62
CA ILE A 114 -20.70 1.33 14.60
C ILE A 114 -21.68 2.01 15.54
N ARG A 115 -22.74 2.63 14.99
CA ARG A 115 -23.69 3.36 15.83
C ARG A 115 -24.48 2.42 16.72
N GLU A 116 -24.82 1.24 16.22
CA GLU A 116 -25.60 0.29 16.99
C GLU A 116 -24.86 -0.15 18.24
N LYS A 117 -23.52 -0.15 18.22
CA LYS A 117 -22.72 -0.62 19.34
C LYS A 117 -22.24 0.49 20.26
N HIS A 118 -22.18 1.73 19.80
CA HIS A 118 -21.92 2.87 20.66
C HIS A 118 -22.98 3.91 20.33
N PRO A 119 -24.18 3.78 20.89
CA PRO A 119 -25.25 4.75 20.57
C PRO A 119 -24.98 6.15 21.08
N THR A 120 -23.93 6.32 21.89
CA THR A 120 -23.60 7.55 22.61
C THR A 120 -22.81 8.54 21.74
N ILE A 121 -21.69 8.10 21.17
CA ILE A 121 -20.58 8.96 20.71
C ILE A 121 -20.99 9.70 19.44
N PRO A 122 -20.67 10.99 19.31
CA PRO A 122 -20.95 11.70 18.05
C PRO A 122 -20.08 11.17 16.91
N ILE A 123 -20.70 10.92 15.76
CA ILE A 123 -20.01 10.48 14.56
C ILE A 123 -20.10 11.56 13.49
N GLY A 124 -18.96 11.98 12.96
CA GLY A 124 -18.90 12.90 11.84
C GLY A 124 -18.33 12.22 10.61
N LEU A 125 -18.92 12.49 9.45
CA LEU A 125 -18.35 12.09 8.18
C LEU A 125 -17.56 13.25 7.59
N LEU A 126 -16.48 12.90 6.90
CA LEU A 126 -15.69 13.85 6.12
C LEU A 126 -15.89 13.46 4.66
N MET A 127 -16.58 14.30 3.90
CA MET A 127 -17.13 13.89 2.61
C MET A 127 -16.58 14.75 1.48
N TYR A 128 -16.63 14.22 0.28
CA TYR A 128 -16.37 15.02 -0.91
C TYR A 128 -17.70 15.38 -1.58
N ALA A 129 -17.78 16.61 -2.07
CA ALA A 129 -19.03 17.09 -2.64
C ALA A 129 -19.67 16.03 -3.53
N ASN A 130 -18.94 15.48 -4.49
CA ASN A 130 -19.61 14.62 -5.45
C ASN A 130 -20.30 13.44 -4.77
N LEU A 131 -19.70 12.90 -3.70
CA LEU A 131 -20.35 11.77 -3.04
C LEU A 131 -21.65 12.18 -2.36
N VAL A 132 -21.74 13.43 -1.90
CA VAL A 132 -22.96 13.94 -1.32
C VAL A 132 -23.97 14.31 -2.39
N PHE A 133 -23.48 14.82 -3.52
CA PHE A 133 -24.30 15.33 -4.59
C PHE A 133 -24.75 14.25 -5.54
N ASN A 134 -24.07 13.09 -5.52
CA ASN A 134 -24.09 12.13 -6.62
C ASN A 134 -25.50 11.90 -7.14
N ASN A 135 -26.40 11.42 -6.28
CA ASN A 135 -27.77 11.24 -6.74
C ASN A 135 -28.75 11.79 -5.71
N GLY A 136 -28.46 13.02 -5.27
CA GLY A 136 -29.39 13.81 -4.50
C GLY A 136 -28.82 14.28 -3.18
N ILE A 137 -28.57 15.59 -3.05
CA ILE A 137 -28.10 16.13 -1.77
C ILE A 137 -29.02 15.66 -0.65
N ASP A 138 -30.34 15.76 -0.85
CA ASP A 138 -31.26 15.43 0.23
C ASP A 138 -31.24 13.94 0.56
N ALA A 139 -31.20 13.07 -0.46
CA ALA A 139 -31.17 11.64 -0.19
C ALA A 139 -29.94 11.28 0.63
N PHE A 140 -28.82 11.94 0.36
CA PHE A 140 -27.63 11.67 1.16
C PHE A 140 -27.89 11.98 2.61
N TYR A 141 -28.39 13.19 2.90
CA TYR A 141 -28.56 13.56 4.30
C TYR A 141 -29.62 12.72 4.99
N ALA A 142 -30.62 12.23 4.26
CA ALA A 142 -31.59 11.34 4.91
C ALA A 142 -30.97 9.99 5.26
N ARG A 143 -30.01 9.50 4.47
CA ARG A 143 -29.28 8.29 4.86
C ARG A 143 -28.41 8.51 6.09
N CYS A 144 -27.67 9.62 6.16
CA CYS A 144 -26.99 9.98 7.41
C CYS A 144 -27.90 9.87 8.62
N GLU A 145 -29.02 10.58 8.56
CA GLU A 145 -29.91 10.56 9.71
C GLU A 145 -30.47 9.16 9.92
N GLN A 146 -30.75 8.44 8.84
CA GLN A 146 -31.34 7.12 8.97
C GLN A 146 -30.40 6.14 9.67
N VAL A 147 -29.10 6.40 9.64
CA VAL A 147 -28.12 5.46 10.16
C VAL A 147 -27.47 5.93 11.45
N GLY A 148 -27.66 7.18 11.85
CA GLY A 148 -27.15 7.65 13.11
C GLY A 148 -26.04 8.67 13.06
N VAL A 149 -25.62 9.09 11.87
CA VAL A 149 -24.57 10.13 11.78
C VAL A 149 -25.05 11.43 12.44
N ASP A 150 -24.09 12.26 12.85
CA ASP A 150 -24.41 13.49 13.55
C ASP A 150 -23.99 14.75 12.82
N SER A 151 -22.98 14.67 11.97
CA SER A 151 -22.45 15.85 11.31
C SER A 151 -21.78 15.41 10.01
N VAL A 152 -21.76 16.34 9.06
CA VAL A 152 -21.08 16.16 7.80
C VAL A 152 -20.23 17.40 7.57
N LEU A 153 -18.99 17.20 7.20
CA LEU A 153 -18.14 18.26 6.67
C LEU A 153 -17.91 17.91 5.21
N VAL A 154 -18.30 18.81 4.30
CA VAL A 154 -18.00 18.64 2.88
C VAL A 154 -16.75 19.45 2.56
N ALA A 155 -15.67 18.72 2.24
CA ALA A 155 -14.32 19.29 2.15
C ALA A 155 -14.21 20.42 1.13
N ASP A 156 -14.93 20.31 0.01
CA ASP A 156 -14.81 21.23 -1.11
C ASP A 156 -16.10 22.05 -1.34
N VAL A 157 -16.88 22.29 -0.28
CA VAL A 157 -18.01 23.21 -0.39
C VAL A 157 -17.73 24.37 0.56
N PRO A 158 -17.26 25.51 0.05
CA PRO A 158 -17.09 26.69 0.90
C PRO A 158 -18.48 27.18 1.30
N VAL A 159 -18.54 28.01 2.36
CA VAL A 159 -19.85 28.51 2.80
C VAL A 159 -20.62 29.13 1.62
N GLU A 160 -19.90 29.82 0.73
CA GLU A 160 -20.52 30.48 -0.42
C GLU A 160 -21.37 29.54 -1.26
N GLU A 161 -21.04 28.25 -1.30
CA GLU A 161 -21.79 27.30 -2.12
C GLU A 161 -22.65 26.36 -1.27
N SER A 162 -22.78 26.65 0.03
CA SER A 162 -23.27 25.66 1.00
C SER A 162 -24.79 25.62 1.16
N ALA A 163 -25.54 26.55 0.57
CA ALA A 163 -26.98 26.68 0.76
C ALA A 163 -27.72 25.34 0.61
N PRO A 164 -27.61 24.65 -0.51
CA PRO A 164 -28.35 23.37 -0.63
C PRO A 164 -27.91 22.30 0.37
N PHE A 165 -26.63 22.31 0.79
CA PHE A 165 -26.15 21.32 1.77
C PHE A 165 -26.65 21.65 3.18
N ARG A 166 -26.60 22.93 3.58
CA ARG A 166 -27.15 23.35 4.87
C ARG A 166 -28.65 23.06 4.95
N GLN A 167 -29.39 23.46 3.91
CA GLN A 167 -30.78 23.07 3.78
C GLN A 167 -30.98 21.56 4.03
N ALA A 168 -30.33 20.71 3.22
CA ALA A 168 -30.52 19.28 3.41
C ALA A 168 -30.16 18.86 4.82
N ALA A 169 -29.11 19.47 5.40
CA ALA A 169 -28.67 19.09 6.73
C ALA A 169 -29.75 19.36 7.77
N LEU A 170 -30.28 20.59 7.79
CA LEU A 170 -31.25 20.97 8.82
C LEU A 170 -32.56 20.18 8.66
N ARG A 171 -32.99 19.95 7.40
CA ARG A 171 -34.11 19.05 7.16
C ARG A 171 -33.94 17.70 7.87
N HIS A 172 -32.70 17.29 8.19
CA HIS A 172 -32.46 15.93 8.68
C HIS A 172 -31.67 15.92 9.99
N ASN A 173 -31.64 17.04 10.72
CA ASN A 173 -30.96 17.13 12.03
C ASN A 173 -29.50 16.68 11.97
N ILE A 174 -28.83 16.97 10.86
CA ILE A 174 -27.41 16.77 10.70
C ILE A 174 -26.69 18.10 10.93
N ALA A 175 -25.69 18.11 11.80
CA ALA A 175 -24.94 19.34 11.99
C ALA A 175 -24.05 19.57 10.79
N PRO A 176 -24.11 20.75 10.13
CA PRO A 176 -23.11 21.06 9.12
C PRO A 176 -21.85 21.67 9.73
N ILE A 177 -20.68 21.07 9.46
CA ILE A 177 -19.38 21.52 9.98
C ILE A 177 -18.70 22.34 8.89
N PHE A 178 -18.07 23.43 9.28
CA PHE A 178 -17.37 24.28 8.32
C PHE A 178 -15.96 24.52 8.82
N ILE A 179 -14.99 24.47 7.91
CA ILE A 179 -13.62 24.79 8.28
C ILE A 179 -13.46 26.31 8.34
N CYS A 180 -12.93 26.80 9.42
CA CYS A 180 -12.55 28.20 9.46
C CYS A 180 -11.04 28.30 9.27
N PRO A 181 -10.55 28.71 8.10
CA PRO A 181 -9.11 28.67 7.82
C PRO A 181 -8.39 29.88 8.40
N PRO A 182 -7.05 29.92 8.35
CA PRO A 182 -6.34 31.01 9.02
C PRO A 182 -6.28 32.31 8.24
N ASN A 183 -6.62 32.28 6.94
CA ASN A 183 -6.88 33.52 6.21
C ASN A 183 -8.34 33.92 6.32
N ALA A 184 -8.97 33.71 7.48
CA ALA A 184 -10.41 33.89 7.61
C ALA A 184 -10.70 35.29 8.14
N ASP A 185 -11.45 36.07 7.36
CA ASP A 185 -11.85 37.41 7.79
C ASP A 185 -13.10 37.34 8.66
N ASP A 186 -13.46 38.48 9.27
CA ASP A 186 -14.62 38.51 10.16
C ASP A 186 -15.92 38.21 9.42
N ASP A 187 -16.05 38.65 8.16
CA ASP A 187 -17.21 38.27 7.37
C ASP A 187 -17.41 36.75 7.37
N LEU A 188 -16.36 35.99 7.01
CA LEU A 188 -16.46 34.52 7.03
C LEU A 188 -16.69 33.98 8.45
N LEU A 189 -16.12 34.61 9.48
CA LEU A 189 -16.32 34.09 10.83
C LEU A 189 -17.79 34.18 11.24
N ARG A 190 -18.44 35.32 10.95
CA ARG A 190 -19.87 35.47 11.22
C ARG A 190 -20.67 34.43 10.44
N GLN A 191 -20.39 34.32 9.14
CA GLN A 191 -21.07 33.30 8.35
C GLN A 191 -20.94 31.93 9.01
N VAL A 192 -19.70 31.55 9.35
CA VAL A 192 -19.45 30.24 9.93
C VAL A 192 -20.16 30.10 11.27
N ALA A 193 -20.09 31.15 12.11
CA ALA A 193 -20.76 31.10 13.40
C ALA A 193 -22.27 30.93 13.26
N SER A 194 -22.87 31.44 12.18
CA SER A 194 -24.30 31.33 11.98
C SER A 194 -24.68 29.97 11.39
N TYR A 195 -23.96 29.53 10.36
CA TYR A 195 -24.36 28.34 9.64
C TYR A 195 -23.87 27.05 10.31
N GLY A 196 -22.81 27.10 11.09
CA GLY A 196 -22.27 25.89 11.70
C GLY A 196 -23.15 25.39 12.84
N ARG A 197 -23.23 24.07 12.96
CA ARG A 197 -23.72 23.36 14.14
C ARG A 197 -22.66 22.33 14.54
N GLY A 198 -22.81 21.73 15.71
CA GLY A 198 -21.85 20.75 16.18
C GLY A 198 -20.55 21.32 16.72
N TYR A 199 -19.59 21.61 15.84
CA TYR A 199 -18.35 22.27 16.22
C TYR A 199 -17.83 23.04 15.01
N THR A 200 -16.98 24.03 15.26
CA THR A 200 -16.24 24.70 14.19
C THR A 200 -14.90 23.99 13.99
N TYR A 201 -14.59 23.63 12.75
CA TYR A 201 -13.32 22.98 12.44
C TYR A 201 -12.31 24.07 12.13
N LEU A 202 -11.33 24.22 13.02
CA LEU A 202 -10.40 25.35 13.02
C LEU A 202 -9.02 24.92 12.54
N LEU A 203 -8.24 25.86 12.02
CA LEU A 203 -6.90 25.51 11.53
C LEU A 203 -5.79 26.34 12.18
N ALA A 216 -1.55 36.40 10.98
CA ALA A 216 -2.99 36.47 10.81
C ALA A 216 -3.71 36.68 12.15
N LEU A 217 -3.20 37.67 12.94
CA LEU A 217 -3.63 38.00 14.30
C LEU A 217 -3.62 36.75 15.19
N PRO A 218 -3.54 36.91 16.51
CA PRO A 218 -3.35 35.74 17.39
C PRO A 218 -4.37 34.65 17.08
N LEU A 219 -3.88 33.41 17.02
CA LEU A 219 -4.76 32.26 16.89
C LEU A 219 -5.92 32.33 17.89
N HIS A 220 -5.72 33.01 19.02
CA HIS A 220 -6.83 33.18 19.95
C HIS A 220 -7.81 34.25 19.48
N HIS A 221 -7.35 35.23 18.70
CA HIS A 221 -8.26 36.24 18.17
C HIS A 221 -9.04 35.75 16.96
N LEU A 222 -8.81 34.51 16.55
CA LEU A 222 -9.73 33.71 15.77
C LEU A 222 -10.69 32.95 16.66
N ILE A 223 -10.18 32.39 17.77
CA ILE A 223 -10.99 31.62 18.70
C ILE A 223 -11.92 32.53 19.49
N GLU A 224 -11.46 33.74 19.80
CA GLU A 224 -12.27 34.67 20.57
C GLU A 224 -13.38 35.24 19.70
N LYS A 225 -13.05 35.66 18.47
CA LYS A 225 -14.05 36.16 17.55
C LYS A 225 -15.17 35.15 17.34
N LEU A 226 -14.84 33.84 17.33
CA LEU A 226 -15.85 32.82 17.09
C LEU A 226 -16.80 32.67 18.27
N LYS A 227 -16.26 32.69 19.50
CA LYS A 227 -17.12 32.65 20.68
C LYS A 227 -17.97 33.92 20.79
N GLU A 228 -17.40 35.06 20.42
CA GLU A 228 -18.15 36.30 20.40
C GLU A 228 -19.39 36.19 19.51
N TYR A 229 -19.22 35.64 18.30
CA TYR A 229 -20.35 35.39 17.43
C TYR A 229 -21.16 34.15 17.83
N HIS A 230 -20.79 33.51 18.94
CA HIS A 230 -21.53 32.34 19.44
C HIS A 230 -21.40 31.14 18.52
N ALA A 231 -20.25 31.00 17.86
CA ALA A 231 -20.01 29.82 17.03
C ALA A 231 -20.03 28.55 17.88
N ALA A 232 -20.41 27.46 17.22
CA ALA A 232 -20.19 26.12 17.72
C ALA A 232 -18.76 26.01 18.26
N PRO A 233 -18.53 25.27 19.35
CA PRO A 233 -17.19 25.24 19.96
C PRO A 233 -16.10 24.87 18.94
N ALA A 234 -14.93 25.48 19.09
CA ALA A 234 -13.86 25.27 18.12
C ALA A 234 -13.07 24.00 18.46
N LEU A 235 -12.77 23.21 17.43
CA LEU A 235 -11.77 22.14 17.53
C LEU A 235 -10.60 22.52 16.64
N GLN A 236 -9.38 22.44 17.18
CA GLN A 236 -8.19 22.70 16.38
C GLN A 236 -7.79 21.42 15.66
N GLY A 237 -7.66 21.51 14.33
CA GLY A 237 -7.32 20.35 13.53
C GLY A 237 -6.07 20.59 12.68
N PHE A 238 -5.36 21.69 12.97
CA PHE A 238 -4.08 21.97 12.34
C PHE A 238 -2.98 21.22 13.09
N GLY A 239 -2.34 20.27 12.41
CA GLY A 239 -1.13 19.61 12.88
C GLY A 239 -1.16 19.10 14.31
N ILE A 240 -2.18 18.32 14.64
CA ILE A 240 -2.34 17.77 15.99
C ILE A 240 -1.82 16.34 15.94
N SER A 241 -0.51 16.18 16.25
CA SER A 241 0.23 14.94 16.04
C SER A 241 0.85 14.35 17.30
N SER A 242 1.07 15.15 18.35
CA SER A 242 1.64 14.77 19.63
C SER A 242 0.83 15.38 20.74
N PRO A 243 0.75 14.72 21.90
CA PRO A 243 -0.10 15.24 22.98
C PRO A 243 0.25 16.65 23.40
N GLU A 244 1.47 17.12 23.13
CA GLU A 244 1.84 18.47 23.53
C GLU A 244 1.21 19.51 22.62
N GLN A 245 0.79 19.09 21.43
CA GLN A 245 -0.03 19.99 20.62
C GLN A 245 -1.49 19.97 21.07
N VAL A 246 -1.98 18.84 21.58
CA VAL A 246 -3.36 18.80 22.04
C VAL A 246 -3.56 19.75 23.20
N SER A 247 -2.61 19.78 24.14
CA SER A 247 -2.80 20.65 25.29
C SER A 247 -2.48 22.09 24.97
N ALA A 248 -1.62 22.33 23.97
CA ALA A 248 -1.45 23.69 23.46
C ALA A 248 -2.73 24.21 22.82
N ALA A 249 -3.47 23.35 22.10
CA ALA A 249 -4.73 23.75 21.50
C ALA A 249 -5.77 24.12 22.55
N VAL A 250 -5.92 23.29 23.60
CA VAL A 250 -6.88 23.59 24.67
C VAL A 250 -6.48 24.87 25.41
N ARG A 251 -5.18 25.08 25.60
CA ARG A 251 -4.70 26.25 26.32
C ARG A 251 -5.04 27.53 25.57
N ALA A 252 -4.86 27.55 24.25
CA ALA A 252 -5.19 28.73 23.46
C ALA A 252 -6.68 29.05 23.49
N GLY A 253 -7.51 28.13 23.95
CA GLY A 253 -8.94 28.37 24.10
C GLY A 253 -9.85 27.46 23.29
N ALA A 254 -9.33 26.49 22.56
CA ALA A 254 -10.20 25.66 21.74
C ALA A 254 -10.88 24.60 22.62
N ALA A 255 -12.02 24.12 22.15
CA ALA A 255 -12.80 23.12 22.87
C ALA A 255 -12.21 21.71 22.77
N GLY A 256 -11.15 21.53 21.99
CA GLY A 256 -10.64 20.20 21.74
C GLY A 256 -9.72 20.25 20.54
N ALA A 257 -9.35 19.06 20.06
CA ALA A 257 -8.40 18.96 18.95
C ALA A 257 -8.70 17.72 18.13
N ILE A 258 -8.39 17.83 16.84
CA ILE A 258 -8.57 16.77 15.86
C ILE A 258 -7.20 16.41 15.31
N SER A 259 -6.95 15.12 15.15
CA SER A 259 -5.74 14.69 14.49
C SER A 259 -6.15 13.83 13.30
N GLY A 260 -5.92 14.35 12.09
CA GLY A 260 -6.05 13.50 10.93
C GLY A 260 -4.90 12.50 10.82
N SER A 261 -3.80 12.96 10.21
CA SER A 261 -2.82 12.05 9.66
C SER A 261 -2.10 11.24 10.73
N ALA A 262 -2.01 11.76 11.96
CA ALA A 262 -1.20 11.08 12.96
C ALA A 262 -1.74 9.70 13.27
N ILE A 263 -3.06 9.57 13.37
CA ILE A 263 -3.65 8.28 13.68
C ILE A 263 -3.61 7.37 12.48
N VAL A 264 -3.84 7.94 11.29
CA VAL A 264 -3.71 7.20 10.04
C VAL A 264 -2.26 6.78 9.79
N LYS A 265 -1.30 7.62 10.20
CA LYS A 265 0.10 7.25 10.11
C LYS A 265 0.36 5.93 10.82
N ILE A 266 -0.14 5.80 12.06
CA ILE A 266 0.03 4.54 12.77
C ILE A 266 -0.50 3.37 11.95
N ILE A 267 -1.60 3.56 11.22
CA ILE A 267 -2.21 2.46 10.48
C ILE A 267 -1.30 2.00 9.34
N GLU A 268 -0.83 2.96 8.55
CA GLU A 268 0.09 2.68 7.44
C GLU A 268 1.34 1.99 7.93
N LYS A 269 1.76 2.28 9.16
CA LYS A 269 2.98 1.71 9.72
C LYS A 269 2.83 0.23 10.04
N ASN A 270 1.61 -0.22 10.33
CA ASN A 270 1.37 -1.54 10.89
C ASN A 270 0.49 -2.40 10.00
N LEU A 271 0.42 -2.11 8.71
CA LEU A 271 -0.40 -2.95 7.82
C LEU A 271 -0.06 -4.43 8.00
N ALA A 272 1.24 -4.77 7.97
CA ALA A 272 1.63 -6.16 8.15
C ALA A 272 1.10 -6.75 9.46
N SER A 273 1.01 -5.93 10.51
CA SER A 273 0.79 -6.39 11.89
C SER A 273 -0.51 -5.88 12.47
N PRO A 274 -1.66 -6.49 12.12
CA PRO A 274 -2.96 -5.92 12.54
C PRO A 274 -3.11 -5.71 14.03
N LYS A 275 -2.50 -6.52 14.87
CA LYS A 275 -2.74 -6.40 16.30
C LYS A 275 -1.79 -5.42 16.97
N GLN A 276 -0.55 -5.36 16.50
CA GLN A 276 0.33 -4.28 16.94
C GLN A 276 -0.29 -2.92 16.63
N MET A 277 -0.96 -2.82 15.48
CA MET A 277 -1.64 -1.58 15.08
C MET A 277 -2.68 -1.18 16.12
N LEU A 278 -3.60 -2.08 16.44
CA LEU A 278 -4.64 -1.77 17.41
C LEU A 278 -4.06 -1.32 18.75
N ALA A 279 -2.88 -1.80 19.11
CA ALA A 279 -2.32 -1.49 20.42
C ALA A 279 -1.48 -0.22 20.37
N GLU A 280 -0.87 0.09 19.23
CA GLU A 280 -0.23 1.39 19.06
C GLU A 280 -1.27 2.51 19.02
N LEU A 281 -2.45 2.27 18.41
CA LEU A 281 -3.51 3.27 18.43
C LEU A 281 -4.06 3.45 19.84
N ARG A 282 -4.28 2.34 20.57
CA ARG A 282 -4.71 2.45 21.96
C ARG A 282 -3.74 3.29 22.77
N SER A 283 -2.44 3.08 22.57
CA SER A 283 -1.47 3.85 23.32
C SER A 283 -1.57 5.31 22.93
N PHE A 284 -1.62 5.59 21.62
CA PHE A 284 -1.61 6.96 21.14
C PHE A 284 -2.87 7.72 21.56
N VAL A 285 -4.04 7.11 21.35
CA VAL A 285 -5.27 7.84 21.66
C VAL A 285 -5.33 8.19 23.15
N SER A 286 -4.86 7.29 24.02
CA SER A 286 -4.98 7.55 25.46
C SER A 286 -3.99 8.61 25.93
N ALA A 287 -2.83 8.65 25.33
CA ALA A 287 -1.91 9.74 25.58
C ALA A 287 -2.46 11.05 25.00
N MET A 288 -3.06 10.99 23.82
CA MET A 288 -3.73 12.16 23.26
C MET A 288 -4.87 12.63 24.16
N LYS A 289 -5.76 11.70 24.57
CA LYS A 289 -6.91 12.12 25.39
C LYS A 289 -6.46 12.66 26.74
N ALA A 290 -5.40 12.08 27.31
CA ALA A 290 -4.89 12.57 28.58
C ALA A 290 -4.29 13.98 28.44
N ALA A 291 -3.66 14.29 27.31
CA ALA A 291 -3.13 15.63 27.11
C ALA A 291 -4.20 16.72 27.13
N SER A 292 -5.47 16.34 27.31
CA SER A 292 -6.60 17.26 27.34
C SER A 292 -7.43 17.10 28.60
N ARG A 293 -6.79 16.79 29.73
CA ARG A 293 -7.50 16.66 31.02
C ARG A 293 -7.28 17.88 31.90
N ALA A 294 -7.29 19.06 31.29
CA ALA A 294 -7.50 20.31 32.03
C ALA A 294 -8.74 21.04 31.47
N THR B 302 -19.15 37.52 -5.09
CA THR B 302 -18.20 37.75 -6.20
C THR B 302 -18.56 38.95 -7.08
N LEU B 303 -17.63 39.34 -7.95
CA LEU B 303 -17.87 40.44 -8.88
C LEU B 303 -18.61 39.95 -10.13
N LEU B 304 -18.19 38.83 -10.71
CA LEU B 304 -18.82 38.30 -11.91
C LEU B 304 -19.67 37.08 -11.55
N ASN B 305 -20.37 36.56 -12.56
CA ASN B 305 -21.23 35.39 -12.33
C ASN B 305 -20.42 34.11 -12.42
N PRO B 306 -20.34 33.31 -11.35
CA PRO B 306 -19.53 32.09 -11.39
C PRO B 306 -20.16 30.97 -12.18
N TYR B 307 -21.43 31.08 -12.56
CA TYR B 307 -22.16 29.99 -13.18
C TYR B 307 -22.47 30.29 -14.64
N PHE B 308 -22.66 29.22 -15.39
CA PHE B 308 -23.19 29.23 -16.75
C PHE B 308 -24.41 28.33 -16.67
N GLY B 309 -25.56 28.94 -16.40
CA GLY B 309 -26.72 28.14 -16.09
C GLY B 309 -26.43 27.43 -14.78
N GLU B 310 -26.60 26.11 -14.80
CA GLU B 310 -26.37 25.26 -13.63
C GLU B 310 -24.90 24.92 -13.41
N PHE B 311 -24.07 25.06 -14.44
CA PHE B 311 -22.71 24.56 -14.45
C PHE B 311 -21.73 25.64 -14.04
N GLY B 312 -20.67 25.21 -13.33
CA GLY B 312 -19.61 26.10 -12.90
C GLY B 312 -19.48 26.10 -11.37
N GLY B 313 -19.27 27.30 -10.82
CA GLY B 313 -19.23 27.52 -9.39
C GLY B 313 -17.81 27.65 -8.86
N MET B 314 -17.70 27.69 -7.52
CA MET B 314 -16.40 27.70 -6.82
C MET B 314 -16.36 26.60 -5.76
N TYR B 315 -16.37 25.36 -6.21
CA TYR B 315 -16.43 24.25 -5.25
C TYR B 315 -15.01 23.87 -4.80
N VAL B 316 -14.44 24.71 -3.93
CA VAL B 316 -13.09 24.48 -3.43
C VAL B 316 -13.11 24.62 -1.91
N PRO B 317 -12.06 24.12 -1.21
CA PRO B 317 -11.97 24.31 0.25
C PRO B 317 -11.95 25.79 0.61
N GLN B 318 -12.49 26.12 1.78
CA GLN B 318 -12.57 27.52 2.18
C GLN B 318 -11.22 28.21 2.03
N ILE B 319 -10.14 27.51 2.37
CA ILE B 319 -8.84 28.17 2.43
C ILE B 319 -8.51 28.84 1.09
N LEU B 320 -9.06 28.33 -0.01
CA LEU B 320 -8.75 28.81 -1.34
C LEU B 320 -9.69 29.93 -1.83
N MET B 321 -10.73 30.28 -1.10
CA MET B 321 -11.63 31.29 -1.61
C MET B 321 -10.96 32.66 -1.68
N PRO B 322 -10.18 33.07 -0.68
CA PRO B 322 -9.52 34.39 -0.80
C PRO B 322 -8.65 34.51 -2.05
N ALA B 323 -7.90 33.46 -2.38
CA ALA B 323 -7.09 33.51 -3.59
C ALA B 323 -7.97 33.72 -4.82
N LEU B 324 -9.11 33.02 -4.88
CA LEU B 324 -9.95 33.08 -6.07
C LEU B 324 -10.63 34.45 -6.19
N ASN B 325 -11.13 35.01 -5.07
CA ASN B 325 -11.72 36.35 -5.12
C ASN B 325 -10.69 37.39 -5.49
N GLN B 326 -9.48 37.27 -4.95
CA GLN B 326 -8.44 38.22 -5.32
C GLN B 326 -8.09 38.11 -6.80
N LEU B 327 -8.11 36.90 -7.35
CA LEU B 327 -7.84 36.75 -8.76
C LEU B 327 -8.94 37.39 -9.59
N GLU B 328 -10.20 37.16 -9.20
CA GLU B 328 -11.33 37.71 -9.94
C GLU B 328 -11.27 39.23 -9.95
N GLU B 329 -11.09 39.83 -8.76
CA GLU B 329 -11.02 41.27 -8.68
C GLU B 329 -9.87 41.82 -9.54
N ALA B 330 -8.72 41.15 -9.53
CA ALA B 330 -7.61 41.59 -10.39
C ALA B 330 -7.99 41.53 -11.86
N PHE B 331 -8.70 40.47 -12.25
CA PHE B 331 -9.08 40.28 -13.65
C PHE B 331 -10.10 41.33 -14.12
N VAL B 332 -11.18 41.49 -13.37
CA VAL B 332 -12.19 42.50 -13.67
C VAL B 332 -11.54 43.85 -13.88
N SER B 333 -10.57 44.19 -13.02
CA SER B 333 -9.86 45.44 -13.16
C SER B 333 -9.05 45.50 -14.46
N ALA B 334 -8.32 44.44 -14.77
CA ALA B 334 -7.46 44.45 -15.95
C ALA B 334 -8.26 44.49 -17.24
N GLN B 335 -9.44 43.88 -17.24
CA GLN B 335 -10.29 43.86 -18.42
C GLN B 335 -10.76 45.25 -18.82
N LYS B 336 -10.78 46.20 -17.89
CA LYS B 336 -11.21 47.56 -18.18
C LYS B 336 -10.03 48.52 -18.26
N ASP B 337 -8.80 48.04 -18.13
CA ASP B 337 -7.62 48.89 -18.31
C ASP B 337 -7.13 48.77 -19.76
N PRO B 338 -7.37 49.79 -20.60
CA PRO B 338 -6.88 49.73 -21.99
C PRO B 338 -5.38 49.58 -22.13
N GLU B 339 -4.63 49.77 -21.05
CA GLU B 339 -3.18 49.62 -21.08
C GLU B 339 -2.78 48.15 -20.87
N PHE B 340 -3.52 47.43 -20.03
CA PHE B 340 -3.42 45.97 -20.03
C PHE B 340 -3.80 45.43 -21.41
N GLN B 341 -4.94 45.87 -21.95
CA GLN B 341 -5.42 45.30 -23.21
C GLN B 341 -4.39 45.46 -24.30
N ALA B 342 -3.71 46.60 -24.36
CA ALA B 342 -2.75 46.81 -25.41
C ALA B 342 -1.46 46.04 -25.14
N GLN B 343 -1.00 46.05 -23.89
CA GLN B 343 0.16 45.23 -23.49
C GLN B 343 -0.04 43.76 -23.87
N PHE B 344 -1.14 43.18 -23.40
CA PHE B 344 -1.46 41.81 -23.75
C PHE B 344 -1.43 41.63 -25.26
N ALA B 345 -1.94 42.62 -26.01
CA ALA B 345 -2.08 42.52 -27.45
C ALA B 345 -0.74 42.70 -28.17
N ASP B 346 0.09 43.63 -27.72
CA ASP B 346 1.44 43.68 -28.24
C ASP B 346 2.13 42.33 -28.08
N LEU B 347 2.10 41.77 -26.86
CA LEU B 347 2.71 40.47 -26.63
C LEU B 347 2.21 39.44 -27.63
N LEU B 348 0.88 39.33 -27.76
CA LEU B 348 0.34 38.28 -28.61
C LEU B 348 0.84 38.44 -30.04
N LYS B 349 0.97 39.70 -30.52
CA LYS B 349 1.36 39.90 -31.91
C LYS B 349 2.86 39.76 -32.11
N ASN B 350 3.66 40.46 -31.30
CA ASN B 350 5.08 40.65 -31.55
C ASN B 350 5.96 39.61 -30.90
N TYR B 351 5.46 38.90 -29.89
CA TYR B 351 6.22 37.81 -29.27
C TYR B 351 5.68 36.45 -29.68
N ALA B 352 4.36 36.27 -29.57
CA ALA B 352 3.69 35.02 -29.91
C ALA B 352 3.38 34.88 -31.41
N GLY B 353 3.31 35.99 -32.17
CA GLY B 353 3.04 35.93 -33.60
C GLY B 353 1.59 35.89 -34.04
N ARG B 354 0.65 36.33 -33.23
CA ARG B 354 -0.70 36.54 -33.75
C ARG B 354 -0.71 37.73 -34.72
N PRO B 355 -1.62 37.73 -35.71
CA PRO B 355 -2.61 36.67 -35.98
C PRO B 355 -1.97 35.44 -36.59
N THR B 356 -2.63 34.32 -36.39
CA THR B 356 -2.17 33.08 -36.96
C THR B 356 -2.89 32.85 -38.28
N ALA B 357 -2.22 32.12 -39.18
CA ALA B 357 -2.73 31.92 -40.52
C ALA B 357 -4.11 31.28 -40.49
N LEU B 358 -4.91 31.59 -41.51
CA LEU B 358 -6.15 30.86 -41.77
C LEU B 358 -5.94 30.19 -43.12
N THR B 359 -5.66 28.88 -43.09
CA THR B 359 -5.13 28.12 -44.21
C THR B 359 -6.26 27.35 -44.90
N LYS B 360 -6.27 27.41 -46.24
CA LYS B 360 -7.28 26.72 -47.01
C LYS B 360 -6.73 25.37 -47.48
N CYS B 361 -7.35 24.29 -47.05
CA CYS B 361 -6.97 22.99 -47.57
C CYS B 361 -7.05 23.00 -49.10
N GLN B 362 -6.06 22.39 -49.74
CA GLN B 362 -6.01 22.31 -51.19
C GLN B 362 -6.55 20.98 -51.68
N ASN B 363 -5.89 19.88 -51.32
CA ASN B 363 -6.27 18.56 -51.81
C ASN B 363 -7.36 17.88 -50.99
N ILE B 364 -7.52 18.22 -49.71
CA ILE B 364 -8.33 17.43 -48.81
C ILE B 364 -9.79 17.40 -49.25
N THR B 365 -10.32 18.53 -49.72
CA THR B 365 -11.72 18.64 -50.13
C THR B 365 -11.92 18.45 -51.65
N ALA B 366 -11.11 17.62 -52.31
CA ALA B 366 -11.18 17.49 -53.76
C ALA B 366 -12.40 16.69 -54.19
N GLY B 367 -13.07 17.16 -55.25
CA GLY B 367 -14.28 16.50 -55.67
C GLY B 367 -15.41 16.60 -54.68
N THR B 368 -15.42 17.62 -53.84
CA THR B 368 -16.54 17.89 -52.96
C THR B 368 -16.78 19.38 -52.93
N ARG B 369 -17.98 19.74 -52.51
CA ARG B 369 -18.35 21.14 -52.36
C ARG B 369 -18.03 21.68 -50.97
N THR B 370 -17.28 20.94 -50.16
CA THR B 370 -16.79 21.46 -48.88
C THR B 370 -15.60 22.38 -49.12
N THR B 371 -15.59 23.53 -48.45
CA THR B 371 -14.42 24.42 -48.42
C THR B 371 -13.92 24.50 -46.99
N LEU B 372 -12.73 23.93 -46.73
CA LEU B 372 -12.24 23.66 -45.38
C LEU B 372 -11.04 24.53 -45.03
N TYR B 373 -11.25 25.47 -44.10
CA TYR B 373 -10.17 26.28 -43.54
C TYR B 373 -9.66 25.71 -42.21
N LEU B 374 -8.38 25.96 -41.92
CA LEU B 374 -7.69 25.49 -40.73
C LEU B 374 -7.12 26.71 -39.99
N LYS B 375 -7.66 27.04 -38.82
CA LYS B 375 -7.09 28.10 -38.00
C LYS B 375 -5.79 27.58 -37.36
N ARG B 376 -4.67 28.25 -37.63
CA ARG B 376 -3.33 27.66 -37.46
C ARG B 376 -2.68 28.06 -36.13
N GLU B 377 -3.26 27.61 -35.02
CA GLU B 377 -2.62 27.84 -33.73
C GLU B 377 -1.36 26.99 -33.57
N ASP B 378 -1.13 26.01 -34.46
CA ASP B 378 0.14 25.30 -34.45
C ASP B 378 1.30 26.24 -34.77
N LEU B 379 1.03 27.39 -35.35
CA LEU B 379 2.10 28.32 -35.70
C LEU B 379 2.37 29.33 -34.61
N LEU B 380 1.53 29.39 -33.60
CA LEU B 380 1.80 30.22 -32.43
C LEU B 380 3.13 29.84 -31.80
N HIS B 381 3.77 30.82 -31.16
CA HIS B 381 5.01 30.52 -30.45
C HIS B 381 4.76 29.48 -29.37
N GLY B 382 5.58 28.43 -29.33
CA GLY B 382 5.37 27.36 -28.39
C GLY B 382 4.57 26.19 -28.94
N GLY B 383 3.94 26.36 -30.10
CA GLY B 383 3.32 25.27 -30.80
C GLY B 383 1.88 25.00 -30.47
N ALA B 384 1.25 25.78 -29.60
CA ALA B 384 -0.13 25.47 -29.30
C ALA B 384 -0.86 26.71 -28.84
N HIS B 385 -2.19 26.63 -28.88
CA HIS B 385 -3.04 27.74 -28.43
C HIS B 385 -2.85 28.08 -26.95
N LYS B 386 -2.31 27.17 -26.12
CA LYS B 386 -2.16 27.49 -24.70
C LYS B 386 -1.27 28.71 -24.46
N THR B 387 -0.33 29.00 -25.37
CA THR B 387 0.44 30.23 -25.24
C THR B 387 -0.42 31.48 -24.99
N ASN B 388 -1.61 31.58 -25.61
CA ASN B 388 -2.43 32.79 -25.41
C ASN B 388 -2.78 32.97 -23.94
N GLN B 389 -3.42 31.97 -23.33
CA GLN B 389 -3.88 32.14 -21.96
C GLN B 389 -2.73 32.22 -20.97
N VAL B 390 -1.59 31.60 -21.30
CA VAL B 390 -0.47 31.59 -20.38
C VAL B 390 0.19 32.96 -20.33
N LEU B 391 0.37 33.60 -21.48
CA LEU B 391 0.87 34.97 -21.51
C LEU B 391 -0.06 35.93 -20.77
N GLY B 392 -1.39 35.80 -20.98
CA GLY B 392 -2.31 36.69 -20.30
C GLY B 392 -2.30 36.51 -18.79
N GLN B 393 -2.30 35.25 -18.33
CA GLN B 393 -2.20 35.00 -16.90
C GLN B 393 -0.88 35.51 -16.35
N ALA B 394 0.23 35.30 -17.07
CA ALA B 394 1.50 35.85 -16.61
C ALA B 394 1.43 37.38 -16.51
N LEU B 395 0.78 38.04 -17.48
CA LEU B 395 0.63 39.50 -17.42
C LEU B 395 -0.24 39.91 -16.24
N LEU B 396 -1.28 39.14 -15.97
CA LEU B 396 -2.14 39.45 -14.85
C LEU B 396 -1.44 39.22 -13.53
N ALA B 397 -0.66 38.13 -13.45
CA ALA B 397 0.11 37.87 -12.24
C ALA B 397 1.06 39.02 -11.96
N LYS B 398 1.70 39.54 -13.02
CA LYS B 398 2.60 40.68 -12.82
C LYS B 398 1.83 41.89 -12.37
N ARG B 399 0.62 42.07 -12.90
CA ARG B 399 -0.17 43.23 -12.53
C ARG B 399 -0.56 43.18 -11.06
N MET B 400 -0.69 41.99 -10.48
CA MET B 400 -1.05 41.80 -9.09
C MET B 400 0.14 41.87 -8.13
N GLY B 401 1.32 42.22 -8.65
CA GLY B 401 2.52 42.16 -7.86
C GLY B 401 3.11 40.78 -7.68
N LYS B 402 2.39 39.71 -8.04
CA LYS B 402 2.93 38.36 -7.91
C LYS B 402 4.27 38.24 -8.63
N SER B 403 5.20 37.53 -8.02
CA SER B 403 6.52 37.30 -8.63
C SER B 403 6.79 35.83 -8.97
N GLU B 404 5.86 34.92 -8.67
CA GLU B 404 6.07 33.51 -8.89
C GLU B 404 4.88 32.93 -9.62
N ILE B 405 5.12 31.83 -10.32
CA ILE B 405 4.09 31.08 -11.02
C ILE B 405 4.17 29.61 -10.59
N ILE B 406 3.03 29.01 -10.31
CA ILE B 406 2.90 27.57 -10.11
C ILE B 406 2.19 26.98 -11.32
N ALA B 407 2.54 25.74 -11.68
CA ALA B 407 1.81 25.11 -12.77
C ALA B 407 2.05 23.61 -12.75
N GLU B 408 1.11 22.91 -13.37
CA GLU B 408 1.02 21.46 -13.42
C GLU B 408 1.16 21.01 -14.87
N THR B 409 1.78 19.86 -15.10
CA THR B 409 1.92 19.36 -16.46
C THR B 409 1.99 17.85 -16.46
N GLY B 410 1.48 17.24 -17.52
CA GLY B 410 1.66 15.83 -17.80
C GLY B 410 2.69 15.63 -18.89
N ALA B 411 2.24 15.56 -20.15
CA ALA B 411 3.17 15.37 -21.27
C ALA B 411 4.24 16.45 -21.32
N GLY B 412 3.94 17.64 -20.79
CA GLY B 412 4.92 18.71 -20.64
C GLY B 412 4.68 19.97 -21.44
N GLN B 413 3.67 20.06 -22.32
CA GLN B 413 3.56 21.26 -23.16
C GLN B 413 2.98 22.44 -22.41
N HIS B 414 2.13 22.20 -21.42
CA HIS B 414 1.70 23.32 -20.60
C HIS B 414 2.81 23.78 -19.66
N GLY B 415 3.64 22.85 -19.19
CA GLY B 415 4.83 23.25 -18.44
C GLY B 415 5.75 24.12 -19.26
N VAL B 416 5.97 23.77 -20.53
CA VAL B 416 6.87 24.55 -21.38
C VAL B 416 6.30 25.94 -21.63
N ALA B 417 4.98 26.04 -21.87
CA ALA B 417 4.34 27.33 -22.10
C ALA B 417 4.52 28.24 -20.89
N SER B 418 4.19 27.72 -19.68
CA SER B 418 4.35 28.54 -18.48
C SER B 418 5.80 28.91 -18.27
N ALA B 419 6.73 28.02 -18.62
CA ALA B 419 8.13 28.35 -18.46
C ALA B 419 8.51 29.51 -19.37
N LEU B 420 8.13 29.45 -20.65
CA LEU B 420 8.54 30.52 -21.57
C LEU B 420 7.86 31.84 -21.22
N ALA B 421 6.59 31.79 -20.82
CA ALA B 421 5.95 33.03 -20.40
C ALA B 421 6.64 33.59 -19.16
N SER B 422 7.07 32.71 -18.24
CA SER B 422 7.75 33.19 -17.05
C SER B 422 9.15 33.72 -17.39
N ALA B 423 9.84 33.11 -18.35
CA ALA B 423 11.17 33.60 -18.69
C ALA B 423 11.08 34.98 -19.34
N LEU B 424 10.08 35.20 -20.20
CA LEU B 424 9.92 36.49 -20.84
C LEU B 424 9.65 37.57 -19.81
N LEU B 425 8.60 37.39 -19.00
CA LEU B 425 8.03 38.37 -18.09
C LEU B 425 8.73 38.41 -16.74
N GLY B 426 9.86 37.72 -16.58
CA GLY B 426 10.65 37.78 -15.36
C GLY B 426 10.03 37.17 -14.12
N LEU B 427 9.15 36.19 -14.28
CA LEU B 427 8.59 35.51 -13.11
C LEU B 427 9.40 34.26 -12.79
N LYS B 428 9.41 33.88 -11.51
CA LYS B 428 10.09 32.66 -11.06
C LYS B 428 9.07 31.52 -11.06
N CYS B 429 9.29 30.52 -11.91
CA CYS B 429 8.26 29.54 -12.25
C CYS B 429 8.60 28.16 -11.71
N ARG B 430 7.65 27.56 -10.98
CA ARG B 430 7.79 26.18 -10.52
C ARG B 430 6.63 25.32 -11.04
N ILE B 431 6.99 24.17 -11.60
CA ILE B 431 6.09 23.31 -12.36
C ILE B 431 6.08 21.92 -11.71
N TYR B 432 4.91 21.48 -11.25
CA TYR B 432 4.72 20.16 -10.69
C TYR B 432 4.44 19.13 -11.80
N MET B 433 5.01 17.94 -11.64
CA MET B 433 4.93 16.95 -12.71
C MET B 433 5.19 15.57 -12.11
N GLY B 434 4.26 14.65 -12.38
CA GLY B 434 4.43 13.27 -11.96
C GLY B 434 5.77 12.67 -12.35
N ALA B 435 6.46 12.08 -11.37
CA ALA B 435 7.78 11.51 -11.63
C ALA B 435 7.71 10.45 -12.71
N LYS B 436 6.56 9.79 -12.83
CA LYS B 436 6.23 8.98 -13.99
C LYS B 436 6.53 9.75 -15.27
N ASP B 437 5.91 10.94 -15.37
CA ASP B 437 5.99 11.82 -16.54
C ASP B 437 7.32 12.53 -16.65
N VAL B 438 8.16 12.48 -15.63
CA VAL B 438 9.45 13.11 -15.73
C VAL B 438 10.47 12.25 -16.47
N GLU B 439 10.34 10.92 -16.45
CA GLU B 439 11.27 10.10 -17.23
C GLU B 439 10.72 9.73 -18.59
N ARG B 440 9.40 9.75 -18.75
CA ARG B 440 8.85 9.61 -20.09
C ARG B 440 8.97 10.89 -20.94
N GLN B 441 9.34 12.05 -20.34
CA GLN B 441 9.57 13.30 -21.11
C GLN B 441 10.83 14.03 -20.64
N SER B 442 11.98 13.41 -20.86
CA SER B 442 13.21 14.13 -20.61
C SER B 442 13.35 15.39 -21.48
N PRO B 443 12.97 15.41 -22.77
CA PRO B 443 13.16 16.64 -23.55
C PRO B 443 12.42 17.85 -23.00
N ASN B 444 11.13 17.71 -22.69
CA ASN B 444 10.37 18.85 -22.19
C ASN B 444 10.85 19.28 -20.83
N VAL B 445 11.17 18.33 -19.95
CA VAL B 445 11.77 18.70 -18.66
C VAL B 445 12.99 19.57 -18.89
N PHE B 446 13.86 19.15 -19.82
CA PHE B 446 15.06 19.93 -20.10
C PHE B 446 14.68 21.28 -20.69
N ARG B 447 13.71 21.31 -21.59
CA ARG B 447 13.26 22.58 -22.13
C ARG B 447 12.79 23.48 -21.00
N MET B 448 12.01 22.94 -20.07
CA MET B 448 11.52 23.78 -18.98
C MET B 448 12.67 24.28 -18.13
N ARG B 449 13.75 23.52 -18.03
CA ARG B 449 14.92 23.90 -17.25
C ARG B 449 15.91 24.72 -18.08
N LEU B 450 16.13 24.35 -19.35
CA LEU B 450 16.84 25.20 -20.29
C LEU B 450 16.22 26.59 -20.22
N MET B 451 14.95 26.66 -20.61
CA MET B 451 14.14 27.83 -20.37
C MET B 451 13.89 27.99 -18.92
N GLY B 452 14.54 27.17 -18.13
CA GLY B 452 14.58 27.04 -16.67
C GLY B 452 13.57 27.65 -15.70
N ALA B 453 12.34 27.12 -15.65
CA ALA B 453 11.64 27.06 -14.38
C ALA B 453 12.29 26.03 -13.47
N GLU B 454 11.53 25.49 -12.54
CA GLU B 454 11.96 24.47 -11.62
C GLU B 454 10.90 23.39 -11.72
N VAL B 455 11.27 22.17 -12.08
CA VAL B 455 10.28 21.11 -12.25
C VAL B 455 10.35 20.24 -11.01
N ILE B 456 9.25 20.20 -10.27
CA ILE B 456 9.12 19.52 -8.98
C ILE B 456 8.39 18.20 -9.23
N PRO B 457 9.08 17.05 -9.21
CA PRO B 457 8.38 15.78 -9.51
C PRO B 457 7.62 15.26 -8.29
N VAL B 458 6.35 14.90 -8.50
CA VAL B 458 5.51 14.38 -7.43
C VAL B 458 5.47 12.85 -7.50
N HIS B 459 5.83 12.20 -6.38
CA HIS B 459 5.81 10.74 -6.24
C HIS B 459 4.60 10.24 -5.44
N SER B 460 3.58 11.07 -5.26
CA SER B 460 2.44 10.74 -4.41
C SER B 460 1.44 9.88 -5.18
N GLY B 461 1.35 8.60 -4.80
CA GLY B 461 0.32 7.72 -5.30
C GLY B 461 0.44 7.37 -6.76
N SER B 462 0.14 8.32 -7.64
CA SER B 462 0.34 8.14 -9.07
C SER B 462 1.13 9.33 -9.62
N ALA B 463 2.19 9.04 -10.34
CA ALA B 463 3.00 10.16 -10.82
C ALA B 463 2.37 10.75 -12.07
N THR B 464 1.10 11.08 -12.00
CA THR B 464 0.36 11.51 -13.17
C THR B 464 -0.21 12.90 -12.92
N LEU B 465 -0.73 13.49 -14.01
CA LEU B 465 -1.10 14.90 -14.00
C LEU B 465 -2.07 15.23 -12.88
N LYS B 466 -3.05 14.34 -12.62
CA LYS B 466 -4.07 14.63 -11.60
C LYS B 466 -3.49 14.58 -10.19
N ASP B 467 -2.28 14.06 -10.03
CA ASP B 467 -1.56 14.14 -8.75
C ASP B 467 -0.56 15.28 -8.67
N ALA B 468 -0.22 15.89 -9.80
CA ALA B 468 0.51 17.16 -9.77
C ALA B 468 -0.43 18.33 -9.53
N CYS B 469 -1.66 18.27 -10.06
CA CYS B 469 -2.69 19.22 -9.65
C CYS B 469 -2.84 19.29 -8.15
N ASN B 470 -2.86 18.13 -7.49
CA ASN B 470 -3.01 18.12 -6.04
C ASN B 470 -1.94 18.98 -5.37
N GLU B 471 -0.66 18.73 -5.68
CA GLU B 471 0.34 19.46 -4.93
C GLU B 471 0.51 20.88 -5.43
N ALA B 472 0.35 21.11 -6.74
CA ALA B 472 0.28 22.47 -7.26
C ALA B 472 -0.72 23.30 -6.48
N LEU B 473 -1.92 22.76 -6.25
CA LEU B 473 -2.95 23.48 -5.53
C LEU B 473 -2.62 23.61 -4.05
N ARG B 474 -2.20 22.52 -3.43
CA ARG B 474 -1.74 22.53 -2.04
C ARG B 474 -0.77 23.69 -1.86
N ASP B 475 0.13 23.83 -2.84
CA ASP B 475 1.14 24.87 -2.82
C ASP B 475 0.51 26.25 -2.93
N TRP B 476 -0.30 26.46 -3.98
CA TRP B 476 -1.01 27.74 -4.11
C TRP B 476 -1.77 28.10 -2.84
N SER B 477 -2.43 27.10 -2.22
CA SER B 477 -3.09 27.29 -0.93
C SER B 477 -2.28 28.14 0.04
N GLY B 478 -1.01 27.78 0.23
CA GLY B 478 -0.15 28.51 1.15
C GLY B 478 0.47 29.76 0.56
N SER B 479 0.76 29.76 -0.74
CA SER B 479 1.58 30.81 -1.33
C SER B 479 0.80 31.72 -2.28
N TYR B 480 -0.54 31.78 -2.17
CA TYR B 480 -1.30 32.56 -3.15
C TYR B 480 -0.99 34.05 -3.10
N GLU B 481 -0.39 34.53 -2.02
CA GLU B 481 -0.11 35.95 -1.95
C GLU B 481 1.13 36.35 -2.74
N THR B 482 1.96 35.38 -3.14
CA THR B 482 3.15 35.68 -3.94
C THR B 482 3.20 34.95 -5.28
N ALA B 483 2.41 33.88 -5.47
CA ALA B 483 2.43 33.04 -6.67
C ALA B 483 1.05 32.97 -7.31
N HIS B 484 1.01 33.02 -8.65
CA HIS B 484 -0.23 32.82 -9.38
C HIS B 484 -0.26 31.37 -9.87
N TYR B 485 -1.39 30.71 -9.67
CA TYR B 485 -1.56 29.35 -10.16
C TYR B 485 -2.08 29.40 -11.60
N MET B 486 -1.30 28.87 -12.54
CA MET B 486 -1.66 28.87 -13.95
C MET B 486 -2.49 27.64 -14.29
N LEU B 487 -3.80 27.73 -14.10
CA LEU B 487 -4.65 26.61 -14.51
C LEU B 487 -4.59 26.47 -16.02
N GLY B 488 -4.44 25.23 -16.49
CA GLY B 488 -4.10 24.97 -17.87
C GLY B 488 -5.24 24.79 -18.83
N THR B 489 -6.49 24.85 -18.37
CA THR B 489 -7.62 24.72 -19.25
C THR B 489 -8.70 25.70 -18.81
N ALA B 490 -9.84 25.64 -19.50
CA ALA B 490 -11.04 26.39 -19.11
C ALA B 490 -12.00 25.58 -18.25
N ALA B 491 -11.49 24.71 -17.38
CA ALA B 491 -12.28 24.04 -16.38
C ALA B 491 -11.91 24.61 -15.03
N GLY B 492 -12.45 24.04 -13.98
CA GLY B 492 -12.04 24.45 -12.65
C GLY B 492 -12.97 25.48 -12.08
N PRO B 493 -12.57 26.08 -10.96
CA PRO B 493 -13.45 27.01 -10.27
C PRO B 493 -13.33 28.42 -10.82
N HIS B 494 -14.39 29.18 -10.61
CA HIS B 494 -14.46 30.58 -11.03
C HIS B 494 -13.34 31.35 -10.32
N PRO B 495 -12.72 32.32 -10.99
CA PRO B 495 -12.94 32.92 -12.29
C PRO B 495 -12.20 32.23 -13.45
N TYR B 496 -11.60 31.07 -13.21
CA TYR B 496 -10.75 30.49 -14.23
C TYR B 496 -11.46 30.22 -15.55
N PRO B 497 -12.63 29.56 -15.59
CA PRO B 497 -13.30 29.36 -16.89
C PRO B 497 -13.57 30.66 -17.63
N THR B 498 -13.80 31.76 -16.90
CA THR B 498 -14.02 33.06 -17.53
C THR B 498 -12.71 33.66 -17.99
N ILE B 499 -11.71 33.66 -17.14
CA ILE B 499 -10.40 34.21 -17.50
C ILE B 499 -9.85 33.53 -18.74
N VAL B 500 -9.98 32.21 -18.81
CA VAL B 500 -9.41 31.48 -19.94
C VAL B 500 -10.15 31.81 -21.23
N ARG B 501 -11.48 31.82 -21.19
CA ARG B 501 -12.24 32.26 -22.36
C ARG B 501 -11.77 33.63 -22.84
N GLU B 502 -11.69 34.61 -21.92
CA GLU B 502 -11.30 35.96 -22.33
C GLU B 502 -9.89 35.99 -22.90
N PHE B 503 -8.96 35.19 -22.37
CA PHE B 503 -7.60 35.21 -22.93
C PHE B 503 -7.43 34.30 -24.15
N GLN B 504 -8.49 33.61 -24.60
CA GLN B 504 -8.46 32.90 -25.87
C GLN B 504 -9.39 33.48 -26.96
N ARG B 505 -10.31 34.39 -26.62
CA ARG B 505 -11.38 34.68 -27.57
C ARG B 505 -10.85 35.29 -28.86
N MET B 506 -9.61 35.80 -28.88
CA MET B 506 -9.05 36.33 -30.11
C MET B 506 -8.86 35.26 -31.19
N ILE B 507 -8.82 33.97 -30.85
CA ILE B 507 -8.87 32.93 -31.88
C ILE B 507 -10.09 33.11 -32.76
N GLY B 508 -11.26 33.16 -32.12
CA GLY B 508 -12.49 33.28 -32.87
C GLY B 508 -12.63 34.63 -33.55
N GLU B 509 -12.26 35.71 -32.85
CA GLU B 509 -12.32 37.03 -33.47
C GLU B 509 -11.51 37.05 -34.75
N GLU B 510 -10.23 36.67 -34.67
CA GLU B 510 -9.39 36.63 -35.87
C GLU B 510 -10.05 35.78 -36.95
N THR B 511 -10.55 34.60 -36.59
CA THR B 511 -11.18 33.73 -37.57
C THR B 511 -12.34 34.42 -38.25
N LYS B 512 -13.21 35.08 -37.47
CA LYS B 512 -14.35 35.78 -38.04
C LYS B 512 -13.89 36.85 -39.03
N ALA B 513 -12.89 37.65 -38.65
CA ALA B 513 -12.38 38.67 -39.57
C ALA B 513 -11.79 38.02 -40.83
N GLN B 514 -10.86 37.08 -40.66
CA GLN B 514 -10.17 36.49 -41.81
C GLN B 514 -11.17 35.83 -42.76
N ILE B 515 -12.17 35.15 -42.21
CA ILE B 515 -13.15 34.46 -43.04
C ILE B 515 -14.10 35.46 -43.70
N LEU B 516 -14.45 36.55 -43.01
CA LEU B 516 -15.23 37.60 -43.66
C LEU B 516 -14.41 38.30 -44.73
N ASP B 517 -13.12 38.05 -44.78
CA ASP B 517 -12.27 38.69 -45.77
C ASP B 517 -12.01 37.79 -46.97
N LYS B 518 -11.96 36.49 -46.78
CA LYS B 518 -11.62 35.56 -47.85
C LYS B 518 -12.84 34.89 -48.46
N GLU B 519 -14.01 35.01 -47.82
CA GLU B 519 -15.24 34.43 -48.33
C GLU B 519 -16.42 35.38 -48.20
N GLY B 520 -16.21 36.58 -47.68
CA GLY B 520 -17.27 37.57 -47.56
C GLY B 520 -18.48 37.15 -46.77
N ARG B 521 -18.46 35.98 -46.14
CA ARG B 521 -19.53 35.60 -45.23
C ARG B 521 -18.98 34.90 -43.99
N LEU B 522 -19.85 34.76 -42.99
CA LEU B 522 -19.55 33.94 -41.84
C LEU B 522 -19.48 32.47 -42.24
N PRO B 523 -18.73 31.65 -41.51
CA PRO B 523 -18.69 30.23 -41.84
C PRO B 523 -19.97 29.53 -41.44
N ASP B 524 -20.19 28.36 -42.03
CA ASP B 524 -21.32 27.52 -41.67
C ASP B 524 -21.15 26.91 -40.28
N ALA B 525 -19.96 26.35 -40.01
CA ALA B 525 -19.65 25.74 -38.72
C ALA B 525 -18.16 25.84 -38.45
N VAL B 526 -17.81 26.22 -37.21
CA VAL B 526 -16.45 26.11 -36.69
C VAL B 526 -16.37 24.87 -35.80
N ILE B 527 -15.31 24.10 -35.96
CA ILE B 527 -15.16 22.79 -35.35
C ILE B 527 -13.91 22.77 -34.49
N ALA B 528 -14.05 22.34 -33.23
CA ALA B 528 -12.91 22.26 -32.33
C ALA B 528 -13.02 21.04 -31.43
N CYS B 529 -11.87 20.47 -31.09
CA CYS B 529 -11.90 19.39 -30.11
C CYS B 529 -12.12 19.96 -28.71
N VAL B 530 -12.83 19.20 -27.87
CA VAL B 530 -13.15 19.60 -26.51
C VAL B 530 -12.59 18.56 -25.54
N GLY B 531 -11.43 18.88 -24.94
CA GLY B 531 -10.91 18.15 -23.79
C GLY B 531 -11.16 18.91 -22.49
N GLY B 532 -10.21 19.74 -22.09
CA GLY B 532 -10.53 20.72 -21.06
C GLY B 532 -11.59 21.69 -21.54
N GLY B 533 -11.48 22.15 -22.79
CA GLY B 533 -12.42 23.09 -23.38
C GLY B 533 -11.85 24.46 -23.78
N SER B 534 -10.56 24.75 -23.59
CA SER B 534 -10.06 26.11 -23.77
C SER B 534 -9.89 26.50 -25.23
N ASN B 535 -9.39 25.62 -26.11
CA ASN B 535 -9.25 26.04 -27.50
C ASN B 535 -10.63 26.16 -28.16
N ALA B 536 -11.56 25.29 -27.78
CA ALA B 536 -12.89 25.35 -28.34
C ALA B 536 -13.61 26.62 -27.94
N ILE B 537 -13.62 26.95 -26.64
CA ILE B 537 -14.34 28.14 -26.21
C ILE B 537 -13.69 29.39 -26.78
N GLY B 538 -12.37 29.37 -27.00
CA GLY B 538 -11.74 30.52 -27.63
C GLY B 538 -12.10 30.67 -29.09
N MET B 539 -12.37 29.55 -29.76
CA MET B 539 -12.88 29.60 -31.11
C MET B 539 -14.36 30.01 -31.13
N PHE B 540 -15.16 29.52 -30.17
CA PHE B 540 -16.60 29.76 -30.21
C PHE B 540 -16.95 31.19 -29.81
N ALA B 541 -16.27 31.72 -28.80
CA ALA B 541 -16.81 32.85 -28.04
C ALA B 541 -17.42 33.91 -28.96
N ASP B 542 -16.67 34.37 -29.95
CA ASP B 542 -17.19 35.46 -30.78
C ASP B 542 -18.41 35.05 -31.59
N PHE B 543 -18.54 33.79 -31.96
CA PHE B 543 -19.65 33.33 -32.79
C PHE B 543 -20.93 33.06 -32.01
N ILE B 544 -20.90 33.14 -30.67
CA ILE B 544 -22.07 32.73 -29.90
C ILE B 544 -23.33 33.49 -30.37
N ASN B 545 -23.20 34.78 -30.65
CA ASN B 545 -24.31 35.63 -31.11
C ASN B 545 -24.57 35.58 -32.63
N ASP B 546 -23.90 34.71 -33.37
CA ASP B 546 -24.08 34.58 -34.82
C ASP B 546 -24.78 33.25 -35.08
N THR B 547 -26.10 33.25 -34.83
CA THR B 547 -26.90 32.04 -34.87
C THR B 547 -26.58 31.13 -36.06
N SER B 548 -26.44 31.69 -37.26
CA SER B 548 -26.16 30.87 -38.45
C SER B 548 -24.93 29.97 -38.29
N VAL B 549 -23.96 30.39 -37.49
CA VAL B 549 -22.68 29.70 -37.37
C VAL B 549 -22.83 28.53 -36.43
N GLY B 550 -22.66 27.32 -36.96
CA GLY B 550 -22.62 26.16 -36.10
C GLY B 550 -21.36 26.15 -35.25
N LEU B 551 -21.52 25.79 -33.98
CA LEU B 551 -20.43 25.54 -33.04
C LEU B 551 -20.38 24.03 -32.82
N ILE B 552 -19.38 23.36 -33.36
CA ILE B 552 -19.29 21.92 -33.22
C ILE B 552 -18.06 21.57 -32.38
N GLY B 553 -18.30 20.88 -31.27
CA GLY B 553 -17.25 20.46 -30.35
C GLY B 553 -17.14 18.95 -30.37
N VAL B 554 -15.89 18.49 -30.47
CA VAL B 554 -15.60 17.09 -30.73
C VAL B 554 -14.92 16.51 -29.50
N GLU B 555 -15.65 15.69 -28.74
CA GLU B 555 -14.96 14.97 -27.68
C GLU B 555 -14.33 13.71 -28.20
N PRO B 556 -13.35 13.16 -27.50
CA PRO B 556 -12.71 11.92 -27.96
C PRO B 556 -13.56 10.71 -27.62
N GLY B 557 -13.81 9.86 -28.61
CA GLY B 557 -14.53 8.62 -28.41
C GLY B 557 -13.68 7.44 -28.05
N GLY B 558 -12.37 7.61 -27.95
CA GLY B 558 -11.53 6.52 -27.48
C GLY B 558 -11.66 5.31 -28.39
N HIS B 559 -11.92 4.16 -27.77
CA HIS B 559 -12.17 2.93 -28.50
C HIS B 559 -13.61 2.83 -28.99
N GLY B 560 -14.46 3.79 -28.64
CA GLY B 560 -15.88 3.72 -28.94
C GLY B 560 -16.74 3.93 -27.71
N ILE B 561 -17.82 4.71 -27.86
CA ILE B 561 -18.62 5.11 -26.70
C ILE B 561 -19.12 3.90 -25.94
N GLU B 562 -19.59 2.88 -26.66
CA GLU B 562 -20.11 1.64 -26.08
C GLU B 562 -19.04 0.75 -25.46
N THR B 563 -17.76 1.07 -25.63
CA THR B 563 -16.70 0.35 -24.94
C THR B 563 -16.39 0.95 -23.56
N GLY B 564 -17.08 2.04 -23.18
CA GLY B 564 -16.88 2.76 -21.93
C GLY B 564 -15.57 3.50 -21.80
N GLU B 565 -14.60 3.22 -22.68
CA GLU B 565 -13.29 3.89 -22.69
C GLU B 565 -13.30 5.03 -23.71
N HIS B 566 -13.99 6.11 -23.32
CA HIS B 566 -14.00 7.35 -24.07
C HIS B 566 -13.61 8.52 -23.17
N GLY B 567 -13.75 9.73 -23.67
CA GLY B 567 -13.54 10.94 -22.89
C GLY B 567 -14.60 11.96 -23.20
N ALA B 568 -15.84 11.49 -23.33
CA ALA B 568 -16.95 12.31 -23.82
C ALA B 568 -18.00 12.48 -22.73
N PRO B 569 -17.65 13.14 -21.63
CA PRO B 569 -18.63 13.33 -20.55
C PRO B 569 -19.76 14.28 -20.91
N LEU B 570 -19.60 15.14 -21.94
CA LEU B 570 -20.65 16.09 -22.27
C LEU B 570 -21.92 15.38 -22.68
N LYS B 571 -21.79 14.38 -23.55
CA LYS B 571 -22.92 13.64 -24.08
C LYS B 571 -23.10 12.27 -23.47
N HIS B 572 -22.11 11.76 -22.72
CA HIS B 572 -22.24 10.45 -22.09
C HIS B 572 -21.84 10.42 -20.62
N GLY B 573 -21.57 11.57 -20.01
CA GLY B 573 -21.28 11.64 -18.60
C GLY B 573 -22.51 11.97 -17.79
N ARG B 574 -22.31 12.70 -16.70
CA ARG B 574 -23.35 13.01 -15.73
C ARG B 574 -22.89 14.20 -14.91
N VAL B 575 -23.78 15.16 -14.67
CA VAL B 575 -23.34 16.32 -13.91
C VAL B 575 -22.92 15.86 -12.52
N GLY B 576 -21.71 16.25 -12.12
CA GLY B 576 -21.24 16.08 -10.75
C GLY B 576 -20.42 17.27 -10.29
N ILE B 577 -19.80 17.18 -9.12
CA ILE B 577 -18.95 18.22 -8.57
C ILE B 577 -17.55 17.66 -8.49
N TYR B 578 -16.56 18.40 -9.03
CA TYR B 578 -15.18 17.94 -9.06
C TYR B 578 -14.26 18.99 -9.71
N PHE B 579 -12.99 19.04 -9.31
CA PHE B 579 -12.08 20.07 -9.80
C PHE B 579 -12.63 21.47 -9.55
N GLY B 580 -13.45 21.64 -8.53
CA GLY B 580 -13.89 22.96 -8.14
C GLY B 580 -15.07 23.52 -8.92
N MET B 581 -15.77 22.69 -9.68
CA MET B 581 -16.84 23.18 -10.54
C MET B 581 -17.93 22.12 -10.63
N LYS B 582 -19.15 22.56 -10.96
CA LYS B 582 -20.26 21.67 -11.22
C LYS B 582 -20.36 21.50 -12.74
N ALA B 583 -20.07 20.30 -13.23
CA ALA B 583 -19.96 20.08 -14.66
C ALA B 583 -20.20 18.62 -14.96
N PRO B 584 -20.62 18.28 -16.17
CA PRO B 584 -20.73 16.86 -16.52
C PRO B 584 -19.36 16.20 -16.40
N MET B 585 -19.36 15.01 -15.81
CA MET B 585 -18.12 14.27 -15.72
C MET B 585 -18.42 12.79 -15.85
N MET B 586 -17.42 12.03 -16.26
CA MET B 586 -17.55 10.58 -16.31
C MET B 586 -17.48 10.06 -14.88
N GLN B 587 -18.58 9.49 -14.40
CA GLN B 587 -18.57 8.97 -13.05
C GLN B 587 -19.31 7.64 -12.96
N THR B 588 -18.79 6.78 -12.07
CA THR B 588 -19.42 5.52 -11.72
C THR B 588 -20.81 5.77 -11.11
N ALA B 589 -21.55 4.67 -10.96
CA ALA B 589 -22.90 4.76 -10.44
C ALA B 589 -22.95 5.46 -9.07
N ASP B 590 -22.01 5.15 -8.17
CA ASP B 590 -22.10 5.67 -6.81
C ASP B 590 -21.30 6.96 -6.63
N GLY B 591 -20.81 7.55 -7.70
CA GLY B 591 -20.22 8.88 -7.61
C GLY B 591 -18.71 8.94 -7.52
N GLN B 592 -18.00 7.86 -7.82
CA GLN B 592 -16.56 7.96 -8.02
C GLN B 592 -16.29 8.59 -9.38
N ILE B 593 -15.23 9.39 -9.47
CA ILE B 593 -14.82 9.93 -10.76
C ILE B 593 -14.12 8.82 -11.53
N GLU B 594 -14.65 8.48 -12.69
CA GLU B 594 -14.10 7.37 -13.44
C GLU B 594 -13.10 7.86 -14.48
N GLU B 595 -12.27 6.92 -14.93
CA GLU B 595 -11.16 7.24 -15.82
C GLU B 595 -11.65 7.45 -17.24
N SER B 596 -11.15 8.51 -17.86
CA SER B 596 -11.34 8.75 -19.27
C SER B 596 -10.24 8.05 -20.05
N TYR B 597 -10.53 7.76 -21.33
CA TYR B 597 -9.49 7.25 -22.22
C TYR B 597 -9.54 7.96 -23.57
N SER B 598 -8.36 8.20 -24.13
CA SER B 598 -8.13 8.66 -25.49
C SER B 598 -6.64 8.57 -25.78
N ILE B 599 -6.29 8.31 -27.04
CA ILE B 599 -4.87 8.24 -27.39
C ILE B 599 -4.22 9.60 -27.40
N SER B 600 -5.01 10.66 -27.39
CA SER B 600 -4.49 12.01 -27.23
C SER B 600 -4.48 12.35 -25.75
N ALA B 601 -3.31 12.73 -25.24
CA ALA B 601 -3.19 13.07 -23.82
C ALA B 601 -4.05 14.26 -23.48
N GLY B 602 -3.95 15.33 -24.27
CA GLY B 602 -4.64 16.57 -23.96
C GLY B 602 -6.14 16.45 -23.92
N LEU B 603 -6.69 15.37 -24.48
CA LEU B 603 -8.12 15.13 -24.47
C LEU B 603 -8.52 14.17 -23.39
N ASP B 604 -7.56 13.71 -22.58
CA ASP B 604 -7.79 12.70 -21.57
C ASP B 604 -8.13 13.36 -20.24
N PHE B 605 -9.33 13.95 -20.22
CA PHE B 605 -9.84 14.66 -19.05
C PHE B 605 -11.24 14.11 -18.78
N PRO B 606 -11.54 13.68 -17.55
CA PRO B 606 -12.85 13.10 -17.26
C PRO B 606 -13.99 14.10 -17.17
N SER B 607 -13.73 15.40 -17.31
CA SER B 607 -14.81 16.38 -17.34
C SER B 607 -14.69 17.32 -18.54
N VAL B 608 -15.16 18.55 -18.38
CA VAL B 608 -15.27 19.49 -19.48
C VAL B 608 -15.59 20.85 -18.87
N GLY B 609 -15.13 21.91 -19.52
CA GLY B 609 -15.37 23.27 -19.06
C GLY B 609 -16.85 23.56 -18.88
N PRO B 610 -17.18 24.38 -17.89
CA PRO B 610 -18.59 24.58 -17.58
C PRO B 610 -19.33 25.33 -18.69
N GLN B 611 -18.66 26.17 -19.47
CA GLN B 611 -19.40 26.90 -20.51
C GLN B 611 -19.85 25.99 -21.64
N HIS B 612 -19.15 24.88 -21.90
CA HIS B 612 -19.60 23.98 -22.95
C HIS B 612 -20.82 23.19 -22.51
N ALA B 613 -20.84 22.77 -21.25
CA ALA B 613 -22.03 22.11 -20.73
C ALA B 613 -23.25 23.01 -20.88
N TYR B 614 -23.06 24.32 -20.68
CA TYR B 614 -24.17 25.26 -20.81
C TYR B 614 -24.56 25.43 -22.27
N LEU B 615 -23.60 25.74 -23.13
CA LEU B 615 -23.92 25.93 -24.54
C LEU B 615 -24.65 24.72 -25.10
N ASN B 616 -24.41 23.55 -24.50
CA ASN B 616 -25.08 22.36 -25.01
C ASN B 616 -26.45 22.21 -24.40
N SER B 617 -26.66 22.77 -23.22
CA SER B 617 -27.97 22.68 -22.59
C SER B 617 -28.98 23.58 -23.32
N ILE B 618 -28.52 24.75 -23.78
CA ILE B 618 -29.37 25.71 -24.49
C ILE B 618 -29.32 25.43 -25.98
N GLY B 619 -28.63 24.34 -26.35
CA GLY B 619 -28.56 23.88 -27.73
C GLY B 619 -27.84 24.78 -28.72
N ARG B 620 -27.11 25.82 -28.24
CA ARG B 620 -26.33 26.67 -29.13
C ARG B 620 -25.15 25.93 -29.75
N ALA B 621 -24.51 25.02 -29.00
CA ALA B 621 -23.41 24.23 -29.53
C ALA B 621 -23.80 22.75 -29.60
N ASP B 622 -23.18 22.04 -30.53
CA ASP B 622 -23.49 20.63 -30.81
C ASP B 622 -22.23 19.81 -30.64
N TYR B 623 -22.25 18.85 -29.71
CA TYR B 623 -21.07 18.09 -29.35
C TYR B 623 -21.16 16.67 -29.89
N VAL B 624 -20.11 16.24 -30.59
CA VAL B 624 -20.03 14.92 -31.21
C VAL B 624 -18.80 14.21 -30.66
N SER B 625 -18.49 13.04 -31.22
CA SER B 625 -17.27 12.34 -30.82
C SER B 625 -16.59 11.75 -32.05
N ILE B 626 -15.28 11.57 -31.93
CA ILE B 626 -14.43 10.97 -32.95
C ILE B 626 -13.58 9.92 -32.25
N THR B 627 -13.44 8.75 -32.86
CA THR B 627 -12.73 7.66 -32.19
C THR B 627 -11.22 7.80 -32.37
N ASP B 628 -10.48 7.07 -31.54
CA ASP B 628 -9.04 6.96 -31.72
C ASP B 628 -8.67 6.78 -33.19
N ASP B 629 -9.35 5.87 -33.89
CA ASP B 629 -8.93 5.48 -35.24
C ASP B 629 -9.33 6.51 -36.29
N GLU B 630 -10.53 7.09 -36.18
CA GLU B 630 -10.86 8.20 -37.07
C GLU B 630 -9.86 9.34 -36.92
N ALA B 631 -9.53 9.69 -35.68
CA ALA B 631 -8.54 10.72 -35.43
C ALA B 631 -7.22 10.37 -36.08
N LEU B 632 -6.77 9.13 -35.89
CA LEU B 632 -5.53 8.66 -36.49
C LEU B 632 -5.53 8.89 -38.00
N GLU B 633 -6.57 8.43 -38.69
CA GLU B 633 -6.62 8.57 -40.14
C GLU B 633 -6.63 10.04 -40.57
N ALA B 634 -7.20 10.93 -39.75
CA ALA B 634 -7.17 12.36 -40.07
C ALA B 634 -5.78 12.93 -39.85
N PHE B 635 -5.09 12.50 -38.79
CA PHE B 635 -3.67 12.80 -38.64
C PHE B 635 -2.92 12.46 -39.92
N LYS B 636 -3.06 11.21 -40.40
CA LYS B 636 -2.30 10.78 -41.58
C LYS B 636 -2.68 11.60 -42.80
N THR B 637 -3.97 11.81 -43.00
CA THR B 637 -4.43 12.59 -44.17
C THR B 637 -3.77 13.97 -44.20
N LEU B 638 -3.78 14.70 -43.08
CA LEU B 638 -3.31 16.09 -43.14
C LEU B 638 -1.80 16.16 -43.40
N CYS B 639 -1.02 15.17 -42.91
CA CYS B 639 0.40 15.10 -43.22
C CYS B 639 0.61 14.80 -44.68
N ARG B 640 -0.12 13.81 -45.18
CA ARG B 640 0.08 13.33 -46.53
C ARG B 640 -0.35 14.36 -47.58
N HIS B 641 -1.47 15.05 -47.36
CA HIS B 641 -2.02 15.88 -48.42
C HIS B 641 -2.06 17.37 -48.14
N GLU B 642 -1.73 17.83 -46.93
CA GLU B 642 -1.66 19.25 -46.68
C GLU B 642 -0.32 19.68 -46.12
N GLY B 643 0.61 18.77 -45.93
CA GLY B 643 1.92 19.15 -45.41
C GLY B 643 1.89 19.78 -44.04
N ILE B 644 0.93 19.38 -43.19
CA ILE B 644 0.80 19.91 -41.82
C ILE B 644 0.70 18.74 -40.86
N ILE B 645 1.54 18.71 -39.84
CA ILE B 645 1.43 17.62 -38.88
C ILE B 645 0.60 18.10 -37.70
N PRO B 646 -0.64 17.68 -37.59
CA PRO B 646 -1.50 18.19 -36.53
C PRO B 646 -1.29 17.42 -35.24
N ALA B 647 -1.70 18.04 -34.14
CA ALA B 647 -1.69 17.34 -32.87
C ALA B 647 -2.80 16.31 -32.84
N LEU B 648 -2.61 15.27 -32.02
CA LEU B 648 -3.65 14.26 -31.95
C LEU B 648 -4.94 14.82 -31.38
N GLU B 649 -4.85 15.90 -30.60
CA GLU B 649 -6.06 16.57 -30.11
C GLU B 649 -6.88 17.11 -31.26
N SER B 650 -6.30 18.03 -32.03
CA SER B 650 -7.00 18.77 -33.08
C SER B 650 -7.46 17.85 -34.20
N SER B 651 -6.75 16.74 -34.41
CA SER B 651 -7.14 15.82 -35.47
C SER B 651 -8.42 15.06 -35.16
N HIS B 652 -8.95 15.17 -33.94
CA HIS B 652 -10.34 14.78 -33.69
C HIS B 652 -11.29 15.75 -34.36
N ALA B 653 -11.02 17.05 -34.23
CA ALA B 653 -11.86 18.04 -34.92
C ALA B 653 -11.75 17.85 -36.43
N LEU B 654 -10.53 17.79 -36.95
CA LEU B 654 -10.36 17.58 -38.39
C LEU B 654 -11.12 16.35 -38.88
N ALA B 655 -10.92 15.20 -38.21
CA ALA B 655 -11.60 13.98 -38.62
C ALA B 655 -13.11 14.18 -38.73
N HIS B 656 -13.69 14.93 -37.80
CA HIS B 656 -15.12 15.18 -37.90
C HIS B 656 -15.44 16.04 -39.13
N ALA B 657 -14.55 16.96 -39.52
CA ALA B 657 -14.84 17.75 -40.72
C ALA B 657 -14.85 16.86 -41.95
N LEU B 658 -13.93 15.89 -42.01
CA LEU B 658 -13.95 14.96 -43.14
C LEU B 658 -15.16 14.04 -43.09
N LYS B 659 -15.67 13.72 -41.91
CA LYS B 659 -16.96 13.05 -41.82
C LYS B 659 -18.09 13.93 -42.38
N MET B 660 -18.13 15.21 -41.98
CA MET B 660 -19.16 16.08 -42.52
C MET B 660 -19.02 16.29 -44.01
N MET B 661 -17.83 16.07 -44.55
CA MET B 661 -17.58 16.32 -45.97
C MET B 661 -17.94 15.10 -46.79
N ARG B 662 -17.52 13.92 -46.34
CA ARG B 662 -17.70 12.71 -47.12
C ARG B 662 -19.12 12.18 -47.07
N GLU B 663 -19.88 12.48 -46.00
CA GLU B 663 -21.29 12.08 -45.92
C GLU B 663 -22.21 13.00 -46.73
N GLN B 664 -21.81 14.25 -46.99
CA GLN B 664 -22.61 15.18 -47.78
C GLN B 664 -21.70 15.93 -48.76
N PRO B 665 -21.01 15.20 -49.66
CA PRO B 665 -19.99 15.82 -50.52
C PRO B 665 -20.55 16.66 -51.64
N GLU B 666 -21.84 16.55 -51.93
CA GLU B 666 -22.54 17.53 -52.77
C GLU B 666 -22.91 18.78 -51.99
N LYS B 667 -23.02 18.68 -50.67
CA LYS B 667 -23.41 19.80 -49.83
C LYS B 667 -22.33 20.88 -49.85
N GLU B 668 -22.77 22.13 -50.03
CA GLU B 668 -21.88 23.27 -49.87
C GLU B 668 -21.68 23.54 -48.38
N GLN B 669 -20.42 23.51 -47.93
CA GLN B 669 -20.06 23.70 -46.53
C GLN B 669 -18.81 24.57 -46.46
N LEU B 670 -18.91 25.72 -45.80
CA LEU B 670 -17.74 26.51 -45.42
C LEU B 670 -17.41 26.19 -43.96
N LEU B 671 -16.50 25.23 -43.75
CA LEU B 671 -16.09 24.81 -42.41
C LEU B 671 -14.74 25.38 -42.01
N VAL B 672 -14.64 25.84 -40.77
CA VAL B 672 -13.34 26.15 -40.17
C VAL B 672 -13.04 25.15 -39.06
N VAL B 673 -11.82 24.61 -39.07
CA VAL B 673 -11.35 23.67 -38.05
C VAL B 673 -10.21 24.34 -37.29
N ASN B 674 -10.29 24.32 -35.95
CA ASN B 674 -9.24 24.89 -35.11
C ASN B 674 -8.13 23.86 -34.95
N LEU B 675 -7.02 24.08 -35.67
CA LEU B 675 -5.78 23.34 -35.43
C LEU B 675 -5.17 23.86 -34.13
N SER B 676 -5.50 23.23 -32.99
CA SER B 676 -5.14 23.77 -31.68
C SER B 676 -3.66 23.64 -31.35
N GLY B 677 -2.95 22.71 -32.00
CA GLY B 677 -1.55 22.52 -31.65
C GLY B 677 -0.77 21.81 -32.73
N ARG B 678 0.53 22.13 -32.79
CA ARG B 678 1.51 21.37 -33.55
C ARG B 678 1.60 19.92 -33.06
N GLY B 679 1.88 19.00 -33.98
CA GLY B 679 1.90 17.57 -33.72
C GLY B 679 3.26 16.91 -33.59
N ASP B 680 4.36 17.64 -33.79
CA ASP B 680 5.68 17.07 -33.54
C ASP B 680 5.79 16.28 -32.24
N LYS B 681 4.92 16.55 -31.27
CA LYS B 681 4.93 15.85 -29.99
C LYS B 681 4.26 14.48 -30.05
N ASP B 682 3.52 14.18 -31.11
CA ASP B 682 2.74 12.96 -31.16
C ASP B 682 3.36 11.91 -32.07
N ILE B 683 4.53 12.20 -32.66
CA ILE B 683 5.11 11.29 -33.64
C ILE B 683 5.25 9.89 -33.06
N PHE B 684 5.88 9.78 -31.89
CA PHE B 684 6.14 8.47 -31.30
C PHE B 684 4.84 7.77 -30.93
N THR B 685 3.80 8.51 -30.55
CA THR B 685 2.54 7.85 -30.27
C THR B 685 1.94 7.27 -31.53
N VAL B 686 2.10 7.97 -32.66
CA VAL B 686 1.56 7.48 -33.92
C VAL B 686 2.46 6.40 -34.52
N HIS B 687 3.76 6.43 -34.21
CA HIS B 687 4.66 5.43 -34.76
C HIS B 687 4.40 4.06 -34.15
N ASP B 688 4.41 3.97 -32.82
CA ASP B 688 3.98 2.75 -32.17
C ASP B 688 2.67 2.23 -32.76
N ILE B 689 1.65 3.08 -32.82
CA ILE B 689 0.31 2.57 -33.10
C ILE B 689 0.27 1.89 -34.46
N LEU B 690 1.14 2.27 -35.37
CA LEU B 690 1.18 1.67 -36.70
C LEU B 690 2.06 0.42 -36.75
N LYS B 691 2.49 -0.06 -35.58
CA LYS B 691 3.42 -1.20 -35.42
C LYS B 691 4.85 -0.75 -35.70
N MET C 27 -6.58 -34.98 -13.51
CA MET C 27 -7.35 -35.39 -14.69
C MET C 27 -7.00 -34.60 -15.96
N GLU C 28 -8.02 -33.98 -16.58
CA GLU C 28 -7.99 -33.71 -18.02
C GLU C 28 -7.63 -32.27 -18.41
N ARG C 29 -8.16 -31.25 -17.73
CA ARG C 29 -8.01 -29.89 -18.23
C ARG C 29 -6.55 -29.55 -18.56
N TYR C 30 -5.59 -30.09 -17.81
CA TYR C 30 -4.20 -29.79 -18.18
C TYR C 30 -3.74 -30.61 -19.38
N GLU C 31 -4.17 -31.88 -19.44
CA GLU C 31 -3.76 -32.74 -20.56
C GLU C 31 -4.42 -32.30 -21.87
N ASN C 32 -5.70 -31.92 -21.80
CA ASN C 32 -6.42 -31.37 -22.95
C ASN C 32 -5.86 -30.03 -23.42
N LEU C 33 -4.97 -29.40 -22.64
CA LEU C 33 -4.39 -28.12 -23.04
C LEU C 33 -3.01 -28.26 -23.65
N PHE C 34 -2.18 -29.14 -23.10
CA PHE C 34 -0.89 -29.41 -23.72
C PHE C 34 -1.03 -30.21 -25.00
N ALA C 35 -2.17 -30.87 -25.21
CA ALA C 35 -2.50 -31.50 -26.48
C ALA C 35 -2.63 -30.47 -27.59
N GLN C 36 -3.72 -29.71 -27.56
CA GLN C 36 -3.98 -28.70 -28.57
C GLN C 36 -2.87 -27.66 -28.65
N LEU C 37 -2.06 -27.50 -27.60
CA LEU C 37 -0.95 -26.57 -27.69
C LEU C 37 0.23 -27.18 -28.45
N ASN C 38 0.36 -28.52 -28.45
CA ASN C 38 1.49 -29.16 -29.11
C ASN C 38 1.25 -29.31 -30.61
N ASP C 39 0.01 -29.50 -31.03
CA ASP C 39 -0.31 -29.58 -32.45
C ASP C 39 -0.77 -28.24 -33.03
N ARG C 40 -0.71 -27.17 -32.25
CA ARG C 40 -0.59 -25.82 -32.78
C ARG C 40 0.86 -25.34 -32.72
N ARG C 41 1.79 -26.24 -32.36
CA ARG C 41 3.22 -25.98 -32.25
C ARG C 41 3.51 -24.66 -31.51
N GLU C 42 3.08 -24.60 -30.24
CA GLU C 42 3.24 -23.37 -29.48
C GLU C 42 3.23 -23.65 -27.98
N GLY C 43 4.13 -22.95 -27.27
CA GLY C 43 4.17 -23.03 -25.82
C GLY C 43 2.94 -22.41 -25.15
N ALA C 44 2.84 -22.67 -23.85
CA ALA C 44 1.76 -22.10 -23.04
C ALA C 44 2.27 -20.94 -22.20
N PHE C 45 1.40 -19.94 -22.02
CA PHE C 45 1.65 -18.80 -21.14
C PHE C 45 0.69 -18.88 -19.97
N VAL C 46 1.24 -18.92 -18.75
CA VAL C 46 0.45 -18.97 -17.53
C VAL C 46 0.79 -17.71 -16.74
N PRO C 47 -0.14 -16.80 -16.53
CA PRO C 47 0.12 -15.69 -15.63
C PRO C 47 -0.17 -16.10 -14.19
N PHE C 48 0.53 -15.44 -13.27
CA PHE C 48 0.33 -15.65 -11.84
C PHE C 48 -0.18 -14.35 -11.22
N VAL C 49 -1.23 -14.43 -10.43
CA VAL C 49 -1.74 -13.27 -9.71
C VAL C 49 -2.30 -13.75 -8.36
N THR C 50 -2.31 -12.85 -7.38
CA THR C 50 -2.84 -13.16 -6.06
C THR C 50 -4.34 -12.90 -6.04
N LEU C 51 -5.12 -13.94 -5.75
CA LEU C 51 -6.56 -13.77 -5.65
C LEU C 51 -6.90 -12.61 -4.74
N GLY C 52 -7.82 -11.75 -5.21
CA GLY C 52 -8.29 -10.65 -4.39
C GLY C 52 -7.36 -9.45 -4.32
N ASP C 53 -6.28 -9.44 -5.09
CA ASP C 53 -5.39 -8.28 -5.13
C ASP C 53 -5.78 -7.40 -6.32
N PRO C 54 -6.12 -6.11 -6.11
CA PRO C 54 -6.08 -5.31 -4.87
C PRO C 54 -7.38 -5.35 -4.09
N GLY C 55 -8.38 -5.98 -4.69
CA GLY C 55 -9.67 -6.14 -4.05
C GLY C 55 -10.35 -7.28 -4.77
N ILE C 56 -11.45 -7.74 -4.18
CA ILE C 56 -12.13 -8.90 -4.75
C ILE C 56 -12.65 -8.58 -6.13
N GLU C 57 -13.39 -7.46 -6.26
CA GLU C 57 -14.02 -7.16 -7.54
C GLU C 57 -13.00 -6.82 -8.63
N GLN C 58 -11.99 -6.01 -8.30
CA GLN C 58 -10.99 -5.68 -9.31
C GLN C 58 -10.23 -6.92 -9.77
N SER C 59 -9.93 -7.85 -8.84
CA SER C 59 -9.19 -9.06 -9.19
C SER C 59 -9.95 -9.91 -10.20
N LEU C 60 -11.26 -10.11 -9.95
CA LEU C 60 -12.11 -10.81 -10.91
C LEU C 60 -11.88 -10.27 -12.32
N LYS C 61 -11.91 -8.93 -12.46
CA LYS C 61 -11.68 -8.29 -13.75
C LYS C 61 -10.28 -8.58 -14.27
N ILE C 62 -9.27 -8.49 -13.40
CA ILE C 62 -7.92 -8.85 -13.80
C ILE C 62 -7.88 -10.27 -14.34
N ILE C 63 -8.58 -11.20 -13.65
CA ILE C 63 -8.62 -12.58 -14.12
C ILE C 63 -9.09 -12.63 -15.56
N ASP C 64 -10.27 -12.03 -15.83
CA ASP C 64 -10.86 -12.10 -17.15
C ASP C 64 -9.98 -11.47 -18.22
N THR C 65 -9.51 -10.24 -17.97
CA THR C 65 -8.58 -9.62 -18.91
C THR C 65 -7.47 -10.58 -19.31
N LEU C 66 -6.90 -11.31 -18.34
CA LEU C 66 -5.77 -12.19 -18.65
C LEU C 66 -6.17 -13.32 -19.59
N ILE C 67 -7.37 -13.88 -19.38
CA ILE C 67 -7.89 -14.90 -20.29
C ILE C 67 -8.12 -14.31 -21.68
N ASP C 68 -8.84 -13.18 -21.77
CA ASP C 68 -9.19 -12.56 -23.05
C ASP C 68 -7.97 -12.01 -23.79
N ALA C 69 -6.82 -11.96 -23.16
CA ALA C 69 -5.59 -11.57 -23.83
C ALA C 69 -4.76 -12.77 -24.26
N GLY C 70 -5.19 -13.99 -23.92
CA GLY C 70 -4.56 -15.19 -24.43
C GLY C 70 -3.74 -15.98 -23.41
N ALA C 71 -4.27 -16.10 -22.20
CA ALA C 71 -3.65 -16.89 -21.14
C ALA C 71 -4.18 -18.32 -21.24
N ASP C 72 -3.26 -19.29 -21.35
CA ASP C 72 -3.65 -20.69 -21.53
C ASP C 72 -4.08 -21.34 -20.22
N ALA C 73 -3.43 -21.00 -19.12
CA ALA C 73 -3.90 -21.38 -17.80
C ALA C 73 -3.66 -20.26 -16.81
N LEU C 74 -4.29 -20.39 -15.65
CA LEU C 74 -4.10 -19.49 -14.53
C LEU C 74 -3.30 -20.17 -13.43
N GLU C 75 -2.63 -19.35 -12.62
CA GLU C 75 -2.05 -19.77 -11.35
C GLU C 75 -2.42 -18.69 -10.33
N LEU C 76 -3.44 -18.95 -9.53
CA LEU C 76 -3.92 -18.02 -8.52
C LEU C 76 -3.29 -18.35 -7.16
N GLY C 77 -2.79 -17.32 -6.47
CA GLY C 77 -2.34 -17.45 -5.09
C GLY C 77 -3.41 -17.01 -4.11
N VAL C 78 -3.46 -17.67 -2.95
CA VAL C 78 -4.41 -17.36 -1.88
C VAL C 78 -3.67 -16.56 -0.82
N PRO C 79 -4.07 -15.32 -0.55
CA PRO C 79 -3.28 -14.49 0.38
C PRO C 79 -3.02 -15.18 1.70
N PHE C 80 -1.77 -15.17 2.13
CA PHE C 80 -1.31 -15.81 3.34
C PHE C 80 -0.56 -14.77 4.18
N SER C 81 -0.75 -14.84 5.50
CA SER C 81 -0.14 -13.87 6.40
C SER C 81 1.39 -13.88 6.33
N ASP C 82 2.01 -14.95 5.85
CA ASP C 82 3.46 -15.14 5.97
C ASP C 82 3.99 -15.93 4.77
N PRO C 83 4.34 -15.25 3.68
CA PRO C 83 4.90 -15.97 2.52
C PRO C 83 6.43 -16.03 2.50
N LEU C 84 6.97 -17.05 3.19
CA LEU C 84 8.40 -17.41 3.17
C LEU C 84 9.02 -17.37 1.78
N ALA C 85 8.46 -18.15 0.85
CA ALA C 85 9.10 -18.51 -0.40
C ALA C 85 8.73 -17.61 -1.58
N ASP C 86 8.12 -16.45 -1.33
CA ASP C 86 7.85 -15.50 -2.41
C ASP C 86 8.70 -14.24 -2.20
N GLY C 87 9.17 -13.67 -3.32
CA GLY C 87 10.04 -12.53 -3.32
C GLY C 87 9.32 -11.24 -3.00
N PRO C 88 9.92 -10.11 -3.36
CA PRO C 88 9.42 -8.82 -2.87
C PRO C 88 8.09 -8.41 -3.49
N THR C 89 7.97 -8.42 -4.83
CA THR C 89 6.75 -7.94 -5.45
C THR C 89 5.55 -8.81 -5.10
N ILE C 90 5.78 -10.09 -4.89
CA ILE C 90 4.67 -10.97 -4.54
C ILE C 90 4.37 -10.91 -3.05
N GLN C 91 5.37 -10.59 -2.22
CA GLN C 91 5.11 -10.31 -0.82
C GLN C 91 4.12 -9.16 -0.67
N ASN C 92 4.26 -8.13 -1.49
CA ASN C 92 3.44 -6.95 -1.35
C ASN C 92 2.05 -7.15 -1.94
N ALA C 93 1.95 -7.83 -3.08
CA ALA C 93 0.63 -8.21 -3.57
C ALA C 93 -0.10 -9.04 -2.54
N ASN C 94 0.61 -9.98 -1.92
CA ASN C 94 0.02 -10.77 -0.84
C ASN C 94 -0.39 -9.88 0.33
N LEU C 95 0.44 -8.91 0.70
CA LEU C 95 0.07 -8.00 1.78
C LEU C 95 -1.17 -7.17 1.43
N ARG C 96 -1.28 -6.71 0.17
CA ARG C 96 -2.45 -5.94 -0.24
C ARG C 96 -3.74 -6.69 0.05
N ALA C 97 -3.85 -7.90 -0.50
CA ALA C 97 -5.09 -8.66 -0.36
C ALA C 97 -5.35 -9.07 1.09
N PHE C 98 -4.28 -9.37 1.83
CA PHE C 98 -4.43 -9.84 3.20
C PHE C 98 -4.87 -8.71 4.14
N ALA C 99 -4.18 -7.56 4.11
CA ALA C 99 -4.63 -6.44 4.93
C ALA C 99 -6.04 -5.98 4.56
N ALA C 100 -6.40 -6.05 3.27
CA ALA C 100 -7.77 -5.73 2.85
C ALA C 100 -8.81 -6.71 3.39
N GLY C 101 -8.40 -7.85 3.97
CA GLY C 101 -9.34 -8.81 4.52
C GLY C 101 -9.77 -9.96 3.62
N VAL C 102 -9.10 -10.18 2.48
CA VAL C 102 -9.43 -11.31 1.63
C VAL C 102 -9.17 -12.60 2.41
N THR C 103 -10.21 -13.39 2.65
CA THR C 103 -10.11 -14.66 3.35
C THR C 103 -10.00 -15.82 2.37
N PRO C 104 -9.45 -16.97 2.80
CA PRO C 104 -9.44 -18.13 1.89
C PRO C 104 -10.85 -18.56 1.48
N ALA C 105 -11.83 -18.40 2.36
CA ALA C 105 -13.20 -18.72 1.99
C ALA C 105 -13.68 -17.83 0.84
N GLN C 106 -13.42 -16.52 0.92
CA GLN C 106 -13.78 -15.62 -0.18
C GLN C 106 -13.07 -16.05 -1.46
N CYS C 107 -11.81 -16.44 -1.33
CA CYS C 107 -11.02 -16.92 -2.45
C CYS C 107 -11.71 -18.05 -3.18
N PHE C 108 -12.50 -18.86 -2.46
CA PHE C 108 -13.18 -19.96 -3.13
C PHE C 108 -14.44 -19.50 -3.84
N GLU C 109 -15.15 -18.51 -3.28
CA GLU C 109 -16.33 -17.94 -3.96
C GLU C 109 -15.93 -17.29 -5.27
N MET C 110 -14.77 -16.61 -5.29
CA MET C 110 -14.25 -16.07 -6.55
C MET C 110 -13.87 -17.18 -7.52
N LEU C 111 -13.25 -18.25 -7.01
CA LEU C 111 -12.92 -19.39 -7.88
C LEU C 111 -14.17 -19.97 -8.51
N ALA C 112 -15.26 -20.07 -7.75
CA ALA C 112 -16.52 -20.56 -8.31
C ALA C 112 -17.03 -19.66 -9.44
N LEU C 113 -16.99 -18.33 -9.25
CA LEU C 113 -17.34 -17.44 -10.35
C LEU C 113 -16.39 -17.64 -11.54
N ILE C 114 -15.08 -17.74 -11.28
CA ILE C 114 -14.12 -17.91 -12.38
C ILE C 114 -14.43 -19.17 -13.17
N ARG C 115 -14.46 -20.33 -12.49
CA ARG C 115 -14.60 -21.62 -13.17
C ARG C 115 -15.88 -21.68 -14.00
N GLU C 116 -16.93 -20.96 -13.57
CA GLU C 116 -18.22 -21.04 -14.24
C GLU C 116 -18.31 -20.11 -15.43
N LYS C 117 -17.43 -19.12 -15.52
CA LYS C 117 -17.35 -18.27 -16.71
C LYS C 117 -16.47 -18.87 -17.78
N HIS C 118 -15.39 -19.57 -17.42
CA HIS C 118 -14.44 -20.13 -18.38
C HIS C 118 -14.22 -21.60 -18.08
N PRO C 119 -15.24 -22.43 -18.29
CA PRO C 119 -15.18 -23.82 -17.79
C PRO C 119 -14.13 -24.70 -18.46
N THR C 120 -13.30 -24.17 -19.36
CA THR C 120 -12.31 -24.98 -20.05
C THR C 120 -10.88 -24.74 -19.60
N ILE C 121 -10.58 -23.62 -18.96
CA ILE C 121 -9.21 -23.19 -18.68
C ILE C 121 -8.66 -23.83 -17.40
N PRO C 122 -7.43 -24.35 -17.45
CA PRO C 122 -6.83 -24.96 -16.25
C PRO C 122 -6.52 -23.92 -15.18
N ILE C 123 -7.08 -24.13 -13.98
CA ILE C 123 -6.90 -23.23 -12.83
C ILE C 123 -6.04 -23.95 -11.79
N GLY C 124 -4.76 -23.61 -11.74
CA GLY C 124 -3.91 -24.06 -10.66
C GLY C 124 -3.92 -23.09 -9.49
N LEU C 125 -3.66 -23.63 -8.30
CA LEU C 125 -3.50 -22.83 -7.08
C LEU C 125 -2.05 -22.92 -6.58
N LEU C 126 -1.57 -21.82 -6.02
CA LEU C 126 -0.31 -21.78 -5.30
C LEU C 126 -0.64 -21.62 -3.81
N MET C 127 -0.50 -22.70 -3.05
CA MET C 127 -0.84 -22.73 -1.64
C MET C 127 0.40 -22.65 -0.78
N TYR C 128 0.20 -22.22 0.46
CA TYR C 128 1.14 -22.40 1.54
C TYR C 128 0.62 -23.49 2.47
N ALA C 129 1.54 -24.38 2.89
CA ALA C 129 1.21 -25.58 3.64
C ALA C 129 0.11 -25.38 4.67
N ASN C 130 0.22 -24.36 5.52
CA ASN C 130 -0.72 -24.28 6.64
C ASN C 130 -2.15 -24.01 6.18
N LEU C 131 -2.34 -23.36 5.01
CA LEU C 131 -3.71 -23.15 4.53
C LEU C 131 -4.29 -24.43 3.97
N VAL C 132 -3.45 -25.34 3.46
CA VAL C 132 -3.90 -26.68 3.11
C VAL C 132 -4.20 -27.50 4.37
N PHE C 133 -3.24 -27.55 5.30
CA PHE C 133 -3.28 -28.42 6.48
C PHE C 133 -4.37 -28.02 7.46
N ASN C 134 -4.86 -26.78 7.39
CA ASN C 134 -5.54 -26.14 8.53
C ASN C 134 -6.67 -26.97 9.09
N ASN C 135 -7.60 -27.41 8.26
CA ASN C 135 -8.68 -28.25 8.77
C ASN C 135 -8.79 -29.53 7.95
N GLY C 136 -7.65 -30.20 7.81
CA GLY C 136 -7.60 -31.43 7.07
C GLY C 136 -7.00 -31.21 5.71
N ILE C 137 -5.87 -31.86 5.43
CA ILE C 137 -5.35 -31.86 4.07
C ILE C 137 -6.43 -32.35 3.12
N ASP C 138 -7.20 -33.36 3.53
CA ASP C 138 -8.17 -33.95 2.62
C ASP C 138 -9.35 -33.02 2.41
N ALA C 139 -9.89 -32.46 3.50
CA ALA C 139 -11.03 -31.57 3.39
C ALA C 139 -10.73 -30.39 2.47
N PHE C 140 -9.44 -30.01 2.36
CA PHE C 140 -9.01 -28.99 1.42
C PHE C 140 -9.16 -29.48 -0.02
N TYR C 141 -8.36 -30.48 -0.41
CA TYR C 141 -8.38 -30.97 -1.78
C TYR C 141 -9.78 -31.36 -2.26
N ALA C 142 -10.66 -31.79 -1.35
CA ALA C 142 -12.06 -31.94 -1.69
C ALA C 142 -12.64 -30.62 -2.20
N ARG C 143 -12.44 -29.55 -1.43
CA ARG C 143 -12.95 -28.24 -1.82
C ARG C 143 -12.41 -27.83 -3.19
N CYS C 144 -11.11 -28.02 -3.44
CA CYS C 144 -10.58 -27.70 -4.77
C CYS C 144 -11.28 -28.47 -5.87
N GLU C 145 -11.50 -29.76 -5.63
CA GLU C 145 -12.19 -30.57 -6.63
C GLU C 145 -13.60 -30.03 -6.89
N GLN C 146 -14.38 -29.83 -5.84
CA GLN C 146 -15.78 -29.45 -6.01
C GLN C 146 -15.97 -28.02 -6.52
N VAL C 147 -14.94 -27.18 -6.47
CA VAL C 147 -15.08 -25.84 -7.02
C VAL C 147 -14.60 -25.76 -8.46
N GLY C 148 -13.80 -26.74 -8.90
CA GLY C 148 -13.29 -26.77 -10.26
C GLY C 148 -11.80 -26.54 -10.41
N VAL C 149 -11.05 -26.43 -9.31
CA VAL C 149 -9.61 -26.27 -9.42
C VAL C 149 -9.00 -27.49 -10.12
N ASP C 150 -7.78 -27.31 -10.65
CA ASP C 150 -7.14 -28.37 -11.41
C ASP C 150 -5.82 -28.85 -10.81
N SER C 151 -5.01 -27.95 -10.26
CA SER C 151 -3.73 -28.33 -9.66
C SER C 151 -3.58 -27.58 -8.34
N VAL C 152 -2.55 -27.94 -7.59
CA VAL C 152 -2.21 -27.25 -6.36
C VAL C 152 -0.71 -27.40 -6.18
N LEU C 153 -0.02 -26.27 -6.15
CA LEU C 153 1.38 -26.23 -5.74
C LEU C 153 1.42 -25.75 -4.30
N VAL C 154 1.99 -26.58 -3.43
CA VAL C 154 2.21 -26.21 -2.03
C VAL C 154 3.66 -25.75 -1.92
N ALA C 155 3.86 -24.44 -1.69
CA ALA C 155 5.20 -23.84 -1.83
C ALA C 155 6.22 -24.38 -0.83
N ASP C 156 5.78 -24.76 0.37
CA ASP C 156 6.66 -25.15 1.46
C ASP C 156 6.58 -26.64 1.77
N VAL C 157 6.22 -27.47 0.80
CA VAL C 157 6.16 -28.91 0.98
C VAL C 157 7.04 -29.57 -0.08
N PRO C 158 8.25 -29.98 0.28
CA PRO C 158 9.13 -30.64 -0.70
C PRO C 158 8.69 -32.08 -0.93
N VAL C 159 9.22 -32.68 -1.99
CA VAL C 159 8.76 -34.03 -2.34
C VAL C 159 8.88 -34.98 -1.16
N GLU C 160 9.86 -34.74 -0.27
CA GLU C 160 10.09 -35.56 0.92
C GLU C 160 8.95 -35.51 1.94
N GLU C 161 8.17 -34.44 1.96
CA GLU C 161 7.10 -34.33 2.95
C GLU C 161 5.71 -34.44 2.31
N SER C 162 5.65 -34.83 1.03
CA SER C 162 4.45 -34.64 0.23
C SER C 162 3.43 -35.75 0.37
N ALA C 163 3.86 -36.92 0.79
CA ALA C 163 3.03 -38.13 0.87
C ALA C 163 1.56 -37.82 1.19
N PRO C 164 1.24 -37.14 2.29
CA PRO C 164 -0.17 -36.92 2.61
C PRO C 164 -0.89 -35.98 1.65
N PHE C 165 -0.16 -35.09 0.97
CA PHE C 165 -0.74 -34.16 0.00
C PHE C 165 -0.92 -34.83 -1.37
N ARG C 166 0.04 -35.69 -1.77
CA ARG C 166 -0.11 -36.47 -2.99
C ARG C 166 -1.28 -37.42 -2.91
N GLN C 167 -1.59 -37.94 -1.72
CA GLN C 167 -2.74 -38.82 -1.54
C GLN C 167 -4.02 -38.02 -1.74
N ALA C 168 -4.29 -37.06 -0.87
CA ALA C 168 -5.50 -36.24 -0.98
C ALA C 168 -5.64 -35.65 -2.38
N ALA C 169 -4.54 -35.18 -2.95
CA ALA C 169 -4.54 -34.72 -4.33
C ALA C 169 -5.16 -35.75 -5.25
N LEU C 170 -4.63 -36.97 -5.24
CA LEU C 170 -5.10 -37.98 -6.19
C LEU C 170 -6.49 -38.50 -5.83
N ARG C 171 -6.82 -38.61 -4.53
CA ARG C 171 -8.17 -39.03 -4.18
C ARG C 171 -9.24 -38.11 -4.75
N HIS C 172 -8.86 -36.90 -5.19
CA HIS C 172 -9.80 -35.91 -5.68
C HIS C 172 -9.43 -35.36 -7.05
N ASN C 173 -8.64 -36.11 -7.82
CA ASN C 173 -8.37 -35.77 -9.23
C ASN C 173 -7.77 -34.37 -9.37
N ILE C 174 -6.89 -34.02 -8.44
CA ILE C 174 -6.17 -32.75 -8.45
C ILE C 174 -4.70 -33.03 -8.71
N ALA C 175 -4.11 -32.34 -9.67
CA ALA C 175 -2.73 -32.60 -10.06
C ALA C 175 -1.76 -31.90 -9.11
N PRO C 176 -0.91 -32.65 -8.40
CA PRO C 176 0.12 -32.02 -7.56
C PRO C 176 1.30 -31.51 -8.38
N ILE C 177 1.64 -30.25 -8.18
CA ILE C 177 2.74 -29.60 -8.90
C ILE C 177 3.94 -29.51 -7.97
N PHE C 178 5.12 -29.74 -8.50
CA PHE C 178 6.34 -29.72 -7.69
C PHE C 178 7.34 -28.84 -8.37
N ILE C 179 7.98 -27.95 -7.59
CA ILE C 179 9.06 -27.18 -8.16
C ILE C 179 10.26 -28.11 -8.35
N CYS C 180 10.88 -28.03 -9.51
CA CYS C 180 12.14 -28.70 -9.77
C CYS C 180 13.22 -27.63 -9.84
N PRO C 181 14.10 -27.54 -8.84
CA PRO C 181 15.03 -26.41 -8.78
C PRO C 181 16.30 -26.71 -9.55
N PRO C 182 17.13 -25.69 -9.81
CA PRO C 182 18.35 -25.91 -10.57
C PRO C 182 19.44 -26.64 -9.79
N ASN C 183 19.20 -26.95 -8.52
CA ASN C 183 20.10 -27.79 -7.73
C ASN C 183 19.55 -29.21 -7.58
N ALA C 184 18.83 -29.70 -8.59
CA ALA C 184 18.12 -30.98 -8.50
C ALA C 184 19.05 -32.10 -8.98
N ASP C 185 19.12 -33.17 -8.19
CA ASP C 185 19.90 -34.34 -8.55
C ASP C 185 18.98 -35.39 -9.18
N ASP C 186 19.57 -36.51 -9.61
CA ASP C 186 18.79 -37.50 -10.33
C ASP C 186 17.74 -38.13 -9.43
N ASP C 187 18.04 -38.27 -8.14
CA ASP C 187 17.07 -38.77 -7.19
C ASP C 187 15.77 -37.99 -7.25
N LEU C 188 15.86 -36.65 -7.13
CA LEU C 188 14.64 -35.83 -7.11
C LEU C 188 13.95 -35.79 -8.47
N LEU C 189 14.73 -35.66 -9.56
CA LEU C 189 14.15 -35.72 -10.91
C LEU C 189 13.25 -36.94 -11.07
N ARG C 190 13.68 -38.09 -10.53
CA ARG C 190 12.83 -39.27 -10.49
C ARG C 190 11.51 -38.99 -9.79
N GLN C 191 11.57 -38.52 -8.54
CA GLN C 191 10.37 -38.40 -7.71
C GLN C 191 9.42 -37.32 -8.23
N VAL C 192 9.97 -36.23 -8.78
CA VAL C 192 9.13 -35.21 -9.40
C VAL C 192 8.38 -35.80 -10.58
N ALA C 193 9.07 -36.65 -11.37
CA ALA C 193 8.46 -37.29 -12.53
C ALA C 193 7.34 -38.24 -12.12
N SER C 194 7.58 -39.05 -11.08
CA SER C 194 6.57 -40.00 -10.62
C SER C 194 5.41 -39.28 -9.96
N TYR C 195 5.72 -38.47 -8.94
CA TYR C 195 4.67 -37.85 -8.15
C TYR C 195 3.97 -36.72 -8.91
N GLY C 196 4.72 -35.97 -9.73
CA GLY C 196 4.18 -34.75 -10.31
C GLY C 196 3.26 -34.93 -11.50
N ARG C 197 2.05 -34.39 -11.42
CA ARG C 197 1.09 -34.36 -12.52
C ARG C 197 0.71 -32.93 -12.87
N GLY C 198 0.01 -32.78 -14.00
CA GLY C 198 -0.32 -31.47 -14.53
C GLY C 198 0.80 -30.87 -15.36
N TYR C 199 1.67 -30.10 -14.72
CA TYR C 199 2.91 -29.65 -15.30
C TYR C 199 3.96 -29.76 -14.23
N THR C 200 5.23 -29.67 -14.59
CA THR C 200 6.26 -29.56 -13.57
C THR C 200 6.85 -28.15 -13.63
N TYR C 201 6.70 -27.42 -12.52
CA TYR C 201 7.11 -26.03 -12.36
C TYR C 201 8.62 -26.01 -12.14
N LEU C 202 9.39 -25.57 -13.13
CA LEU C 202 10.83 -25.67 -12.99
C LEU C 202 11.52 -24.31 -13.13
N LEU C 203 12.68 -24.20 -12.49
CA LEU C 203 13.33 -22.92 -12.21
C LEU C 203 14.76 -22.96 -12.76
N SER C 204 15.05 -22.12 -13.77
CA SER C 204 16.38 -22.06 -14.39
C SER C 204 17.44 -21.40 -13.50
N ILE C 223 17.86 -27.73 -20.89
CA ILE C 223 19.07 -28.48 -20.65
C ILE C 223 18.78 -29.66 -19.71
N GLU C 224 17.78 -30.48 -19.99
N GLU C 224 17.78 -30.47 -20.03
CA GLU C 224 17.44 -31.49 -18.98
CA GLU C 224 17.30 -31.42 -19.02
C GLU C 224 16.83 -32.72 -19.64
C GLU C 224 16.45 -32.54 -19.60
N LYS C 225 16.27 -33.58 -18.77
CA LYS C 225 15.77 -34.90 -19.09
C LYS C 225 14.62 -35.26 -18.14
N LEU C 226 13.76 -34.29 -17.84
CA LEU C 226 12.53 -34.62 -17.14
C LEU C 226 11.59 -35.42 -18.05
N LYS C 227 11.64 -35.13 -19.36
CA LYS C 227 10.88 -35.91 -20.35
C LYS C 227 11.32 -37.37 -20.36
N GLU C 228 12.64 -37.61 -20.28
CA GLU C 228 13.10 -38.98 -20.21
C GLU C 228 12.38 -39.77 -19.12
N TYR C 229 12.16 -39.14 -17.96
CA TYR C 229 11.51 -39.80 -16.83
C TYR C 229 10.00 -39.71 -16.89
N HIS C 230 9.44 -39.22 -18.00
CA HIS C 230 7.99 -39.18 -18.22
C HIS C 230 7.30 -38.23 -17.24
N ALA C 231 7.97 -37.11 -16.94
CA ALA C 231 7.39 -36.11 -16.08
C ALA C 231 6.31 -35.33 -16.83
N ALA C 232 5.33 -34.84 -16.07
CA ALA C 232 4.37 -33.89 -16.59
C ALA C 232 5.15 -32.81 -17.33
N PRO C 233 4.57 -32.18 -18.35
CA PRO C 233 5.33 -31.18 -19.12
C PRO C 233 5.86 -30.07 -18.23
N ALA C 234 7.05 -29.57 -18.57
CA ALA C 234 7.74 -28.56 -17.78
C ALA C 234 7.32 -27.15 -18.19
N LEU C 235 7.16 -26.28 -17.19
CA LEU C 235 6.86 -24.87 -17.40
C LEU C 235 7.97 -24.05 -16.74
N GLN C 236 8.76 -23.35 -17.54
CA GLN C 236 9.79 -22.48 -16.99
C GLN C 236 9.14 -21.34 -16.19
N GLY C 237 9.74 -21.01 -15.05
CA GLY C 237 9.15 -20.03 -14.16
C GLY C 237 10.16 -19.12 -13.48
N PHE C 238 11.42 -19.22 -13.90
CA PHE C 238 12.50 -18.38 -13.35
C PHE C 238 12.64 -17.12 -14.21
N GLY C 239 12.16 -15.99 -13.69
CA GLY C 239 12.42 -14.70 -14.26
C GLY C 239 11.83 -14.50 -15.65
N ILE C 240 10.52 -14.69 -15.78
CA ILE C 240 9.84 -14.56 -17.07
C ILE C 240 9.21 -13.15 -17.07
N SER C 241 10.04 -12.16 -17.42
CA SER C 241 9.67 -10.75 -17.41
C SER C 241 9.36 -10.18 -18.79
N SER C 242 10.11 -10.60 -19.81
CA SER C 242 10.08 -10.25 -21.23
C SER C 242 9.29 -11.27 -22.04
N PRO C 243 8.75 -10.86 -23.17
CA PRO C 243 8.49 -11.86 -24.22
C PRO C 243 9.76 -12.59 -24.68
N GLU C 244 10.89 -11.88 -24.73
CA GLU C 244 12.17 -12.52 -25.06
C GLU C 244 12.41 -13.77 -24.22
N GLN C 245 12.26 -13.67 -22.90
CA GLN C 245 12.50 -14.80 -22.01
C GLN C 245 11.56 -15.96 -22.30
N VAL C 246 10.35 -15.66 -22.79
CA VAL C 246 9.37 -16.71 -23.04
C VAL C 246 9.78 -17.55 -24.24
N SER C 247 10.18 -16.91 -25.33
CA SER C 247 10.63 -17.70 -26.47
C SER C 247 12.00 -18.32 -26.23
N ALA C 248 12.82 -17.67 -25.39
CA ALA C 248 14.02 -18.34 -24.89
C ALA C 248 13.66 -19.65 -24.20
N ALA C 249 12.54 -19.65 -23.49
CA ALA C 249 12.15 -20.86 -22.76
C ALA C 249 11.66 -21.94 -23.73
N VAL C 250 10.77 -21.60 -24.66
CA VAL C 250 10.25 -22.60 -25.61
C VAL C 250 11.37 -23.12 -26.49
N ARG C 251 12.21 -22.22 -27.01
CA ARG C 251 13.36 -22.63 -27.79
C ARG C 251 14.24 -23.59 -27.00
N ALA C 252 14.35 -23.38 -25.70
CA ALA C 252 15.08 -24.30 -24.83
C ALA C 252 14.37 -25.61 -24.61
N GLY C 253 13.14 -25.76 -25.10
CA GLY C 253 12.46 -27.04 -25.07
C GLY C 253 11.34 -27.18 -24.06
N ALA C 254 10.87 -26.09 -23.46
CA ALA C 254 9.85 -26.17 -22.43
C ALA C 254 8.46 -26.11 -23.04
N ALA C 255 7.50 -26.74 -22.36
CA ALA C 255 6.12 -26.68 -22.81
C ALA C 255 5.45 -25.31 -22.60
N GLY C 256 6.16 -24.29 -22.09
CA GLY C 256 5.56 -23.02 -21.73
C GLY C 256 6.30 -22.34 -20.59
N ALA C 257 5.79 -21.17 -20.20
CA ALA C 257 6.39 -20.34 -19.15
C ALA C 257 5.34 -19.70 -18.24
N ILE C 258 5.76 -19.42 -17.00
CA ILE C 258 4.93 -18.73 -16.01
C ILE C 258 5.65 -17.46 -15.59
N SER C 259 4.92 -16.34 -15.57
CA SER C 259 5.43 -15.07 -15.11
C SER C 259 4.57 -14.60 -13.95
N GLY C 260 5.18 -14.42 -12.78
CA GLY C 260 4.45 -13.92 -11.64
C GLY C 260 4.70 -12.45 -11.42
N SER C 261 5.91 -12.13 -10.97
CA SER C 261 6.25 -10.75 -10.61
C SER C 261 5.87 -9.77 -11.72
N ALA C 262 6.12 -10.15 -12.99
CA ALA C 262 5.92 -9.20 -14.08
C ALA C 262 4.46 -8.77 -14.18
N ILE C 263 3.53 -9.71 -13.99
CA ILE C 263 2.13 -9.40 -14.23
C ILE C 263 1.55 -8.61 -13.06
N VAL C 264 1.96 -8.92 -11.84
CA VAL C 264 1.44 -8.21 -10.68
C VAL C 264 2.21 -6.93 -10.42
N LYS C 265 3.46 -6.84 -10.89
CA LYS C 265 4.13 -5.55 -10.94
C LYS C 265 3.31 -4.54 -11.72
N ILE C 266 2.54 -5.01 -12.70
CA ILE C 266 1.65 -4.14 -13.47
C ILE C 266 0.47 -3.69 -12.62
N ILE C 267 -0.08 -4.61 -11.83
CA ILE C 267 -1.18 -4.28 -10.92
C ILE C 267 -0.73 -3.19 -9.95
N GLU C 268 0.49 -3.31 -9.43
CA GLU C 268 0.99 -2.40 -8.41
C GLU C 268 1.11 -0.98 -8.96
N LYS C 269 1.68 -0.85 -10.15
CA LYS C 269 1.87 0.45 -10.78
C LYS C 269 0.57 1.19 -11.03
N ASN C 270 -0.58 0.51 -11.07
CA ASN C 270 -1.80 1.17 -11.51
C ASN C 270 -2.92 1.03 -10.48
N LEU C 271 -2.57 0.98 -9.18
CA LEU C 271 -3.61 0.87 -8.16
C LEU C 271 -4.60 2.03 -8.25
N ALA C 272 -4.09 3.25 -8.48
CA ALA C 272 -4.99 4.40 -8.56
C ALA C 272 -5.89 4.35 -9.79
N SER C 273 -5.44 3.69 -10.88
CA SER C 273 -6.12 3.71 -12.19
C SER C 273 -6.53 2.30 -12.62
N PRO C 274 -7.67 1.79 -12.14
CA PRO C 274 -8.07 0.42 -12.49
C PRO C 274 -8.22 0.14 -13.98
N LYS C 275 -8.62 1.13 -14.78
CA LYS C 275 -8.82 0.87 -16.21
C LYS C 275 -7.49 0.86 -16.97
N GLN C 276 -6.57 1.78 -16.64
CA GLN C 276 -5.21 1.66 -17.14
C GLN C 276 -4.64 0.28 -16.82
N MET C 277 -4.78 -0.14 -15.56
CA MET C 277 -4.27 -1.45 -15.14
C MET C 277 -4.74 -2.55 -16.08
N LEU C 278 -6.05 -2.58 -16.37
CA LEU C 278 -6.57 -3.63 -17.23
C LEU C 278 -5.97 -3.55 -18.63
N ALA C 279 -5.99 -2.36 -19.25
CA ALA C 279 -5.43 -2.19 -20.59
C ALA C 279 -3.95 -2.56 -20.64
N GLU C 280 -3.17 -2.17 -19.62
CA GLU C 280 -1.75 -2.49 -19.63
C GLU C 280 -1.49 -3.99 -19.43
N LEU C 281 -2.42 -4.69 -18.76
CA LEU C 281 -2.34 -6.15 -18.68
C LEU C 281 -2.63 -6.80 -20.04
N ARG C 282 -3.64 -6.29 -20.77
CA ARG C 282 -3.90 -6.79 -22.11
C ARG C 282 -2.65 -6.68 -22.99
N SER C 283 -2.09 -5.48 -23.07
CA SER C 283 -0.86 -5.31 -23.86
C SER C 283 0.16 -6.38 -23.51
N PHE C 284 0.44 -6.57 -22.21
CA PHE C 284 1.52 -7.46 -21.80
C PHE C 284 1.20 -8.92 -22.10
N VAL C 285 0.03 -9.39 -21.64
CA VAL C 285 -0.34 -10.79 -21.82
C VAL C 285 -0.30 -11.17 -23.29
N SER C 286 -1.05 -10.44 -24.13
CA SER C 286 -1.04 -10.73 -25.56
C SER C 286 0.38 -10.69 -26.13
N ALA C 287 1.18 -9.70 -25.70
CA ALA C 287 2.55 -9.60 -26.18
C ALA C 287 3.38 -10.81 -25.76
N MET C 288 3.11 -11.37 -24.57
CA MET C 288 3.86 -12.52 -24.10
C MET C 288 3.37 -13.81 -24.73
N LYS C 289 2.06 -14.12 -24.62
CA LYS C 289 1.52 -15.33 -25.22
C LYS C 289 1.88 -15.42 -26.70
N ALA C 290 1.98 -14.29 -27.37
CA ALA C 290 2.42 -14.29 -28.77
C ALA C 290 3.89 -14.62 -28.91
N ALA C 291 4.71 -14.30 -27.94
CA ALA C 291 6.09 -14.75 -28.08
C ALA C 291 6.24 -16.29 -27.93
N SER C 292 5.14 -17.04 -27.92
CA SER C 292 5.17 -18.49 -27.77
C SER C 292 4.61 -19.21 -29.00
N ARG C 293 4.66 -18.57 -30.17
CA ARG C 293 3.98 -19.10 -31.34
C ARG C 293 4.96 -19.37 -32.48
N THR D 301 16.90 -40.82 2.73
CA THR D 301 16.85 -39.39 3.04
C THR D 301 16.71 -39.17 4.55
N THR D 302 17.52 -38.24 5.08
CA THR D 302 17.72 -37.91 6.50
C THR D 302 18.49 -39.00 7.27
N LEU D 303 19.76 -38.70 7.54
CA LEU D 303 20.53 -39.48 8.50
C LEU D 303 19.82 -39.57 9.84
N LEU D 304 19.27 -38.46 10.33
CA LEU D 304 18.63 -38.40 11.64
C LEU D 304 17.12 -38.31 11.48
N ASN D 305 16.42 -38.72 12.53
CA ASN D 305 14.96 -38.56 12.53
C ASN D 305 14.62 -37.07 12.57
N PRO D 306 13.80 -36.58 11.64
CA PRO D 306 13.42 -35.16 11.67
C PRO D 306 12.21 -34.85 12.55
N TYR D 307 11.57 -35.85 13.17
CA TYR D 307 10.34 -35.62 13.90
C TYR D 307 10.52 -36.00 15.36
N PHE D 308 9.65 -35.41 16.18
CA PHE D 308 9.55 -35.71 17.60
C PHE D 308 8.06 -36.01 17.77
N GLY D 309 7.67 -37.26 17.58
CA GLY D 309 6.24 -37.52 17.49
C GLY D 309 5.72 -36.94 16.19
N GLU D 310 4.56 -36.28 16.28
CA GLU D 310 4.00 -35.58 15.12
C GLU D 310 4.83 -34.37 14.71
N PHE D 311 5.49 -33.74 15.66
CA PHE D 311 5.99 -32.39 15.46
C PHE D 311 7.40 -32.40 14.91
N GLY D 312 7.69 -31.43 14.04
CA GLY D 312 9.02 -31.26 13.50
C GLY D 312 8.94 -31.20 11.99
N GLY D 313 9.91 -31.77 11.29
CA GLY D 313 9.82 -31.92 9.86
C GLY D 313 10.78 -30.99 9.13
N MET D 314 10.73 -31.09 7.80
CA MET D 314 11.46 -30.21 6.89
C MET D 314 10.51 -29.55 5.91
N TYR D 315 9.59 -28.70 6.40
CA TYR D 315 8.57 -28.08 5.54
C TYR D 315 9.11 -26.79 4.90
N VAL D 316 9.96 -26.99 3.91
CA VAL D 316 10.64 -25.87 3.27
C VAL D 316 10.55 -26.04 1.76
N PRO D 317 10.70 -24.96 1.00
CA PRO D 317 10.81 -25.10 -0.46
C PRO D 317 11.94 -26.05 -0.86
N GLN D 318 11.65 -26.88 -1.87
CA GLN D 318 12.60 -27.82 -2.46
C GLN D 318 13.99 -27.22 -2.61
N ILE D 319 14.09 -25.96 -3.03
CA ILE D 319 15.40 -25.40 -3.34
C ILE D 319 16.31 -25.39 -2.13
N LEU D 320 15.74 -25.44 -0.92
CA LEU D 320 16.55 -25.39 0.29
C LEU D 320 17.01 -26.76 0.75
N MET D 321 16.39 -27.81 0.25
CA MET D 321 16.63 -29.15 0.78
C MET D 321 18.09 -29.57 0.73
N PRO D 322 18.81 -29.41 -0.39
CA PRO D 322 20.26 -29.73 -0.38
C PRO D 322 21.02 -29.06 0.77
N ALA D 323 20.68 -27.82 1.14
CA ALA D 323 21.42 -27.13 2.20
C ALA D 323 21.15 -27.77 3.57
N LEU D 324 19.88 -28.10 3.83
CA LEU D 324 19.54 -28.78 5.07
C LEU D 324 20.20 -30.15 5.14
N ASN D 325 20.22 -30.89 4.03
CA ASN D 325 20.79 -32.22 4.03
C ASN D 325 22.30 -32.18 4.18
N GLN D 326 22.95 -31.23 3.52
CA GLN D 326 24.37 -31.09 3.74
C GLN D 326 24.66 -30.65 5.16
N LEU D 327 23.87 -29.72 5.69
CA LEU D 327 24.02 -29.35 7.09
C LEU D 327 23.86 -30.57 7.99
N GLU D 328 22.81 -31.36 7.80
CA GLU D 328 22.60 -32.53 8.65
C GLU D 328 23.79 -33.48 8.57
N GLU D 329 24.30 -33.73 7.36
CA GLU D 329 25.39 -34.68 7.22
C GLU D 329 26.66 -34.16 7.89
N ALA D 330 26.99 -32.88 7.68
CA ALA D 330 28.16 -32.31 8.31
C ALA D 330 28.07 -32.39 9.83
N PHE D 331 26.86 -32.21 10.36
CA PHE D 331 26.62 -32.24 11.79
C PHE D 331 26.77 -33.65 12.36
N VAL D 332 26.30 -34.66 11.62
CA VAL D 332 26.46 -36.04 12.07
C VAL D 332 27.94 -36.40 12.13
N SER D 333 28.69 -36.10 11.07
CA SER D 333 30.12 -36.29 11.09
C SER D 333 30.75 -35.65 12.31
N ALA D 334 30.49 -34.35 12.54
CA ALA D 334 31.19 -33.64 13.60
C ALA D 334 30.83 -34.18 14.99
N GLN D 335 29.60 -34.67 15.16
CA GLN D 335 29.20 -35.24 16.44
C GLN D 335 30.00 -36.50 16.78
N LYS D 336 30.55 -37.19 15.76
CA LYS D 336 31.38 -38.38 15.93
C LYS D 336 32.86 -38.06 16.00
N ASP D 337 33.26 -36.84 15.68
CA ASP D 337 34.67 -36.50 15.59
C ASP D 337 35.15 -36.01 16.94
N PRO D 338 36.06 -36.73 17.60
CA PRO D 338 36.53 -36.29 18.94
C PRO D 338 37.33 -35.01 18.91
N GLU D 339 37.93 -34.64 17.78
CA GLU D 339 38.63 -33.36 17.70
C GLU D 339 37.65 -32.19 17.64
N PHE D 340 36.48 -32.40 17.05
CA PHE D 340 35.45 -31.36 17.07
C PHE D 340 34.85 -31.23 18.45
N GLN D 341 34.49 -32.36 19.07
CA GLN D 341 33.97 -32.32 20.43
C GLN D 341 34.96 -31.69 21.39
N ALA D 342 36.26 -31.87 21.12
CA ALA D 342 37.25 -31.30 22.00
C ALA D 342 37.44 -29.81 21.73
N GLN D 343 37.43 -29.44 20.45
CA GLN D 343 37.62 -28.05 20.05
C GLN D 343 36.45 -27.18 20.52
N PHE D 344 35.22 -27.66 20.29
CA PHE D 344 34.05 -26.99 20.80
C PHE D 344 34.15 -26.83 22.32
N ALA D 345 34.48 -27.92 23.03
CA ALA D 345 34.56 -27.86 24.49
C ALA D 345 35.61 -26.88 24.96
N ASP D 346 36.73 -26.75 24.23
CA ASP D 346 37.75 -25.80 24.61
C ASP D 346 37.25 -24.37 24.45
N LEU D 347 36.55 -24.10 23.35
CA LEU D 347 35.91 -22.80 23.16
C LEU D 347 34.92 -22.52 24.28
N LEU D 348 34.03 -23.47 24.58
CA LEU D 348 33.02 -23.17 25.60
C LEU D 348 33.67 -22.80 26.93
N LYS D 349 34.82 -23.37 27.22
CA LYS D 349 35.42 -23.21 28.53
C LYS D 349 36.34 -21.99 28.61
N ASN D 350 37.17 -21.77 27.60
CA ASN D 350 38.24 -20.79 27.70
C ASN D 350 37.90 -19.47 27.03
N TYR D 351 36.87 -19.45 26.20
CA TYR D 351 36.40 -18.26 25.51
C TYR D 351 35.05 -17.79 26.02
N ALA D 352 34.06 -18.70 26.10
CA ALA D 352 32.72 -18.34 26.57
C ALA D 352 32.61 -18.35 28.08
N GLY D 353 33.45 -19.11 28.79
CA GLY D 353 33.43 -19.13 30.24
C GLY D 353 32.70 -20.29 30.91
N ARG D 354 32.31 -21.32 30.18
CA ARG D 354 31.71 -22.47 30.86
C ARG D 354 32.76 -23.15 31.75
N PRO D 355 32.33 -23.82 32.83
CA PRO D 355 30.94 -23.87 33.26
C PRO D 355 30.46 -22.56 33.90
N THR D 356 29.16 -22.31 33.82
CA THR D 356 28.63 -21.13 34.47
C THR D 356 28.19 -21.47 35.87
N ALA D 357 28.13 -20.46 36.73
CA ALA D 357 27.84 -20.67 38.13
C ALA D 357 26.39 -21.12 38.32
N LEU D 358 26.14 -21.74 39.48
CA LEU D 358 24.82 -22.16 39.94
C LEU D 358 24.63 -21.45 41.28
N THR D 359 23.84 -20.38 41.28
CA THR D 359 23.72 -19.47 42.41
C THR D 359 22.54 -19.87 43.29
N LYS D 360 22.79 -20.01 44.59
CA LYS D 360 21.71 -20.21 45.56
C LYS D 360 21.22 -18.84 46.02
N CYS D 361 19.90 -18.64 45.92
CA CYS D 361 19.27 -17.40 46.31
C CYS D 361 19.23 -17.30 47.82
N GLN D 362 19.96 -16.33 48.39
CA GLN D 362 20.01 -16.26 49.84
C GLN D 362 18.73 -15.67 50.42
N ASN D 363 18.23 -14.59 49.84
CA ASN D 363 17.21 -13.75 50.45
C ASN D 363 15.78 -14.08 50.02
N ILE D 364 15.52 -14.22 48.71
CA ILE D 364 14.14 -14.20 48.24
C ILE D 364 13.36 -15.46 48.59
N THR D 365 14.02 -16.50 49.08
CA THR D 365 13.32 -17.69 49.57
C THR D 365 13.05 -17.66 51.07
N ALA D 366 13.29 -16.52 51.74
CA ALA D 366 13.27 -16.47 53.19
C ALA D 366 11.88 -16.78 53.75
N GLY D 367 11.84 -17.58 54.81
CA GLY D 367 10.58 -17.97 55.41
C GLY D 367 9.83 -19.04 54.65
N THR D 368 10.54 -19.86 53.88
CA THR D 368 9.92 -20.92 53.10
C THR D 368 10.84 -22.13 53.09
N ARG D 369 10.31 -23.23 52.58
CA ARG D 369 11.03 -24.48 52.51
C ARG D 369 11.58 -24.78 51.13
N THR D 370 11.58 -23.79 50.24
CA THR D 370 12.10 -24.00 48.89
C THR D 370 13.50 -23.41 48.81
N THR D 371 14.36 -24.09 48.05
CA THR D 371 15.74 -23.70 47.82
C THR D 371 15.90 -23.40 46.34
N LEU D 372 16.24 -22.17 46.01
CA LEU D 372 16.19 -21.71 44.64
C LEU D 372 17.61 -21.56 44.14
N TYR D 373 17.97 -22.36 43.16
CA TYR D 373 19.23 -22.14 42.48
C TYR D 373 18.99 -21.43 41.15
N LEU D 374 19.95 -20.59 40.76
CA LEU D 374 19.92 -19.89 39.47
C LEU D 374 21.10 -20.37 38.62
N LYS D 375 20.80 -21.04 37.51
CA LYS D 375 21.87 -21.39 36.56
C LYS D 375 22.23 -20.14 35.76
N ARG D 376 23.49 -19.72 35.84
CA ARG D 376 23.91 -18.36 35.48
C ARG D 376 24.44 -18.27 34.04
N GLU D 377 23.57 -18.58 33.08
CA GLU D 377 23.89 -18.26 31.69
C GLU D 377 24.08 -16.75 31.48
N ASP D 378 23.61 -15.91 32.43
CA ASP D 378 23.86 -14.47 32.27
C ASP D 378 25.36 -14.15 32.36
N LEU D 379 26.19 -15.08 32.83
CA LEU D 379 27.61 -14.84 32.97
C LEU D 379 28.40 -15.33 31.77
N LEU D 380 27.80 -16.14 30.92
CA LEU D 380 28.40 -16.57 29.67
C LEU D 380 28.86 -15.37 28.86
N HIS D 381 29.96 -15.53 28.12
CA HIS D 381 30.41 -14.46 27.24
C HIS D 381 29.30 -14.08 26.27
N GLY D 382 29.06 -12.77 26.14
CA GLY D 382 27.96 -12.27 25.33
C GLY D 382 26.70 -12.00 26.12
N GLY D 383 26.62 -12.49 27.37
CA GLY D 383 25.54 -12.18 28.27
C GLY D 383 24.34 -13.11 28.21
N ALA D 384 24.27 -14.04 27.28
CA ALA D 384 23.10 -14.90 27.19
C ALA D 384 23.51 -16.30 26.75
N HIS D 385 22.59 -17.25 26.93
CA HIS D 385 22.89 -18.63 26.60
C HIS D 385 23.10 -18.85 25.10
N LYS D 386 22.72 -17.87 24.25
CA LYS D 386 22.80 -18.07 22.81
C LYS D 386 24.22 -18.21 22.31
N THR D 387 25.21 -17.81 23.10
CA THR D 387 26.59 -18.00 22.68
C THR D 387 26.94 -19.48 22.50
N ASN D 388 26.36 -20.40 23.28
CA ASN D 388 26.64 -21.83 23.11
C ASN D 388 26.38 -22.28 21.68
N GLN D 389 25.13 -22.13 21.21
CA GLN D 389 24.77 -22.63 19.90
C GLN D 389 25.49 -21.87 18.80
N VAL D 390 25.78 -20.60 19.05
CA VAL D 390 26.41 -19.77 18.02
C VAL D 390 27.86 -20.21 17.80
N LEU D 391 28.62 -20.45 18.87
CA LEU D 391 29.97 -20.97 18.69
C LEU D 391 29.94 -22.37 18.09
N GLY D 392 29.00 -23.21 18.55
CA GLY D 392 28.79 -24.51 17.91
C GLY D 392 28.66 -24.43 16.39
N GLN D 393 27.71 -23.61 15.90
CA GLN D 393 27.44 -23.55 14.48
C GLN D 393 28.61 -22.92 13.71
N ALA D 394 29.26 -21.90 14.28
CA ALA D 394 30.45 -21.38 13.62
C ALA D 394 31.51 -22.47 13.48
N LEU D 395 31.68 -23.30 14.51
CA LEU D 395 32.61 -24.43 14.38
C LEU D 395 32.17 -25.34 13.26
N LEU D 396 30.91 -25.77 13.31
CA LEU D 396 30.35 -26.58 12.22
C LEU D 396 30.63 -25.95 10.86
N ALA D 397 30.48 -24.63 10.74
CA ALA D 397 30.59 -23.98 9.43
C ALA D 397 32.02 -23.95 8.94
N LYS D 398 32.96 -23.59 9.81
CA LYS D 398 34.36 -23.66 9.41
C LYS D 398 34.76 -25.09 9.05
N ARG D 399 34.11 -26.08 9.66
CA ARG D 399 34.38 -27.47 9.33
C ARG D 399 33.88 -27.82 7.94
N MET D 400 32.67 -27.43 7.61
CA MET D 400 32.12 -27.52 6.27
C MET D 400 32.94 -26.66 5.18
N GLY D 401 34.07 -26.01 5.44
CA GLY D 401 34.72 -25.21 4.43
C GLY D 401 34.10 -23.84 4.21
N LYS D 402 32.86 -23.65 4.69
CA LYS D 402 32.16 -22.38 4.56
C LYS D 402 33.00 -21.25 5.12
N SER D 403 32.92 -20.09 4.48
CA SER D 403 33.68 -18.93 4.91
C SER D 403 32.78 -17.76 5.30
N GLU D 404 31.46 -17.95 5.35
CA GLU D 404 30.52 -16.87 5.59
C GLU D 404 29.38 -17.35 6.44
N ILE D 405 28.93 -16.49 7.35
CA ILE D 405 27.77 -16.72 8.22
C ILE D 405 26.66 -15.77 7.80
N ILE D 406 25.45 -16.30 7.61
CA ILE D 406 24.23 -15.50 7.46
C ILE D 406 23.43 -15.53 8.75
N ALA D 407 22.88 -14.39 9.15
CA ALA D 407 22.01 -14.33 10.32
C ALA D 407 21.11 -13.12 10.22
N GLU D 408 20.02 -13.15 10.98
CA GLU D 408 19.17 -11.97 11.13
C GLU D 408 18.85 -11.78 12.61
N THR D 409 18.49 -10.56 12.98
CA THR D 409 18.17 -10.28 14.37
C THR D 409 17.10 -9.20 14.45
N GLY D 410 16.32 -9.25 15.51
CA GLY D 410 15.29 -8.26 15.80
C GLY D 410 15.82 -7.24 16.77
N ALA D 411 15.70 -7.52 18.08
CA ALA D 411 16.24 -6.63 19.09
C ALA D 411 17.76 -6.45 18.91
N GLY D 412 18.45 -7.51 18.50
CA GLY D 412 19.85 -7.41 18.13
C GLY D 412 20.79 -8.30 18.92
N GLN D 413 20.32 -9.07 19.92
CA GLN D 413 21.24 -9.90 20.68
C GLN D 413 21.81 -11.02 19.83
N HIS D 414 20.98 -11.65 19.00
CA HIS D 414 21.46 -12.72 18.14
C HIS D 414 22.46 -12.21 17.10
N GLY D 415 22.20 -11.05 16.50
CA GLY D 415 23.19 -10.48 15.60
C GLY D 415 24.55 -10.37 16.27
N VAL D 416 24.58 -9.96 17.54
CA VAL D 416 25.85 -9.76 18.23
C VAL D 416 26.50 -11.11 18.55
N ALA D 417 25.70 -12.08 19.00
CA ALA D 417 26.20 -13.44 19.17
C ALA D 417 26.91 -13.91 17.90
N SER D 418 26.19 -13.89 16.76
CA SER D 418 26.75 -14.33 15.48
C SER D 418 28.01 -13.56 15.13
N ALA D 419 27.96 -12.24 15.26
CA ALA D 419 29.11 -11.42 14.88
C ALA D 419 30.33 -11.78 15.71
N LEU D 420 30.14 -12.09 16.99
CA LEU D 420 31.33 -12.35 17.78
C LEU D 420 31.89 -13.73 17.48
N ALA D 421 31.03 -14.73 17.27
CA ALA D 421 31.52 -16.04 16.85
C ALA D 421 32.16 -15.97 15.46
N SER D 422 31.59 -15.18 14.55
CA SER D 422 32.21 -15.04 13.23
C SER D 422 33.57 -14.39 13.36
N ALA D 423 33.69 -13.40 14.24
CA ALA D 423 34.99 -12.72 14.35
C ALA D 423 36.04 -13.70 14.85
N LEU D 424 35.66 -14.57 15.78
CA LEU D 424 36.62 -15.45 16.45
C LEU D 424 37.13 -16.52 15.51
N LEU D 425 36.25 -17.13 14.73
CA LEU D 425 36.60 -18.19 13.79
C LEU D 425 36.87 -17.66 12.40
N GLY D 426 37.09 -16.36 12.24
CA GLY D 426 37.50 -15.83 10.94
C GLY D 426 36.49 -16.02 9.84
N LEU D 427 35.22 -15.93 10.15
CA LEU D 427 34.15 -16.01 9.16
C LEU D 427 33.64 -14.61 8.87
N LYS D 428 33.34 -14.35 7.60
CA LYS D 428 32.76 -13.08 7.20
C LYS D 428 31.25 -13.18 7.42
N CYS D 429 30.72 -12.29 8.25
CA CYS D 429 29.38 -12.42 8.81
C CYS D 429 28.48 -11.28 8.34
N ARG D 430 27.30 -11.60 7.80
CA ARG D 430 26.35 -10.58 7.37
C ARG D 430 25.00 -10.80 8.06
N ILE D 431 24.49 -9.73 8.69
CA ILE D 431 23.29 -9.81 9.51
C ILE D 431 22.20 -8.94 8.91
N TYR D 432 21.04 -9.53 8.68
CA TYR D 432 19.88 -8.82 8.22
C TYR D 432 19.12 -8.29 9.42
N MET D 433 18.72 -7.01 9.36
CA MET D 433 17.90 -6.37 10.40
C MET D 433 16.84 -5.49 9.76
N GLY D 434 15.59 -5.68 10.18
CA GLY D 434 14.51 -4.79 9.83
C GLY D 434 14.89 -3.34 10.00
N ALA D 435 14.60 -2.51 8.99
CA ALA D 435 15.07 -1.12 9.00
C ALA D 435 14.58 -0.41 10.25
N LYS D 436 13.36 -0.72 10.70
CA LYS D 436 12.86 -0.20 11.97
C LYS D 436 13.86 -0.49 13.08
N ASP D 437 14.12 -1.78 13.34
CA ASP D 437 14.98 -2.16 14.44
C ASP D 437 16.40 -1.62 14.32
N VAL D 438 16.83 -1.19 13.14
CA VAL D 438 18.11 -0.51 13.04
C VAL D 438 18.05 0.89 13.66
N GLU D 439 16.92 1.60 13.52
CA GLU D 439 16.75 2.88 14.21
C GLU D 439 16.75 2.67 15.72
N ARG D 440 15.88 1.77 16.19
CA ARG D 440 15.76 1.51 17.62
C ARG D 440 17.09 1.08 18.25
N GLN D 441 17.90 0.31 17.52
CA GLN D 441 19.02 -0.39 18.16
C GLN D 441 20.38 0.07 17.65
N SER D 442 20.58 1.39 17.57
CA SER D 442 21.89 1.89 17.16
C SER D 442 23.06 1.36 17.97
N PRO D 443 22.93 1.07 19.28
CA PRO D 443 24.09 0.51 20.01
C PRO D 443 24.48 -0.88 19.52
N ASN D 444 23.51 -1.80 19.46
CA ASN D 444 23.78 -3.13 18.95
C ASN D 444 24.35 -3.09 17.54
N VAL D 445 23.76 -2.29 16.65
CA VAL D 445 24.26 -2.26 15.28
C VAL D 445 25.73 -1.90 15.26
N PHE D 446 26.16 -1.05 16.20
CA PHE D 446 27.54 -0.59 16.27
C PHE D 446 28.46 -1.67 16.85
N ARG D 447 27.96 -2.45 17.81
CA ARG D 447 28.73 -3.57 18.29
C ARG D 447 28.98 -4.55 17.16
N MET D 448 27.93 -4.91 16.40
CA MET D 448 28.09 -5.87 15.31
C MET D 448 29.15 -5.38 14.32
N ARG D 449 29.04 -4.12 13.91
CA ARG D 449 30.04 -3.56 13.01
C ARG D 449 31.41 -3.43 13.68
N LEU D 450 31.47 -3.17 14.99
CA LEU D 450 32.78 -3.14 15.63
C LEU D 450 33.52 -4.46 15.44
N MET D 451 32.77 -5.56 15.35
CA MET D 451 33.26 -6.93 15.30
C MET D 451 33.35 -7.44 13.87
N GLY D 452 33.23 -6.53 12.89
CA GLY D 452 33.46 -6.84 11.50
C GLY D 452 32.24 -7.29 10.72
N ALA D 453 31.11 -7.46 11.39
CA ALA D 453 29.93 -7.88 10.66
C ALA D 453 29.42 -6.77 9.76
N GLU D 454 28.52 -7.15 8.87
CA GLU D 454 27.89 -6.30 7.86
C GLU D 454 26.40 -6.31 8.10
N VAL D 455 25.87 -5.22 8.65
CA VAL D 455 24.43 -5.15 8.94
C VAL D 455 23.70 -4.66 7.69
N ILE D 456 22.71 -5.42 7.27
CA ILE D 456 21.98 -5.17 6.04
C ILE D 456 20.52 -4.90 6.40
N PRO D 457 20.14 -3.64 6.53
CA PRO D 457 18.74 -3.36 6.89
C PRO D 457 17.82 -3.74 5.74
N VAL D 458 16.66 -4.30 6.10
CA VAL D 458 15.62 -4.64 5.15
C VAL D 458 14.48 -3.65 5.29
N HIS D 459 13.92 -3.24 4.15
CA HIS D 459 12.74 -2.38 4.14
C HIS D 459 11.48 -3.10 3.66
N SER D 460 11.61 -4.15 2.85
CA SER D 460 10.52 -5.00 2.35
C SER D 460 9.25 -4.99 3.21
N GLY D 461 8.42 -3.94 3.07
CA GLY D 461 7.17 -3.86 3.80
C GLY D 461 7.41 -3.82 5.31
N SER D 462 6.73 -4.73 6.01
CA SER D 462 6.98 -5.08 7.40
C SER D 462 8.17 -4.38 8.06
N ALA D 463 9.37 -4.99 7.95
CA ALA D 463 10.64 -4.42 8.43
C ALA D 463 10.90 -4.72 9.91
N THR D 464 10.69 -5.96 10.33
CA THR D 464 11.06 -6.44 11.67
C THR D 464 11.68 -7.84 11.53
N LEU D 465 11.66 -8.61 12.63
CA LEU D 465 12.43 -9.85 12.67
C LEU D 465 11.95 -10.87 11.64
N LYS D 466 10.63 -11.05 11.50
CA LYS D 466 10.11 -12.03 10.54
C LYS D 466 10.19 -11.54 9.10
N ASP D 467 10.94 -10.49 8.84
CA ASP D 467 11.09 -9.95 7.49
C ASP D 467 12.53 -9.88 7.05
N ALA D 468 13.45 -9.54 7.94
CA ALA D 468 14.83 -9.95 7.74
C ALA D 468 14.89 -11.45 7.55
N CYS D 469 14.16 -12.20 8.38
CA CYS D 469 14.09 -13.65 8.25
C CYS D 469 13.90 -14.08 6.80
N ASN D 470 13.15 -13.31 6.01
CA ASN D 470 12.95 -13.65 4.60
C ASN D 470 14.19 -13.35 3.78
N GLU D 471 14.73 -12.14 3.92
CA GLU D 471 15.90 -11.77 3.14
C GLU D 471 17.06 -12.69 3.45
N ALA D 472 17.26 -13.03 4.73
CA ALA D 472 18.33 -13.94 5.12
C ALA D 472 18.09 -15.33 4.57
N LEU D 473 16.85 -15.82 4.69
CA LEU D 473 16.52 -17.10 4.11
C LEU D 473 16.69 -17.09 2.60
N ARG D 474 16.09 -16.10 1.92
CA ARG D 474 16.26 -16.02 0.47
C ARG D 474 17.74 -16.02 0.10
N ASP D 475 18.52 -15.18 0.80
CA ASP D 475 19.97 -15.16 0.59
C ASP D 475 20.56 -16.56 0.67
N TRP D 476 20.14 -17.33 1.68
CA TRP D 476 20.73 -18.66 1.91
C TRP D 476 20.47 -19.59 0.73
N SER D 477 19.23 -19.61 0.23
CA SER D 477 18.88 -20.27 -1.03
C SER D 477 20.01 -20.22 -2.05
N GLY D 478 20.55 -19.02 -2.29
CA GLY D 478 21.55 -18.80 -3.33
C GLY D 478 22.99 -18.89 -2.94
N SER D 479 23.31 -19.24 -1.68
CA SER D 479 24.69 -19.21 -1.26
C SER D 479 25.02 -20.28 -0.24
N TYR D 480 24.15 -21.28 -0.08
CA TYR D 480 24.42 -22.32 0.90
C TYR D 480 25.74 -23.06 0.64
N GLU D 481 26.26 -23.03 -0.59
CA GLU D 481 27.57 -23.62 -0.83
C GLU D 481 28.65 -22.89 -0.06
N THR D 482 28.44 -21.61 0.18
CA THR D 482 29.47 -20.71 0.65
C THR D 482 29.20 -20.16 2.06
N ALA D 483 27.95 -20.20 2.51
CA ALA D 483 27.55 -19.56 3.75
C ALA D 483 26.67 -20.49 4.58
N HIS D 484 26.85 -20.42 5.89
CA HIS D 484 25.97 -21.09 6.84
C HIS D 484 24.95 -20.11 7.40
N TYR D 485 23.70 -20.55 7.50
CA TYR D 485 22.62 -19.73 8.07
C TYR D 485 22.54 -20.02 9.56
N MET D 486 22.73 -19.00 10.38
CA MET D 486 22.77 -19.18 11.83
C MET D 486 21.37 -18.93 12.38
N LEU D 487 20.56 -19.98 12.43
CA LEU D 487 19.27 -19.89 13.08
C LEU D 487 19.45 -19.79 14.60
N GLY D 488 18.54 -19.09 15.25
CA GLY D 488 18.77 -18.69 16.63
C GLY D 488 17.87 -19.30 17.69
N THR D 489 17.24 -20.41 17.37
CA THR D 489 16.35 -21.07 18.32
C THR D 489 16.29 -22.56 18.01
N ALA D 490 15.66 -23.31 18.90
CA ALA D 490 15.42 -24.75 18.69
C ALA D 490 14.13 -25.02 17.90
N ALA D 491 13.94 -24.27 16.81
CA ALA D 491 12.72 -24.32 16.03
C ALA D 491 13.08 -24.33 14.56
N GLY D 492 12.09 -24.51 13.70
CA GLY D 492 12.36 -24.54 12.29
C GLY D 492 12.64 -25.92 11.77
N PRO D 493 13.15 -26.00 10.54
CA PRO D 493 13.22 -27.28 9.85
C PRO D 493 14.37 -28.11 10.40
N HIS D 494 14.16 -29.42 10.39
CA HIS D 494 15.26 -30.35 10.64
C HIS D 494 16.43 -30.01 9.72
N PRO D 495 17.67 -30.05 10.22
CA PRO D 495 18.17 -30.51 11.51
C PRO D 495 18.35 -29.42 12.60
N TYR D 496 17.77 -28.22 12.41
CA TYR D 496 18.08 -27.11 13.32
C TYR D 496 17.62 -27.37 14.75
N PRO D 497 16.39 -27.84 14.99
CA PRO D 497 16.04 -28.21 16.38
C PRO D 497 17.05 -29.19 17.00
N THR D 498 17.51 -30.18 16.25
CA THR D 498 18.39 -31.19 16.83
C THR D 498 19.79 -30.63 17.08
N ILE D 499 20.37 -29.96 16.08
CA ILE D 499 21.66 -29.29 16.29
C ILE D 499 21.61 -28.34 17.50
N VAL D 500 20.52 -27.55 17.62
CA VAL D 500 20.48 -26.52 18.65
C VAL D 500 20.41 -27.16 20.04
N ARG D 501 19.56 -28.17 20.21
CA ARG D 501 19.60 -28.89 21.49
C ARG D 501 21.00 -29.40 21.81
N GLU D 502 21.67 -30.01 20.83
CA GLU D 502 22.98 -30.60 21.09
C GLU D 502 24.01 -29.55 21.46
N PHE D 503 23.91 -28.35 20.91
CA PHE D 503 24.85 -27.30 21.26
C PHE D 503 24.42 -26.51 22.47
N GLN D 504 23.29 -26.86 23.09
CA GLN D 504 22.82 -26.22 24.30
C GLN D 504 22.73 -27.18 25.48
N ARG D 505 22.78 -28.49 25.24
CA ARG D 505 22.52 -29.48 26.28
C ARG D 505 23.54 -29.45 27.40
N MET D 506 24.67 -28.77 27.23
CA MET D 506 25.59 -28.69 28.36
C MET D 506 25.08 -27.80 29.50
N ILE D 507 24.00 -27.04 29.29
CA ILE D 507 23.42 -26.29 30.41
C ILE D 507 22.84 -27.25 31.43
N GLY D 508 22.06 -28.22 30.98
CA GLY D 508 21.54 -29.24 31.87
C GLY D 508 22.63 -30.12 32.48
N GLU D 509 23.65 -30.47 31.71
CA GLU D 509 24.69 -31.35 32.22
C GLU D 509 25.45 -30.70 33.35
N GLU D 510 25.89 -29.45 33.14
CA GLU D 510 26.50 -28.73 34.24
C GLU D 510 25.58 -28.65 35.44
N THR D 511 24.30 -28.36 35.19
CA THR D 511 23.35 -28.18 36.29
C THR D 511 23.17 -29.46 37.07
N LYS D 512 23.01 -30.59 36.37
CA LYS D 512 22.93 -31.86 37.07
C LYS D 512 24.16 -32.07 37.97
N ALA D 513 25.36 -31.93 37.38
CA ALA D 513 26.59 -32.08 38.16
C ALA D 513 26.65 -31.08 39.31
N GLN D 514 26.32 -29.81 39.04
CA GLN D 514 26.49 -28.80 40.08
C GLN D 514 25.50 -29.01 41.22
N ILE D 515 24.27 -29.41 40.91
CA ILE D 515 23.32 -29.60 42.00
C ILE D 515 23.67 -30.85 42.80
N LEU D 516 24.19 -31.90 42.13
CA LEU D 516 24.58 -33.10 42.86
C LEU D 516 25.69 -32.78 43.85
N ASP D 517 26.62 -31.90 43.48
CA ASP D 517 27.70 -31.52 44.40
C ASP D 517 27.15 -30.75 45.60
N LYS D 518 26.31 -29.75 45.36
CA LYS D 518 25.89 -28.86 46.44
C LYS D 518 24.80 -29.47 47.32
N GLU D 519 24.01 -30.39 46.81
CA GLU D 519 22.80 -30.80 47.50
C GLU D 519 22.62 -32.31 47.56
N GLY D 520 23.50 -33.07 46.93
CA GLY D 520 23.47 -34.51 47.05
C GLY D 520 22.25 -35.19 46.49
N ARG D 521 21.43 -34.46 45.73
N ARG D 521 21.42 -34.45 45.75
CA ARG D 521 20.29 -35.07 45.06
CA ARG D 521 20.26 -35.03 45.11
C ARG D 521 19.97 -34.28 43.80
C ARG D 521 19.96 -34.27 43.82
N LEU D 522 19.06 -34.83 43.02
CA LEU D 522 18.61 -34.14 41.81
C LEU D 522 17.55 -33.13 42.20
N PRO D 523 17.36 -32.09 41.38
CA PRO D 523 16.36 -31.08 41.72
C PRO D 523 14.97 -31.66 41.58
N ASP D 524 14.03 -31.09 42.34
CA ASP D 524 12.62 -31.45 42.17
C ASP D 524 12.09 -31.01 40.79
N ALA D 525 12.53 -29.84 40.31
CA ALA D 525 12.09 -29.31 39.01
C ALA D 525 13.11 -28.31 38.51
N VAL D 526 13.31 -28.31 37.19
CA VAL D 526 14.02 -27.25 36.48
C VAL D 526 13.01 -26.40 35.70
N ILE D 527 13.24 -25.09 35.67
CA ILE D 527 12.29 -24.11 35.14
C ILE D 527 13.00 -23.19 34.16
N ALA D 528 12.39 -22.99 33.01
CA ALA D 528 13.00 -22.19 31.97
C ALA D 528 11.90 -21.61 31.11
N CYS D 529 12.19 -20.43 30.56
CA CYS D 529 11.26 -19.70 29.71
C CYS D 529 11.29 -20.34 28.33
N VAL D 530 10.15 -20.26 27.62
CA VAL D 530 9.99 -20.94 26.34
C VAL D 530 9.45 -19.99 25.26
N GLY D 531 10.35 -19.26 24.61
CA GLY D 531 10.02 -18.47 23.44
C GLY D 531 10.19 -19.30 22.18
N GLY D 532 11.42 -19.41 21.70
CA GLY D 532 11.71 -20.38 20.66
C GLY D 532 12.01 -21.78 21.19
N GLY D 533 12.35 -21.87 22.47
CA GLY D 533 12.61 -23.15 23.10
C GLY D 533 14.06 -23.56 23.27
N SER D 534 15.03 -22.70 22.90
CA SER D 534 16.43 -23.10 22.89
C SER D 534 17.03 -23.21 24.29
N ASN D 535 16.83 -22.22 25.16
CA ASN D 535 17.40 -22.33 26.50
C ASN D 535 16.72 -23.44 27.29
N ALA D 536 15.41 -23.63 27.10
CA ALA D 536 14.68 -24.66 27.83
C ALA D 536 15.12 -26.07 27.42
N ILE D 537 15.28 -26.34 26.12
CA ILE D 537 15.73 -27.68 25.72
C ILE D 537 17.18 -27.92 26.16
N GLY D 538 17.99 -26.85 26.22
CA GLY D 538 19.34 -26.99 26.72
C GLY D 538 19.40 -27.35 28.19
N MET D 539 18.44 -26.89 28.99
CA MET D 539 18.36 -27.24 30.39
C MET D 539 17.65 -28.59 30.58
N PHE D 540 16.65 -28.90 29.75
CA PHE D 540 15.86 -30.10 29.96
C PHE D 540 16.61 -31.36 29.54
N ALA D 541 17.45 -31.28 28.50
CA ALA D 541 17.93 -32.47 27.81
C ALA D 541 18.43 -33.55 28.77
N ASP D 542 19.47 -33.26 29.55
CA ASP D 542 20.02 -34.28 30.43
C ASP D 542 19.07 -34.77 31.51
N PHE D 543 17.93 -34.11 31.73
CA PHE D 543 17.00 -34.54 32.76
C PHE D 543 15.85 -35.34 32.20
N ILE D 544 15.85 -35.60 30.90
CA ILE D 544 14.66 -36.16 30.28
C ILE D 544 14.40 -37.59 30.76
N ASN D 545 15.47 -38.39 30.94
CA ASN D 545 15.35 -39.75 31.47
C ASN D 545 15.45 -39.85 32.99
N ASP D 546 15.48 -38.72 33.70
CA ASP D 546 15.40 -38.70 35.17
C ASP D 546 13.95 -38.36 35.55
N THR D 547 13.09 -39.38 35.49
CA THR D 547 11.65 -39.17 35.63
C THR D 547 11.27 -38.35 36.86
N SER D 548 12.06 -38.43 37.94
CA SER D 548 11.74 -37.70 39.17
C SER D 548 11.91 -36.20 39.04
N VAL D 549 12.54 -35.70 37.98
CA VAL D 549 12.84 -34.28 37.84
C VAL D 549 11.74 -33.65 37.00
N GLY D 550 10.91 -32.82 37.62
CA GLY D 550 9.92 -32.05 36.88
C GLY D 550 10.52 -31.08 35.89
N LEU D 551 10.04 -31.09 34.64
CA LEU D 551 10.51 -30.18 33.60
C LEU D 551 9.41 -29.14 33.32
N ILE D 552 9.63 -27.90 33.76
CA ILE D 552 8.61 -26.87 33.64
C ILE D 552 9.10 -25.79 32.69
N GLY D 553 8.36 -25.57 31.61
CA GLY D 553 8.61 -24.48 30.68
C GLY D 553 7.55 -23.39 30.80
N VAL D 554 8.00 -22.13 30.76
CA VAL D 554 7.14 -20.98 30.98
C VAL D 554 7.02 -20.20 29.67
N GLU D 555 5.81 -20.20 29.09
CA GLU D 555 5.51 -19.35 27.94
C GLU D 555 5.06 -17.97 28.39
N PRO D 556 5.36 -16.92 27.62
CA PRO D 556 4.96 -15.57 28.03
C PRO D 556 3.44 -15.45 27.97
N GLY D 557 2.86 -14.94 29.06
CA GLY D 557 1.43 -14.77 29.13
C GLY D 557 0.90 -13.44 28.62
N GLY D 558 1.78 -12.55 28.19
CA GLY D 558 1.37 -11.27 27.61
C GLY D 558 0.54 -10.45 28.59
N HIS D 559 -0.60 -9.95 28.13
CA HIS D 559 -1.54 -9.25 29.00
C HIS D 559 -2.53 -10.20 29.68
N GLY D 560 -2.37 -11.51 29.51
CA GLY D 560 -3.31 -12.49 30.03
C GLY D 560 -3.65 -13.40 28.86
N ILE D 561 -3.95 -14.66 29.17
CA ILE D 561 -4.34 -15.59 28.11
C ILE D 561 -5.70 -15.18 27.53
N GLU D 562 -6.70 -14.98 28.39
CA GLU D 562 -8.04 -14.65 27.94
C GLU D 562 -8.08 -13.42 27.04
N THR D 563 -7.16 -12.46 27.22
CA THR D 563 -7.05 -11.33 26.31
C THR D 563 -6.55 -11.73 24.93
N GLY D 564 -5.99 -12.94 24.79
CA GLY D 564 -5.49 -13.43 23.51
C GLY D 564 -4.23 -12.78 23.00
N GLU D 565 -3.69 -11.77 23.69
CA GLU D 565 -2.35 -11.26 23.38
C GLU D 565 -1.36 -11.85 24.40
N HIS D 566 -0.96 -13.08 24.12
CA HIS D 566 0.08 -13.80 24.80
C HIS D 566 1.05 -14.32 23.75
N GLY D 567 1.90 -15.25 24.16
CA GLY D 567 2.83 -15.92 23.28
C GLY D 567 2.98 -17.36 23.71
N ALA D 568 1.84 -17.98 24.02
CA ALA D 568 1.74 -19.31 24.62
C ALA D 568 1.15 -20.32 23.65
N PRO D 569 1.75 -20.50 22.47
CA PRO D 569 1.19 -21.47 21.51
C PRO D 569 1.07 -22.87 22.04
N LEU D 570 2.02 -23.34 22.86
CA LEU D 570 2.04 -24.74 23.28
C LEU D 570 0.73 -25.15 23.92
N LYS D 571 0.27 -24.33 24.85
CA LYS D 571 -0.91 -24.62 25.64
C LYS D 571 -2.18 -24.05 25.02
N HIS D 572 -2.07 -22.99 24.20
CA HIS D 572 -3.23 -22.20 23.77
C HIS D 572 -3.24 -21.96 22.27
N GLY D 573 -2.47 -22.73 21.51
CA GLY D 573 -2.47 -22.67 20.07
C GLY D 573 -2.92 -23.98 19.45
N ARG D 574 -2.48 -24.22 18.23
CA ARG D 574 -3.00 -25.30 17.42
C ARG D 574 -1.87 -25.75 16.52
N VAL D 575 -1.82 -27.03 16.19
CA VAL D 575 -0.76 -27.45 15.30
C VAL D 575 -1.05 -26.92 13.90
N GLY D 576 -0.02 -26.37 13.26
CA GLY D 576 -0.03 -25.93 11.89
C GLY D 576 1.38 -26.13 11.34
N ILE D 577 1.57 -25.78 10.08
CA ILE D 577 2.87 -25.91 9.44
C ILE D 577 3.38 -24.51 9.17
N TYR D 578 4.57 -24.21 9.68
CA TYR D 578 5.12 -22.88 9.53
C TYR D 578 6.58 -22.89 9.96
N PHE D 579 7.29 -21.85 9.55
CA PHE D 579 8.72 -21.67 9.78
C PHE D 579 9.46 -22.99 9.57
N GLY D 580 9.04 -23.75 8.56
CA GLY D 580 9.75 -24.94 8.17
C GLY D 580 9.37 -26.20 8.90
N MET D 581 8.36 -26.16 9.78
CA MET D 581 8.16 -27.23 10.74
C MET D 581 6.67 -27.39 11.01
N LYS D 582 6.30 -28.59 11.48
CA LYS D 582 4.98 -28.81 12.06
C LYS D 582 5.11 -28.65 13.56
N ALA D 583 4.40 -27.68 14.12
CA ALA D 583 4.50 -27.32 15.53
C ALA D 583 3.19 -26.67 15.95
N PRO D 584 2.89 -26.64 17.25
CA PRO D 584 1.78 -25.82 17.73
C PRO D 584 2.05 -24.34 17.47
N MET D 585 1.07 -23.65 16.92
CA MET D 585 1.25 -22.21 16.75
C MET D 585 -0.06 -21.49 17.05
N MET D 586 0.08 -20.18 17.24
CA MET D 586 -1.04 -19.27 17.38
C MET D 586 -1.56 -18.94 15.98
N GLN D 587 -2.80 -19.34 15.68
CA GLN D 587 -3.32 -19.09 14.35
C GLN D 587 -4.82 -18.83 14.42
N THR D 588 -5.33 -18.13 13.40
CA THR D 588 -6.75 -17.86 13.28
C THR D 588 -7.49 -19.09 12.77
N ALA D 589 -8.83 -19.01 12.75
CA ALA D 589 -9.64 -20.18 12.41
C ALA D 589 -9.39 -20.66 10.99
N ASP D 590 -9.06 -19.75 10.07
CA ASP D 590 -8.74 -20.10 8.70
C ASP D 590 -7.23 -20.28 8.47
N GLY D 591 -6.46 -20.35 9.55
CA GLY D 591 -5.06 -20.74 9.44
C GLY D 591 -4.11 -19.65 9.04
N GLN D 592 -4.42 -18.40 9.30
CA GLN D 592 -3.38 -17.39 9.19
C GLN D 592 -2.56 -17.42 10.48
N ILE D 593 -1.27 -17.10 10.35
CA ILE D 593 -0.43 -17.08 11.55
C ILE D 593 -0.74 -15.81 12.33
N GLU D 594 -1.26 -15.99 13.55
CA GLU D 594 -1.54 -14.88 14.46
C GLU D 594 -0.26 -14.22 14.95
N GLU D 595 -0.39 -12.99 15.43
CA GLU D 595 0.72 -12.33 16.09
C GLU D 595 0.74 -12.70 17.57
N SER D 596 1.93 -12.90 18.10
CA SER D 596 2.08 -13.08 19.53
C SER D 596 2.47 -11.76 20.17
N TYR D 597 2.26 -11.67 21.48
CA TYR D 597 2.65 -10.49 22.23
C TYR D 597 3.35 -10.91 23.53
N SER D 598 4.45 -10.21 23.84
CA SER D 598 5.10 -10.30 25.14
C SER D 598 5.87 -9.01 25.35
N ILE D 599 5.95 -8.57 26.60
CA ILE D 599 6.85 -7.48 26.94
C ILE D 599 8.30 -7.85 26.67
N SER D 600 8.63 -9.14 26.73
CA SER D 600 9.96 -9.61 26.42
C SER D 600 10.03 -9.95 24.93
N ALA D 601 10.95 -9.29 24.20
CA ALA D 601 11.15 -9.60 22.78
C ALA D 601 11.54 -11.05 22.57
N GLY D 602 12.45 -11.57 23.40
CA GLY D 602 12.89 -12.95 23.24
C GLY D 602 11.75 -13.95 23.23
N LEU D 603 10.68 -13.70 23.97
CA LEU D 603 9.63 -14.69 24.09
C LEU D 603 8.55 -14.50 23.04
N ASP D 604 8.73 -13.51 22.15
CA ASP D 604 7.68 -13.07 21.24
C ASP D 604 7.77 -13.79 19.90
N PHE D 605 7.40 -15.06 19.93
CA PHE D 605 7.49 -15.99 18.81
C PHE D 605 6.16 -16.72 18.79
N PRO D 606 5.44 -16.73 17.68
CA PRO D 606 4.09 -17.32 17.70
C PRO D 606 4.07 -18.83 17.69
N SER D 607 5.23 -19.49 17.61
CA SER D 607 5.25 -20.95 17.81
C SER D 607 6.30 -21.32 18.83
N VAL D 608 6.86 -22.53 18.68
CA VAL D 608 7.77 -23.12 19.65
C VAL D 608 8.45 -24.35 19.05
N GLY D 609 9.70 -24.60 19.44
CA GLY D 609 10.44 -25.78 19.02
C GLY D 609 9.65 -27.07 19.14
N PRO D 610 9.74 -27.90 18.11
CA PRO D 610 8.92 -29.13 18.09
C PRO D 610 9.20 -30.12 19.23
N GLN D 611 10.45 -30.21 19.72
CA GLN D 611 10.68 -31.17 20.80
C GLN D 611 9.92 -30.78 22.07
N HIS D 612 9.66 -29.49 22.28
CA HIS D 612 8.80 -29.08 23.39
C HIS D 612 7.36 -29.53 23.17
N ALA D 613 6.86 -29.40 21.95
CA ALA D 613 5.51 -29.90 21.68
C ALA D 613 5.43 -31.39 21.96
N TYR D 614 6.48 -32.13 21.59
CA TYR D 614 6.52 -33.57 21.84
C TYR D 614 6.56 -33.87 23.34
N LEU D 615 7.40 -33.16 24.09
CA LEU D 615 7.48 -33.41 25.53
C LEU D 615 6.13 -33.16 26.19
N ASN D 616 5.39 -32.15 25.73
CA ASN D 616 4.10 -31.85 26.32
C ASN D 616 3.04 -32.89 25.95
N SER D 617 3.12 -33.43 24.73
CA SER D 617 2.14 -34.44 24.31
C SER D 617 2.28 -35.73 25.10
N ILE D 618 3.51 -36.13 25.44
CA ILE D 618 3.70 -37.41 26.13
C ILE D 618 3.75 -37.26 27.65
N GLY D 619 3.54 -36.05 28.20
CA GLY D 619 3.43 -35.86 29.63
C GLY D 619 4.72 -35.53 30.37
N ARG D 620 5.88 -35.66 29.73
CA ARG D 620 7.15 -35.41 30.41
C ARG D 620 7.25 -33.97 30.92
N ALA D 621 7.08 -33.00 30.03
CA ALA D 621 7.19 -31.60 30.41
C ALA D 621 5.83 -31.00 30.74
N ASP D 622 5.84 -30.05 31.68
CA ASP D 622 4.68 -29.24 32.00
C ASP D 622 4.94 -27.81 31.53
N TYR D 623 4.01 -27.26 30.76
CA TYR D 623 4.16 -25.91 30.27
C TYR D 623 3.12 -25.02 30.92
N VAL D 624 3.59 -23.90 31.48
CA VAL D 624 2.73 -22.90 32.10
C VAL D 624 2.95 -21.55 31.44
N SER D 625 2.31 -20.50 31.97
CA SER D 625 2.46 -19.16 31.43
C SER D 625 2.54 -18.18 32.57
N ILE D 626 3.23 -17.07 32.31
CA ILE D 626 3.43 -15.99 33.26
C ILE D 626 3.22 -14.69 32.50
N THR D 627 2.45 -13.76 33.10
CA THR D 627 2.10 -12.50 32.41
C THR D 627 3.27 -11.51 32.46
N ASP D 628 3.16 -10.46 31.62
CA ASP D 628 4.05 -9.32 31.71
C ASP D 628 4.21 -8.87 33.15
N ASP D 629 3.09 -8.61 33.82
CA ASP D 629 3.17 -8.06 35.17
C ASP D 629 3.94 -8.99 36.11
N GLU D 630 3.54 -10.27 36.14
CA GLU D 630 4.26 -11.26 36.92
C GLU D 630 5.77 -11.21 36.64
N ALA D 631 6.15 -11.17 35.35
CA ALA D 631 7.57 -11.15 35.02
C ALA D 631 8.23 -9.85 35.47
N LEU D 632 7.51 -8.73 35.33
CA LEU D 632 8.01 -7.45 35.81
C LEU D 632 8.38 -7.50 37.29
N GLU D 633 7.52 -8.10 38.12
CA GLU D 633 7.85 -8.11 39.55
C GLU D 633 9.02 -9.06 39.85
N ALA D 634 9.07 -10.23 39.21
CA ALA D 634 10.24 -11.09 39.38
C ALA D 634 11.52 -10.32 39.06
N PHE D 635 11.55 -9.63 37.91
CA PHE D 635 12.74 -8.86 37.52
C PHE D 635 13.17 -7.90 38.63
N LYS D 636 12.23 -7.13 39.19
CA LYS D 636 12.58 -6.18 40.25
C LYS D 636 13.05 -6.88 41.52
N THR D 637 12.35 -7.94 41.94
CA THR D 637 12.77 -8.74 43.09
C THR D 637 14.24 -9.17 42.99
N LEU D 638 14.64 -9.68 41.83
CA LEU D 638 15.99 -10.21 41.72
C LEU D 638 17.04 -9.10 41.80
N CYS D 639 16.72 -7.92 41.26
CA CYS D 639 17.63 -6.77 41.32
C CYS D 639 17.79 -6.30 42.75
N ARG D 640 16.70 -6.27 43.47
CA ARG D 640 16.63 -5.68 44.80
C ARG D 640 17.13 -6.67 45.88
N HIS D 641 16.81 -7.95 45.75
CA HIS D 641 17.12 -8.87 46.82
C HIS D 641 18.18 -9.89 46.45
N GLU D 642 18.75 -9.84 45.26
CA GLU D 642 19.87 -10.71 44.93
C GLU D 642 20.99 -10.02 44.18
N GLY D 643 20.84 -8.77 43.76
CA GLY D 643 21.92 -8.12 43.03
C GLY D 643 22.16 -8.66 41.65
N ILE D 644 21.16 -9.29 41.04
CA ILE D 644 21.27 -9.82 39.70
C ILE D 644 20.18 -9.18 38.86
N ILE D 645 20.57 -8.54 37.76
CA ILE D 645 19.57 -7.99 36.84
C ILE D 645 19.25 -9.02 35.76
N PRO D 646 18.13 -9.73 35.84
CA PRO D 646 17.85 -10.76 34.84
C PRO D 646 17.31 -10.14 33.56
N ALA D 647 17.45 -10.89 32.47
CA ALA D 647 16.73 -10.54 31.25
C ALA D 647 15.24 -10.76 31.44
N LEU D 648 14.42 -10.06 30.65
CA LEU D 648 12.97 -10.16 30.84
C LEU D 648 12.42 -11.53 30.41
N GLU D 649 13.09 -12.21 29.47
CA GLU D 649 12.84 -13.63 29.19
C GLU D 649 12.90 -14.51 30.46
N SER D 650 14.07 -14.57 31.10
CA SER D 650 14.29 -15.48 32.22
C SER D 650 13.45 -15.07 33.42
N SER D 651 13.10 -13.79 33.47
CA SER D 651 12.21 -13.27 34.50
C SER D 651 10.89 -14.03 34.51
N HIS D 652 10.41 -14.47 33.34
CA HIS D 652 9.20 -15.29 33.32
C HIS D 652 9.41 -16.59 34.08
N ALA D 653 10.59 -17.21 33.90
CA ALA D 653 10.91 -18.43 34.63
C ALA D 653 11.03 -18.14 36.12
N LEU D 654 11.77 -17.09 36.49
CA LEU D 654 11.88 -16.71 37.88
C LEU D 654 10.48 -16.55 38.50
N ALA D 655 9.59 -15.88 37.78
CA ALA D 655 8.30 -15.56 38.38
C ALA D 655 7.53 -16.82 38.70
N HIS D 656 7.68 -17.85 37.87
CA HIS D 656 6.91 -19.05 38.15
C HIS D 656 7.49 -19.82 39.33
N ALA D 657 8.82 -19.78 39.51
CA ALA D 657 9.41 -20.43 40.68
C ALA D 657 8.92 -19.76 41.96
N LEU D 658 8.95 -18.42 42.01
CA LEU D 658 8.44 -17.73 43.20
C LEU D 658 6.97 -18.02 43.44
N LYS D 659 6.19 -18.20 42.38
CA LYS D 659 4.80 -18.61 42.57
C LYS D 659 4.71 -19.98 43.23
N MET D 660 5.44 -20.97 42.69
CA MET D 660 5.47 -22.30 43.31
C MET D 660 5.87 -22.22 44.77
N MET D 661 6.77 -21.30 45.09
CA MET D 661 7.20 -21.14 46.47
C MET D 661 6.12 -20.45 47.30
N ARG D 662 5.56 -19.35 46.78
CA ARG D 662 4.61 -18.57 47.56
C ARG D 662 3.27 -19.23 47.70
N GLU D 663 2.98 -20.28 46.93
CA GLU D 663 1.72 -20.97 47.12
C GLU D 663 1.82 -22.11 48.11
N GLN D 664 2.99 -22.74 48.24
CA GLN D 664 3.23 -23.79 49.22
C GLN D 664 4.52 -23.48 49.98
N PRO D 665 4.49 -22.50 50.89
CA PRO D 665 5.73 -22.06 51.54
C PRO D 665 6.29 -23.06 52.54
N GLU D 666 5.56 -24.13 52.86
CA GLU D 666 6.06 -25.15 53.76
C GLU D 666 6.41 -26.44 53.05
N LYS D 667 6.18 -26.53 51.74
CA LYS D 667 6.65 -27.65 50.95
C LYS D 667 8.16 -27.51 50.72
N GLU D 668 8.87 -28.60 50.96
CA GLU D 668 10.29 -28.67 50.62
C GLU D 668 10.42 -28.81 49.10
N GLN D 669 11.00 -27.80 48.46
CA GLN D 669 11.14 -27.73 47.01
C GLN D 669 12.56 -27.31 46.72
N LEU D 670 13.27 -28.09 45.92
CA LEU D 670 14.59 -27.72 45.42
C LEU D 670 14.41 -27.41 43.94
N LEU D 671 14.46 -26.14 43.60
CA LEU D 671 14.13 -25.68 42.26
C LEU D 671 15.37 -25.11 41.58
N VAL D 672 15.48 -25.30 40.27
CA VAL D 672 16.47 -24.59 39.48
C VAL D 672 15.77 -23.76 38.42
N VAL D 673 16.07 -22.47 38.39
CA VAL D 673 15.62 -21.56 37.34
C VAL D 673 16.79 -21.24 36.43
N ASN D 674 16.61 -21.47 35.13
CA ASN D 674 17.65 -21.12 34.17
C ASN D 674 17.59 -19.62 33.92
N LEU D 675 18.60 -18.88 34.38
CA LEU D 675 18.73 -17.46 34.04
C LEU D 675 19.34 -17.37 32.64
N SER D 676 18.48 -17.47 31.62
CA SER D 676 18.91 -17.49 30.23
C SER D 676 19.80 -16.31 29.82
N GLY D 677 19.74 -15.17 30.51
CA GLY D 677 20.56 -14.07 30.05
C GLY D 677 20.50 -12.85 30.94
N ARG D 678 21.42 -11.92 30.67
CA ARG D 678 21.56 -10.67 31.37
C ARG D 678 20.40 -9.73 31.04
N GLY D 679 20.03 -8.89 32.02
CA GLY D 679 18.93 -7.96 31.85
C GLY D 679 19.28 -6.51 31.54
N ASP D 680 20.56 -6.20 31.30
CA ASP D 680 20.97 -4.84 30.98
C ASP D 680 20.27 -4.30 29.74
N LYS D 681 20.04 -5.17 28.74
CA LYS D 681 19.35 -4.76 27.53
C LYS D 681 17.92 -4.29 27.77
N ASP D 682 17.32 -4.64 28.90
CA ASP D 682 15.91 -4.41 29.17
C ASP D 682 15.68 -3.24 30.12
N ILE D 683 16.75 -2.53 30.52
CA ILE D 683 16.64 -1.42 31.45
C ILE D 683 15.64 -0.38 30.94
N PHE D 684 15.70 -0.05 29.66
CA PHE D 684 14.81 0.95 29.10
C PHE D 684 13.38 0.45 29.03
N THR D 685 13.19 -0.78 28.56
CA THR D 685 11.85 -1.35 28.58
C THR D 685 11.23 -1.26 29.97
N VAL D 686 12.02 -1.52 31.01
CA VAL D 686 11.49 -1.57 32.36
C VAL D 686 11.27 -0.16 32.90
N HIS D 687 12.17 0.76 32.61
CA HIS D 687 12.04 2.12 33.09
C HIS D 687 10.77 2.78 32.55
N ASP D 688 10.43 2.54 31.27
CA ASP D 688 9.25 3.15 30.66
C ASP D 688 7.96 2.67 31.29
N ILE D 689 7.87 1.36 31.56
CA ILE D 689 6.69 0.85 32.27
C ILE D 689 6.56 1.47 33.65
N LEU D 690 7.65 1.48 34.40
CA LEU D 690 7.58 2.04 35.74
C LEU D 690 7.33 3.55 35.72
N LYS D 691 7.79 4.25 34.68
CA LYS D 691 7.48 5.69 34.59
C LYS D 691 6.00 5.89 34.31
N ALA D 692 5.48 5.18 33.29
CA ALA D 692 4.05 5.26 32.98
C ALA D 692 3.18 4.95 34.20
N ARG D 693 3.64 4.04 35.07
CA ARG D 693 2.85 3.64 36.25
C ARG D 693 3.12 4.51 37.47
N GLY D 694 4.25 5.21 37.53
CA GLY D 694 4.58 6.02 38.68
C GLY D 694 5.20 5.25 39.83
NA NA E . -13.01 15.79 -21.55
C1 144 F . -7.53 22.63 -25.04
N 144 F . -7.63 21.36 -24.28
C2 144 F . -9.33 21.01 -24.55
O2 144 F . -9.77 21.98 -25.41
C3 144 F . -6.90 20.14 -24.91
O3 144 F . -5.87 20.48 -25.82
C4 144 F . -7.46 21.53 -22.75
O4 144 F . -8.23 22.59 -22.25
NA NA G . 6.73 -19.03 21.96
C1 144 H . 13.20 -17.48 24.27
N 144 H . 14.56 -18.01 23.88
C2 144 H . 14.77 -18.04 22.04
O2 144 H . 14.90 -19.32 21.53
C3 144 H . 15.74 -17.18 24.36
O3 144 H . 15.60 -16.44 25.57
C4 144 H . 14.71 -19.51 24.14
O4 144 H . 13.49 -20.07 24.52
H11 144 H . 12.49 -17.89 23.75
H12 144 H . 13.13 -16.52 24.13
H13 144 H . 12.99 -17.64 25.19
H21 144 H . 15.55 -17.48 21.93
H22 144 H . 13.98 -17.55 21.75
HO2 144 H . 14.67 -19.31 20.71
H31 144 H . 15.96 -16.59 23.62
H32 144 H . 16.48 -17.81 24.44
HO3 144 H . 15.91 -15.65 25.46
H41 144 H . 15.04 -19.95 23.33
H42 144 H . 15.38 -19.67 24.82
HO4 144 H . 13.32 -20.74 24.04
#